data_9HPA
#
_entry.id   9HPA
#
_cell.length_a   78.204
_cell.length_b   148.041
_cell.length_c   185.708
_cell.angle_alpha   90.000
_cell.angle_beta   90.000
_cell.angle_gamma   90.000
#
_symmetry.space_group_name_H-M   'P 21 21 21'
#
loop_
_entity.id
_entity.type
_entity.pdbx_description
1 polymer 'Virion membrane protein OPG143'
2 polymer 'Entry-fusion complex protein OPG094'
3 polymer 'VHH E12'
4 polymer 'VHH D07'
5 non-polymer 'PHOSPHATE ION'
6 non-polymer 'SULFATE ION'
7 non-polymer DI(HYDROXYETHYL)ETHER
8 water water
#
loop_
_entity_poly.entity_id
_entity_poly.type
_entity_poly.pdbx_seq_one_letter_code
_entity_poly.pdbx_strand_id
1 'polypeptide(L)'
;MKLCILLAVVAFVGLSLGRSAAAVTLNRIKIAPGIADIRDKYMELGFNYPEYNRAVKFAEESYTYYYETSPGEIKPKFCL
IDGMSIDHCSSFIVPEFAKQYVLIHGEPCSSFKFRPGSLIYYQNEVTPEYIKDLKHATDYIASGQRCHFIKKDYLLGDSD
SVAKCCSKTNTKHCPKIFNNNYKTEHCDDFMTGFCRNDPGNPNCLEWLRAKRKPAMSTYSDICSKHMDARYCSEFIRIIR
PDYFTFGDTALYVFCNDHKGNRNCWCANYPKSNSGDKYLGPRVCWLHECTDESRDRKWLYYNQDVQRTRCKYVGGSGLVP
RGSGGSGGSHHHHHHHHGGSGTGGLNDIFEAQKIEWHE
;
A,E
2 'polypeptide(L)'
;MKLCILLAVVAFVGLSLGAGGVSVELPKRDPPPGVPTDEMLLNVDKMHDVIAPAKLLEYVHIGPLAKDKEDKVKKRYPEF
RLVNTGPGGLSALLRQSYAGTAPNCCRTFQRTHYWKKDGKISDKYEEGAVLESCWPDVHDTGKCDVDLFDWCQGDTFDRN
ICHQWIGSAFNRADRTVEGQQSLINLYNKMQTLCSKDASVPICESFLHHLRAHNTEDSKEMIDYILRQQSADFKQKYMRC
SYPTRDKLEESLKYAEPRECWDPECSNANVNFLLTRNYNNLGLCNIVRGSGLVPRGSLEDDDDKAGWSHPQFEKGGGSGG
GSGGGSWSHPQFEK
;
B,F
3 'polypeptide(L)'
;MGEVQLVESGGGLVQAGGSLRLSCVASGSIFMIDDMGWYRRAPGNEREWVATTHSGGSTVYADSVKGRFTISRDNAKNTV
YLQMNSLKPEDTAVYYCNAQGLTGSRQRYDVLGQGTQVTVSSLEHHHHHHHHGSGLVPRGSGLNDIFEAQKIEWHE
;
D,H
4 'polypeptide(L)'
;MGEVQLQASGGGLVQPGGSLRLSCAASGIVFSNNRMSWYRQAPGKQREVVATITSGGATDYQDSVEGRFTISRDMAKNTV
YLQMNSLKPEDTAVYFCNARRDNFATAIYWGQGTQVTVSSLEHHHHHHHHGSGLVPRGSGLNDIFEAQKIEWHE
;
C,G
#
# COMPACT_ATOMS: atom_id res chain seq x y z
N VAL A 24 -12.16 -6.96 26.28
CA VAL A 24 -12.80 -5.72 25.90
C VAL A 24 -14.17 -5.99 25.29
N THR A 25 -15.22 -5.61 26.00
CA THR A 25 -16.59 -5.77 25.53
C THR A 25 -17.20 -4.41 25.20
N LEU A 26 -18.16 -4.41 24.29
CA LEU A 26 -18.78 -3.17 23.82
C LEU A 26 -19.93 -2.78 24.73
N ASN A 27 -19.93 -1.53 25.19
CA ASN A 27 -20.95 -1.02 26.08
C ASN A 27 -21.97 -0.15 25.35
N ARG A 28 -21.51 0.90 24.66
CA ARG A 28 -22.40 1.74 23.88
C ARG A 28 -21.80 2.00 22.50
N ILE A 29 -22.68 2.12 21.51
CA ILE A 29 -22.26 2.35 20.13
C ILE A 29 -23.36 3.10 19.41
N LYS A 30 -23.02 4.24 18.81
CA LYS A 30 -23.98 5.03 18.05
C LYS A 30 -23.30 5.54 16.79
N ILE A 31 -24.09 6.18 15.93
CA ILE A 31 -23.60 6.75 14.68
C ILE A 31 -24.00 8.22 14.63
N ALA A 32 -23.03 9.11 14.50
CA ALA A 32 -23.26 10.54 14.35
C ALA A 32 -23.04 10.96 12.90
N PRO A 33 -23.85 11.88 12.40
CA PRO A 33 -23.67 12.33 11.01
C PRO A 33 -22.37 13.10 10.83
N GLY A 34 -22.01 13.33 9.57
CA GLY A 34 -20.76 13.99 9.26
C GLY A 34 -20.87 15.50 9.30
N ILE A 35 -19.74 16.14 9.64
CA ILE A 35 -19.70 17.60 9.71
C ILE A 35 -19.59 18.21 8.31
N ALA A 36 -18.96 17.50 7.38
CA ALA A 36 -18.78 18.02 6.02
C ALA A 36 -19.59 17.14 5.08
N ASP A 37 -19.04 16.03 4.59
CA ASP A 37 -19.73 15.23 3.60
C ASP A 37 -20.91 14.49 4.22
N ILE A 38 -21.96 14.31 3.41
CA ILE A 38 -23.11 13.53 3.86
C ILE A 38 -22.81 12.05 3.85
N ARG A 39 -21.75 11.63 3.16
CA ARG A 39 -21.38 10.22 3.11
C ARG A 39 -20.54 9.81 4.32
N ASP A 40 -19.84 10.75 4.93
CA ASP A 40 -19.01 10.45 6.09
C ASP A 40 -19.84 10.51 7.36
N LYS A 41 -19.53 9.62 8.30
CA LYS A 41 -20.17 9.59 9.60
C LYS A 41 -19.14 9.19 10.63
N TYR A 42 -19.54 9.19 11.90
CA TYR A 42 -18.65 8.85 13.01
C TYR A 42 -19.31 7.76 13.84
N MET A 43 -18.70 6.58 13.85
CA MET A 43 -19.11 5.50 14.74
C MET A 43 -18.50 5.78 16.11
N GLU A 44 -19.35 6.16 17.06
CA GLU A 44 -18.90 6.44 18.43
C GLU A 44 -19.05 5.15 19.24
N LEU A 45 -17.93 4.61 19.71
CA LEU A 45 -17.91 3.36 20.44
C LEU A 45 -17.27 3.59 21.80
N GLY A 46 -17.99 3.21 22.86
CA GLY A 46 -17.45 3.20 24.20
C GLY A 46 -17.51 1.81 24.78
N PHE A 47 -16.35 1.26 25.12
CA PHE A 47 -16.22 -0.08 25.68
C PHE A 47 -15.94 0.01 27.17
N ASN A 48 -15.85 -1.15 27.82
CA ASN A 48 -15.19 -1.17 29.11
C ASN A 48 -13.71 -0.89 28.91
N TYR A 49 -13.07 -0.42 29.98
CA TYR A 49 -11.72 0.15 29.92
C TYR A 49 -11.80 1.40 29.06
N PRO A 50 -11.80 2.60 29.67
CA PRO A 50 -12.09 3.82 28.90
C PRO A 50 -11.06 4.18 27.84
N GLU A 51 -9.97 3.43 27.71
CA GLU A 51 -8.94 3.76 26.72
C GLU A 51 -9.33 3.36 25.31
N TYR A 52 -10.27 2.44 25.15
CA TYR A 52 -10.66 1.93 23.85
C TYR A 52 -11.79 2.73 23.19
N ASN A 53 -12.37 3.70 23.90
CA ASN A 53 -13.47 4.47 23.33
C ASN A 53 -12.96 5.39 22.23
N ARG A 54 -13.64 5.39 21.09
CA ARG A 54 -13.20 6.20 19.95
C ARG A 54 -14.40 6.64 19.14
N ALA A 55 -14.23 7.79 18.46
CA ALA A 55 -15.19 8.26 17.47
C ALA A 55 -14.59 8.03 16.09
N VAL A 56 -14.66 6.77 15.65
CA VAL A 56 -13.99 6.36 14.42
C VAL A 56 -14.76 6.92 13.22
N LYS A 57 -14.07 7.72 12.40
CA LYS A 57 -14.68 8.26 11.19
C LYS A 57 -14.73 7.19 10.12
N PHE A 58 -15.88 7.05 9.46
CA PHE A 58 -16.06 6.05 8.42
C PHE A 58 -16.95 6.63 7.32
N ALA A 59 -16.63 6.27 6.08
CA ALA A 59 -17.38 6.76 4.92
C ALA A 59 -18.14 5.61 4.26
N GLU A 60 -19.32 5.93 3.73
CA GLU A 60 -20.14 4.98 2.99
C GLU A 60 -20.57 5.65 1.69
N GLU A 61 -20.28 5.01 0.56
CA GLU A 61 -20.51 5.61 -0.75
C GLU A 61 -21.98 5.55 -1.13
N SER A 62 -22.45 6.61 -1.81
CA SER A 62 -23.81 6.65 -2.33
C SER A 62 -23.90 7.22 -3.74
N TYR A 63 -22.82 7.78 -4.28
CA TYR A 63 -22.87 8.37 -5.61
C TYR A 63 -22.90 7.29 -6.68
N THR A 64 -23.19 7.72 -7.91
CA THR A 64 -23.16 6.86 -9.10
C THR A 64 -22.24 7.56 -10.10
N TYR A 65 -20.95 7.26 -10.03
CA TYR A 65 -19.95 8.06 -10.73
C TYR A 65 -20.10 7.96 -12.24
N TYR A 66 -20.13 9.12 -12.90
CA TYR A 66 -19.92 9.20 -14.34
C TYR A 66 -18.79 10.14 -14.69
N TYR A 67 -17.91 10.41 -13.71
CA TYR A 67 -16.75 11.26 -13.89
C TYR A 67 -15.58 10.58 -13.18
N GLU A 68 -14.53 11.36 -12.87
CA GLU A 68 -13.34 10.82 -12.23
C GLU A 68 -13.04 11.60 -10.96
N THR A 69 -12.74 10.87 -9.88
CA THR A 69 -12.32 11.53 -8.64
C THR A 69 -10.92 12.09 -8.78
N SER A 70 -9.99 11.28 -9.26
CA SER A 70 -8.65 11.66 -9.62
C SER A 70 -8.45 11.50 -11.12
N PRO A 71 -7.54 12.25 -11.74
CA PRO A 71 -7.30 12.08 -13.18
C PRO A 71 -7.07 10.63 -13.59
N GLY A 72 -7.91 10.13 -14.50
CA GLY A 72 -7.78 8.77 -14.98
C GLY A 72 -7.94 7.71 -13.90
N GLU A 73 -8.80 7.97 -12.92
CA GLU A 73 -8.87 7.13 -11.73
C GLU A 73 -10.23 7.31 -11.09
N ILE A 74 -10.74 6.23 -10.50
CA ILE A 74 -12.00 6.26 -9.78
C ILE A 74 -11.80 5.52 -8.45
N LYS A 75 -11.94 6.25 -7.35
CA LYS A 75 -11.80 5.69 -6.00
C LYS A 75 -13.11 5.88 -5.25
N PRO A 76 -14.08 4.96 -5.42
CA PRO A 76 -15.30 5.04 -4.61
C PRO A 76 -14.99 4.73 -3.15
N LYS A 77 -15.58 5.52 -2.25
CA LYS A 77 -15.39 5.38 -0.82
C LYS A 77 -16.06 4.09 -0.35
N PHE A 78 -15.32 2.98 -0.51
CA PHE A 78 -15.86 1.65 -0.26
C PHE A 78 -14.69 0.71 -0.08
N CYS A 79 -14.70 -0.06 1.01
CA CYS A 79 -13.62 -0.96 1.36
C CYS A 79 -14.10 -2.39 1.12
N LEU A 80 -13.72 -2.96 -0.02
CA LEU A 80 -14.07 -4.34 -0.34
C LEU A 80 -13.34 -5.26 0.64
N ILE A 81 -14.09 -5.85 1.58
CA ILE A 81 -13.47 -6.76 2.53
C ILE A 81 -13.07 -8.05 1.82
N ASP A 82 -12.10 -8.75 2.40
CA ASP A 82 -11.58 -9.97 1.80
C ASP A 82 -12.69 -11.00 1.67
N GLY A 83 -12.97 -11.41 0.43
CA GLY A 83 -14.02 -12.36 0.14
C GLY A 83 -15.32 -11.75 -0.35
N MET A 84 -15.42 -10.42 -0.38
CA MET A 84 -16.64 -9.76 -0.85
C MET A 84 -16.73 -9.84 -2.37
N SER A 85 -17.96 -9.87 -2.86
CA SER A 85 -18.18 -9.89 -4.30
C SER A 85 -17.58 -8.65 -4.95
N ILE A 86 -16.93 -8.86 -6.11
CA ILE A 86 -16.28 -7.77 -6.81
C ILE A 86 -17.29 -6.74 -7.30
N ASP A 87 -18.50 -7.19 -7.67
CA ASP A 87 -19.52 -6.28 -8.17
C ASP A 87 -19.74 -5.08 -7.26
N HIS A 88 -19.58 -5.27 -5.95
CA HIS A 88 -19.87 -4.20 -5.00
C HIS A 88 -18.91 -3.02 -5.14
N CYS A 89 -17.72 -3.21 -5.72
CA CYS A 89 -16.86 -2.07 -5.96
C CYS A 89 -17.40 -1.19 -7.08
N SER A 90 -18.14 -1.78 -8.01
CA SER A 90 -18.61 -1.09 -9.20
C SER A 90 -20.09 -0.71 -9.13
N SER A 91 -20.72 -0.90 -7.97
CA SER A 91 -22.11 -0.50 -7.82
C SER A 91 -22.29 1.01 -7.77
N PHE A 92 -21.21 1.78 -7.90
CA PHE A 92 -21.26 3.24 -7.83
C PHE A 92 -20.79 3.89 -9.12
N ILE A 93 -20.71 3.13 -10.21
CA ILE A 93 -20.26 3.63 -11.50
C ILE A 93 -21.37 3.43 -12.52
N VAL A 94 -21.64 4.45 -13.31
CA VAL A 94 -22.59 4.29 -14.42
C VAL A 94 -22.07 3.23 -15.37
N PRO A 95 -22.87 2.24 -15.77
CA PRO A 95 -22.32 1.16 -16.63
C PRO A 95 -21.66 1.65 -17.90
N GLU A 96 -22.35 2.50 -18.67
CA GLU A 96 -21.78 3.01 -19.92
C GLU A 96 -20.45 3.71 -19.69
N PHE A 97 -20.29 4.37 -18.54
CA PHE A 97 -19.04 5.05 -18.23
C PHE A 97 -17.96 4.11 -17.74
N ALA A 98 -18.32 2.93 -17.24
CA ALA A 98 -17.35 2.00 -16.68
C ALA A 98 -16.73 1.08 -17.73
N LYS A 99 -17.18 1.14 -18.98
CA LYS A 99 -16.72 0.19 -19.98
C LYS A 99 -15.23 0.33 -20.28
N GLN A 100 -14.64 1.49 -20.00
CA GLN A 100 -13.22 1.74 -20.27
C GLN A 100 -12.35 1.61 -19.03
N TYR A 101 -12.92 1.32 -17.86
CA TYR A 101 -12.18 1.30 -16.61
C TYR A 101 -11.99 -0.13 -16.12
N VAL A 102 -10.83 -0.39 -15.53
CA VAL A 102 -10.53 -1.70 -14.97
C VAL A 102 -10.33 -1.55 -13.47
N LEU A 103 -10.50 -2.66 -12.75
CA LEU A 103 -10.33 -2.69 -11.31
C LEU A 103 -8.97 -3.27 -10.97
N ILE A 104 -8.21 -2.54 -10.17
CA ILE A 104 -6.86 -2.96 -9.76
C ILE A 104 -6.82 -3.16 -8.25
N HIS A 105 -5.65 -3.45 -7.72
CA HIS A 105 -5.46 -3.60 -6.28
C HIS A 105 -5.35 -2.22 -5.64
N GLY A 106 -6.14 -2.00 -4.59
CA GLY A 106 -6.19 -0.71 -3.93
C GLY A 106 -5.45 -0.70 -2.60
N GLU A 107 -5.44 0.49 -1.99
CA GLU A 107 -4.78 0.65 -0.70
C GLU A 107 -5.50 -0.17 0.36
N PRO A 108 -4.76 -0.83 1.25
CA PRO A 108 -5.41 -1.61 2.32
C PRO A 108 -6.20 -0.73 3.26
N CYS A 109 -7.39 -1.19 3.62
CA CYS A 109 -8.31 -0.43 4.47
C CYS A 109 -8.97 -1.35 5.48
N SER A 110 -9.69 -0.75 6.42
CA SER A 110 -10.45 -1.48 7.42
C SER A 110 -11.92 -1.10 7.30
N SER A 111 -12.79 -2.07 7.57
CA SER A 111 -14.22 -1.87 7.49
C SER A 111 -14.87 -2.46 8.73
N PHE A 112 -16.07 -1.98 9.05
CA PHE A 112 -16.85 -2.55 10.14
C PHE A 112 -17.55 -3.81 9.65
N LYS A 113 -17.30 -4.93 10.32
CA LYS A 113 -17.87 -6.21 9.86
C LYS A 113 -19.39 -6.16 9.82
N PHE A 114 -20.02 -5.42 10.73
CA PHE A 114 -21.47 -5.29 10.73
C PHE A 114 -21.96 -4.26 9.71
N ARG A 115 -21.06 -3.53 9.07
CA ARG A 115 -21.40 -2.62 7.97
C ARG A 115 -20.41 -2.89 6.84
N PRO A 116 -20.59 -4.01 6.13
CA PRO A 116 -19.64 -4.36 5.06
C PRO A 116 -19.62 -3.30 3.97
N GLY A 117 -18.43 -2.79 3.68
CA GLY A 117 -18.23 -1.76 2.69
C GLY A 117 -17.88 -0.40 3.25
N SER A 118 -18.03 -0.19 4.55
CA SER A 118 -17.66 1.09 5.15
C SER A 118 -16.16 1.30 5.07
N LEU A 119 -15.75 2.55 4.95
CA LEU A 119 -14.36 2.92 4.79
C LEU A 119 -13.90 3.68 6.03
N ILE A 120 -13.22 2.98 6.94
CA ILE A 120 -12.75 3.60 8.18
C ILE A 120 -11.63 4.59 7.85
N TYR A 121 -11.73 5.79 8.41
CA TYR A 121 -10.70 6.81 8.25
C TYR A 121 -9.79 6.82 9.48
N TYR A 122 -8.49 6.91 9.23
CA TYR A 122 -7.50 6.95 10.30
C TYR A 122 -7.24 8.41 10.71
N GLN A 123 -8.27 9.00 11.31
CA GLN A 123 -8.22 10.39 11.74
C GLN A 123 -7.85 10.48 13.22
N ASN A 124 -7.11 11.54 13.55
CA ASN A 124 -6.66 11.88 14.91
C ASN A 124 -6.28 10.65 15.74
N GLU A 125 -7.04 10.39 16.81
CA GLU A 125 -6.70 9.34 17.78
C GLU A 125 -6.91 7.93 17.23
N VAL A 126 -7.56 7.78 16.08
CA VAL A 126 -7.81 6.47 15.48
C VAL A 126 -6.63 6.17 14.56
N THR A 127 -5.64 5.46 15.08
CA THR A 127 -4.43 5.08 14.36
C THR A 127 -4.56 3.68 13.79
N PRO A 128 -3.77 3.33 12.77
CA PRO A 128 -3.83 1.96 12.22
C PRO A 128 -3.53 0.88 13.24
N GLU A 129 -2.62 1.14 14.20
CA GLU A 129 -2.37 0.17 15.26
C GLU A 129 -3.61 -0.05 16.11
N TYR A 130 -4.34 1.02 16.41
CA TYR A 130 -5.56 0.89 17.19
C TYR A 130 -6.60 0.06 16.46
N ILE A 131 -6.77 0.29 15.15
CA ILE A 131 -7.76 -0.47 14.39
C ILE A 131 -7.32 -1.92 14.23
N LYS A 132 -6.02 -2.17 14.12
CA LYS A 132 -5.54 -3.55 14.09
C LYS A 132 -5.84 -4.25 15.42
N ASP A 133 -5.66 -3.54 16.53
CA ASP A 133 -6.00 -4.10 17.82
C ASP A 133 -7.49 -4.39 17.94
N LEU A 134 -8.32 -3.46 17.46
CA LEU A 134 -9.76 -3.69 17.44
C LEU A 134 -10.10 -4.93 16.62
N LYS A 135 -9.55 -5.05 15.41
CA LYS A 135 -9.81 -6.21 14.57
C LYS A 135 -9.40 -7.51 15.25
N HIS A 136 -8.25 -7.49 15.93
CA HIS A 136 -7.74 -8.70 16.56
C HIS A 136 -8.44 -9.05 17.86
N ALA A 137 -9.08 -8.08 18.53
CA ALA A 137 -9.66 -8.35 19.85
C ALA A 137 -11.15 -8.03 19.95
N THR A 138 -11.85 -7.80 18.85
CA THR A 138 -13.27 -7.48 18.91
C THR A 138 -14.15 -8.21 17.92
N ASP A 139 -13.62 -8.71 16.80
CA ASP A 139 -14.44 -9.27 15.71
C ASP A 139 -15.45 -8.26 15.20
N TYR A 140 -15.08 -6.98 15.23
CA TYR A 140 -15.91 -5.91 14.70
C TYR A 140 -15.33 -5.25 13.45
N ILE A 141 -14.04 -5.49 13.16
CA ILE A 141 -13.36 -4.86 12.04
C ILE A 141 -12.77 -5.96 11.16
N ALA A 142 -13.00 -5.85 9.85
CA ALA A 142 -12.44 -6.72 8.84
C ALA A 142 -11.51 -5.94 7.92
N SER A 143 -10.36 -6.52 7.61
CA SER A 143 -9.42 -5.90 6.69
C SER A 143 -9.88 -6.10 5.25
N GLY A 144 -9.44 -5.20 4.37
CA GLY A 144 -9.86 -5.30 2.99
C GLY A 144 -9.05 -4.37 2.10
N GLN A 145 -9.53 -4.24 0.87
CA GLN A 145 -8.86 -3.49 -0.18
C GLN A 145 -9.78 -2.36 -0.66
N ARG A 146 -9.20 -1.19 -0.89
CA ARG A 146 -9.96 -0.05 -1.38
C ARG A 146 -10.28 -0.22 -2.86
N CYS A 147 -11.53 0.12 -3.23
CA CYS A 147 -11.90 0.12 -4.64
C CYS A 147 -11.05 1.12 -5.40
N HIS A 148 -10.34 0.63 -6.42
CA HIS A 148 -9.39 1.45 -7.15
C HIS A 148 -9.55 1.13 -8.64
N PHE A 149 -10.22 2.02 -9.35
CA PHE A 149 -10.42 1.85 -10.79
C PHE A 149 -9.44 2.72 -11.55
N ILE A 150 -8.88 2.15 -12.61
CA ILE A 150 -7.90 2.83 -13.46
C ILE A 150 -8.45 2.91 -14.88
N LYS A 151 -8.24 4.06 -15.51
CA LYS A 151 -8.72 4.32 -16.87
C LYS A 151 -7.85 3.60 -17.89
N LYS A 152 -8.46 2.68 -18.65
CA LYS A 152 -7.82 2.08 -19.81
C LYS A 152 -8.69 2.31 -21.03
N ASP A 153 -8.61 1.44 -22.03
CA ASP A 153 -9.46 1.54 -23.19
C ASP A 153 -10.58 0.49 -23.09
N TYR A 154 -11.35 0.34 -24.16
CA TYR A 154 -12.44 -0.64 -24.16
C TYR A 154 -11.89 -2.06 -24.08
N LEU A 155 -12.68 -2.94 -23.47
CA LEU A 155 -12.30 -4.33 -23.25
C LEU A 155 -13.13 -5.22 -24.18
N LEU A 156 -12.48 -5.73 -25.23
CA LEU A 156 -13.15 -6.63 -26.15
C LEU A 156 -13.10 -8.06 -25.61
N GLY A 157 -14.23 -8.75 -25.72
CA GLY A 157 -14.34 -10.10 -25.20
C GLY A 157 -14.98 -11.07 -26.16
N ASP A 158 -15.78 -10.55 -27.08
CA ASP A 158 -16.46 -11.36 -28.08
C ASP A 158 -15.65 -11.37 -29.38
N SER A 159 -15.77 -12.47 -30.12
CA SER A 159 -15.09 -12.59 -31.40
C SER A 159 -15.74 -11.77 -32.50
N ASP A 160 -17.04 -11.47 -32.37
CA ASP A 160 -17.72 -10.59 -33.32
C ASP A 160 -17.42 -9.12 -33.05
N SER A 161 -16.97 -8.77 -31.84
CA SER A 161 -16.64 -7.39 -31.53
C SER A 161 -15.43 -6.91 -32.35
N VAL A 162 -14.41 -7.76 -32.49
CA VAL A 162 -13.24 -7.38 -33.28
C VAL A 162 -13.61 -7.25 -34.75
N ALA A 163 -14.58 -8.05 -35.21
CA ALA A 163 -15.06 -7.90 -36.58
C ALA A 163 -15.80 -6.58 -36.75
N LYS A 164 -16.67 -6.23 -35.80
CA LYS A 164 -17.40 -4.98 -35.88
C LYS A 164 -16.46 -3.78 -35.84
N CYS A 165 -15.38 -3.87 -35.06
CA CYS A 165 -14.45 -2.75 -34.94
C CYS A 165 -13.54 -2.63 -36.14
N CYS A 166 -12.98 -3.76 -36.62
CA CYS A 166 -12.02 -3.69 -37.71
C CYS A 166 -12.68 -3.40 -39.05
N SER A 167 -13.90 -3.87 -39.25
CA SER A 167 -14.62 -3.58 -40.48
C SER A 167 -15.14 -2.16 -40.55
N LYS A 168 -14.96 -1.37 -39.48
CA LYS A 168 -15.43 0.01 -39.43
C LYS A 168 -16.95 0.10 -39.65
N THR A 169 -17.67 -0.92 -39.16
CA THR A 169 -19.12 -0.93 -39.24
C THR A 169 -19.80 -0.45 -37.97
N ASN A 170 -19.19 -0.68 -36.81
CA ASN A 170 -19.74 -0.19 -35.54
C ASN A 170 -18.55 0.12 -34.63
N THR A 171 -18.13 1.38 -34.65
CA THR A 171 -17.02 1.86 -33.84
C THR A 171 -17.48 2.55 -32.57
N LYS A 172 -18.63 2.15 -32.02
CA LYS A 172 -19.15 2.79 -30.82
C LYS A 172 -18.26 2.50 -29.62
N HIS A 173 -18.08 1.23 -29.29
CA HIS A 173 -17.27 0.80 -28.14
C HIS A 173 -16.12 -0.06 -28.66
N CYS A 174 -15.12 0.59 -29.24
CA CYS A 174 -13.97 -0.07 -29.83
C CYS A 174 -12.68 0.53 -29.29
N PRO A 175 -11.73 -0.29 -28.85
CA PRO A 175 -10.44 0.26 -28.40
C PRO A 175 -9.66 0.86 -29.55
N LYS A 176 -8.66 1.65 -29.18
CA LYS A 176 -7.85 2.33 -30.19
C LYS A 176 -6.97 1.36 -30.96
N ILE A 177 -6.69 0.17 -30.41
CA ILE A 177 -5.89 -0.81 -31.12
C ILE A 177 -6.69 -1.53 -32.20
N PHE A 178 -8.01 -1.51 -32.12
CA PHE A 178 -8.87 -2.13 -33.13
C PHE A 178 -9.69 -1.10 -33.89
N ASN A 179 -9.31 0.16 -33.83
CA ASN A 179 -10.04 1.23 -34.52
C ASN A 179 -9.13 2.41 -34.73
N ASN A 180 -8.16 2.27 -35.64
CA ASN A 180 -7.20 3.34 -35.89
C ASN A 180 -6.84 3.43 -37.37
N ASN A 181 -7.78 3.06 -38.25
CA ASN A 181 -7.54 3.07 -39.70
C ASN A 181 -6.32 2.22 -40.06
N TYR A 182 -6.17 1.11 -39.34
CA TYR A 182 -5.20 0.07 -39.67
C TYR A 182 -3.76 0.57 -39.56
N LYS A 183 -3.49 1.36 -38.52
CA LYS A 183 -2.12 1.77 -38.23
C LYS A 183 -1.33 0.65 -37.55
N THR A 184 -1.99 -0.36 -37.01
CA THR A 184 -1.34 -1.40 -36.23
C THR A 184 -1.71 -2.77 -36.77
N GLU A 185 -0.95 -3.78 -36.35
CA GLU A 185 -1.07 -5.16 -36.82
C GLU A 185 -2.10 -5.96 -36.04
N HIS A 186 -3.25 -5.35 -35.70
CA HIS A 186 -4.28 -6.06 -34.97
C HIS A 186 -5.40 -6.56 -35.87
N CYS A 187 -5.83 -5.74 -36.82
CA CYS A 187 -6.95 -6.06 -37.70
C CYS A 187 -6.52 -6.86 -38.92
N ASP A 188 -5.23 -7.09 -39.11
CA ASP A 188 -4.78 -7.79 -40.32
C ASP A 188 -5.37 -9.19 -40.40
N ASP A 189 -5.37 -9.93 -39.29
CA ASP A 189 -5.86 -11.30 -39.29
C ASP A 189 -7.31 -11.37 -39.76
N PHE A 190 -8.11 -10.35 -39.41
CA PHE A 190 -9.50 -10.33 -39.82
C PHE A 190 -9.66 -9.79 -41.24
N MET A 191 -8.90 -8.74 -41.58
CA MET A 191 -9.06 -8.12 -42.89
C MET A 191 -8.59 -9.04 -44.01
N THR A 192 -7.64 -9.94 -43.72
CA THR A 192 -7.17 -10.87 -44.76
C THR A 192 -8.30 -11.74 -45.28
N GLY A 193 -9.32 -11.99 -44.46
CA GLY A 193 -10.47 -12.75 -44.92
C GLY A 193 -11.63 -11.85 -45.28
N PHE A 194 -11.67 -10.67 -44.66
CA PHE A 194 -12.75 -9.73 -44.93
C PHE A 194 -12.67 -9.18 -46.34
N CYS A 195 -11.47 -8.78 -46.78
CA CYS A 195 -11.31 -8.11 -48.06
C CYS A 195 -11.21 -9.09 -49.23
N ARG A 196 -10.82 -10.34 -48.98
CA ARG A 196 -10.85 -11.34 -50.03
C ARG A 196 -12.26 -11.54 -50.55
N ASN A 197 -13.26 -11.34 -49.71
CA ASN A 197 -14.65 -11.43 -50.12
C ASN A 197 -15.20 -10.12 -50.67
N ASP A 198 -14.68 -8.99 -50.20
CA ASP A 198 -15.11 -7.67 -50.64
C ASP A 198 -13.88 -6.82 -50.93
N PRO A 199 -13.32 -6.94 -52.13
CA PRO A 199 -12.07 -6.22 -52.42
C PRO A 199 -12.25 -4.73 -52.64
N GLY A 200 -13.39 -4.32 -53.20
CA GLY A 200 -13.64 -2.93 -53.49
C GLY A 200 -14.03 -2.06 -52.32
N ASN A 201 -14.00 -2.59 -51.10
CA ASN A 201 -14.40 -1.82 -49.94
C ASN A 201 -13.40 -0.68 -49.69
N PRO A 202 -13.87 0.55 -49.49
CA PRO A 202 -12.93 1.66 -49.24
C PRO A 202 -12.04 1.43 -48.04
N ASN A 203 -12.61 0.95 -46.93
CA ASN A 203 -11.79 0.63 -45.77
C ASN A 203 -10.79 -0.48 -46.08
N CYS A 204 -11.14 -1.40 -46.98
CA CYS A 204 -10.18 -2.43 -47.38
C CYS A 204 -9.00 -1.82 -48.10
N LEU A 205 -9.25 -0.84 -48.99
CA LEU A 205 -8.16 -0.16 -49.67
C LEU A 205 -7.33 0.67 -48.69
N GLU A 206 -7.98 1.29 -47.69
CA GLU A 206 -7.25 1.99 -46.66
C GLU A 206 -6.32 1.05 -45.90
N TRP A 207 -6.81 -0.16 -45.59
CA TRP A 207 -5.99 -1.15 -44.91
C TRP A 207 -4.85 -1.62 -45.81
N LEU A 208 -5.12 -1.74 -47.11
CA LEU A 208 -4.07 -2.10 -48.06
C LEU A 208 -2.98 -1.03 -48.12
N ARG A 209 -3.37 0.24 -47.97
CA ARG A 209 -2.40 1.33 -48.03
C ARG A 209 -1.43 1.31 -46.86
N ALA A 210 -1.64 0.46 -45.86
CA ALA A 210 -0.69 0.33 -44.76
C ALA A 210 0.59 -0.37 -45.21
N LYS A 211 0.57 -1.04 -46.36
CA LYS A 211 1.75 -1.68 -46.94
C LYS A 211 2.37 -2.69 -45.97
N ARG A 212 1.54 -3.60 -45.47
CA ARG A 212 2.01 -4.72 -44.68
C ARG A 212 1.91 -6.00 -45.49
N LYS A 213 2.75 -6.97 -45.13
CA LYS A 213 2.78 -8.23 -45.88
C LYS A 213 1.42 -8.93 -45.96
N PRO A 214 0.63 -9.04 -44.88
CA PRO A 214 -0.68 -9.71 -45.03
C PRO A 214 -1.60 -9.03 -46.02
N ALA A 215 -1.65 -7.70 -46.01
CA ALA A 215 -2.56 -6.99 -46.90
C ALA A 215 -2.13 -7.13 -48.36
N MET A 216 -0.84 -6.92 -48.63
CA MET A 216 -0.35 -7.04 -49.99
C MET A 216 -0.45 -8.47 -50.51
N SER A 217 -0.23 -9.47 -49.64
CA SER A 217 -0.40 -10.86 -50.07
C SER A 217 -1.86 -11.18 -50.35
N THR A 218 -2.77 -10.69 -49.50
CA THR A 218 -4.19 -10.89 -49.73
C THR A 218 -4.61 -10.30 -51.07
N TYR A 219 -4.19 -9.06 -51.33
CA TYR A 219 -4.58 -8.43 -52.59
C TYR A 219 -3.84 -8.99 -53.79
N SER A 220 -2.67 -9.62 -53.58
CA SER A 220 -2.04 -10.34 -54.67
C SER A 220 -2.82 -11.61 -55.02
N ASP A 221 -3.33 -12.30 -54.01
CA ASP A 221 -4.22 -13.44 -54.27
C ASP A 221 -5.53 -12.98 -54.88
N ILE A 222 -5.99 -11.77 -54.54
CA ILE A 222 -7.23 -11.25 -55.12
C ILE A 222 -7.03 -10.93 -56.60
N CYS A 223 -6.00 -10.14 -56.91
CA CYS A 223 -5.77 -9.69 -58.28
C CYS A 223 -5.26 -10.80 -59.20
N SER A 224 -4.80 -11.92 -58.64
CA SER A 224 -4.46 -13.06 -59.49
C SER A 224 -5.70 -13.63 -60.15
N LYS A 225 -6.87 -13.48 -59.53
CA LYS A 225 -8.13 -13.93 -60.11
C LYS A 225 -8.91 -12.81 -60.77
N HIS A 226 -8.96 -11.63 -60.16
CA HIS A 226 -9.74 -10.49 -60.66
C HIS A 226 -8.78 -9.32 -60.85
N MET A 227 -7.96 -9.37 -61.90
CA MET A 227 -7.07 -8.25 -62.21
C MET A 227 -7.76 -7.16 -63.01
N ASP A 228 -8.74 -7.53 -63.84
CA ASP A 228 -9.43 -6.56 -64.69
C ASP A 228 -10.17 -5.49 -63.89
N ALA A 229 -10.29 -5.65 -62.58
CA ALA A 229 -10.99 -4.68 -61.74
C ALA A 229 -10.09 -3.46 -61.46
N ARG A 230 -10.75 -2.37 -61.06
CA ARG A 230 -10.04 -1.11 -60.84
C ARG A 230 -9.36 -1.05 -59.47
N TYR A 231 -9.90 -1.76 -58.48
CA TYR A 231 -9.20 -1.82 -57.21
C TYR A 231 -7.82 -2.46 -57.38
N CYS A 232 -7.63 -3.30 -58.39
CA CYS A 232 -6.30 -3.81 -58.66
C CYS A 232 -5.42 -2.78 -59.35
N SER A 233 -6.00 -1.86 -60.12
CA SER A 233 -5.23 -0.70 -60.56
C SER A 233 -4.72 0.08 -59.36
N GLU A 234 -5.59 0.33 -58.38
CA GLU A 234 -5.18 1.00 -57.16
C GLU A 234 -4.12 0.18 -56.41
N PHE A 235 -4.26 -1.14 -56.40
CA PHE A 235 -3.32 -2.02 -55.72
C PHE A 235 -1.92 -1.92 -56.33
N ILE A 236 -1.85 -1.96 -57.66
CA ILE A 236 -0.57 -1.81 -58.35
C ILE A 236 0.00 -0.41 -58.11
N ARG A 237 -0.87 0.61 -58.10
CA ARG A 237 -0.40 1.96 -57.81
C ARG A 237 0.17 2.06 -56.41
N ILE A 238 -0.38 1.32 -55.46
CA ILE A 238 0.08 1.39 -54.08
C ILE A 238 1.40 0.66 -53.91
N ILE A 239 1.49 -0.57 -54.42
CA ILE A 239 2.61 -1.44 -54.07
C ILE A 239 3.90 -1.01 -54.77
N ARG A 240 3.81 -0.47 -55.98
CA ARG A 240 5.02 -0.07 -56.68
C ARG A 240 5.55 1.25 -56.14
N PRO A 241 6.87 1.46 -56.19
CA PRO A 241 7.90 0.58 -56.74
C PRO A 241 8.59 -0.30 -55.71
N ASP A 242 8.37 -0.06 -54.41
CA ASP A 242 9.10 -0.79 -53.37
C ASP A 242 8.73 -2.26 -53.36
N TYR A 243 7.45 -2.57 -53.23
CA TYR A 243 6.97 -3.96 -53.14
C TYR A 243 6.23 -4.29 -54.43
N PHE A 244 6.99 -4.59 -55.49
CA PHE A 244 6.39 -4.83 -56.80
C PHE A 244 6.13 -6.30 -57.09
N THR A 245 6.74 -7.21 -56.32
CA THR A 245 6.66 -8.62 -56.68
C THR A 245 5.24 -9.16 -56.59
N PHE A 246 4.44 -8.66 -55.64
CA PHE A 246 3.06 -9.11 -55.53
C PHE A 246 2.29 -8.82 -56.82
N GLY A 247 2.46 -7.62 -57.36
CA GLY A 247 1.83 -7.30 -58.63
C GLY A 247 2.30 -8.18 -59.77
N ASP A 248 3.60 -8.48 -59.81
CA ASP A 248 4.12 -9.35 -60.85
C ASP A 248 3.51 -10.74 -60.79
N THR A 249 3.46 -11.32 -59.59
CA THR A 249 2.88 -12.66 -59.46
C THR A 249 1.39 -12.64 -59.78
N ALA A 250 0.68 -11.60 -59.36
CA ALA A 250 -0.74 -11.50 -59.67
C ALA A 250 -0.97 -11.40 -61.16
N LEU A 251 -0.19 -10.56 -61.86
CA LEU A 251 -0.35 -10.44 -63.30
C LEU A 251 -0.01 -11.74 -64.01
N TYR A 252 1.03 -12.44 -63.55
CA TYR A 252 1.39 -13.71 -64.14
C TYR A 252 0.25 -14.71 -64.03
N VAL A 253 -0.29 -14.87 -62.82
CA VAL A 253 -1.36 -15.85 -62.62
C VAL A 253 -2.60 -15.44 -63.40
N PHE A 254 -2.91 -14.14 -63.45
CA PHE A 254 -4.10 -13.69 -64.16
C PHE A 254 -3.98 -13.93 -65.65
N CYS A 255 -2.82 -13.63 -66.23
CA CYS A 255 -2.65 -13.82 -67.66
C CYS A 255 -2.47 -15.28 -68.05
N ASN A 256 -2.06 -16.13 -67.11
CA ASN A 256 -2.10 -17.56 -67.38
C ASN A 256 -3.52 -18.09 -67.34
N ASP A 257 -4.32 -17.62 -66.37
CA ASP A 257 -5.71 -18.05 -66.30
C ASP A 257 -6.54 -17.43 -67.41
N HIS A 258 -6.37 -16.13 -67.65
CA HIS A 258 -7.10 -15.40 -68.67
C HIS A 258 -6.13 -15.09 -69.80
N LYS A 259 -5.96 -16.03 -70.73
CA LYS A 259 -5.09 -15.82 -71.86
C LYS A 259 -5.79 -15.16 -73.04
N GLY A 260 -7.11 -15.22 -73.10
CA GLY A 260 -7.82 -14.56 -74.17
C GLY A 260 -8.04 -13.08 -73.97
N ASN A 261 -7.61 -12.53 -72.83
CA ASN A 261 -7.79 -11.11 -72.56
C ASN A 261 -6.79 -10.30 -73.37
N ARG A 262 -7.28 -9.24 -74.01
CA ARG A 262 -6.41 -8.42 -74.85
C ARG A 262 -5.29 -7.79 -74.03
N ASN A 263 -5.63 -7.25 -72.86
CA ASN A 263 -4.63 -6.59 -72.02
C ASN A 263 -3.51 -7.55 -71.64
N CYS A 264 -3.79 -8.85 -71.60
CA CYS A 264 -2.72 -9.82 -71.39
C CYS A 264 -1.98 -10.07 -72.70
N TRP A 265 -1.65 -9.01 -73.42
CA TRP A 265 -0.90 -9.11 -74.66
C TRP A 265 0.60 -8.91 -74.47
N CYS A 266 0.98 -7.89 -73.70
CA CYS A 266 2.39 -7.56 -73.52
C CYS A 266 3.07 -8.47 -72.48
N ALA A 267 2.32 -8.92 -71.48
CA ALA A 267 2.88 -9.76 -70.43
C ALA A 267 2.80 -11.24 -70.74
N ASN A 268 1.89 -11.65 -71.63
CA ASN A 268 1.71 -13.05 -72.01
C ASN A 268 1.34 -13.05 -73.50
N TYR A 269 2.35 -12.99 -74.35
CA TYR A 269 2.14 -12.94 -75.79
C TYR A 269 1.52 -14.25 -76.27
N PRO A 270 0.32 -14.24 -76.85
CA PRO A 270 -0.34 -15.49 -77.29
C PRO A 270 0.19 -16.05 -78.60
N LYS A 271 1.34 -16.74 -78.52
CA LYS A 271 2.00 -17.30 -79.69
C LYS A 271 2.88 -18.46 -79.23
N SER A 272 2.22 -19.51 -78.74
CA SER A 272 2.86 -20.78 -78.41
C SER A 272 4.07 -20.59 -77.48
N ASN A 273 5.25 -20.94 -77.99
CA ASN A 273 6.50 -20.84 -77.21
C ASN A 273 7.21 -19.51 -77.41
N SER A 274 6.47 -18.41 -77.39
CA SER A 274 7.08 -17.09 -77.50
C SER A 274 6.34 -16.05 -76.66
N GLY A 275 5.75 -16.47 -75.54
CA GLY A 275 5.06 -15.53 -74.68
C GLY A 275 5.96 -14.45 -74.12
N ASP A 276 7.22 -14.78 -73.87
CA ASP A 276 8.18 -13.80 -73.38
C ASP A 276 8.72 -12.96 -74.53
N LYS A 277 7.83 -12.50 -75.41
CA LYS A 277 8.27 -11.73 -76.57
C LYS A 277 8.59 -10.29 -76.19
N TYR A 278 7.82 -9.71 -75.29
CA TYR A 278 8.01 -8.35 -74.83
C TYR A 278 8.32 -8.37 -73.34
N LEU A 279 9.51 -8.86 -72.99
CA LEU A 279 9.98 -8.85 -71.62
C LEU A 279 11.19 -7.94 -71.53
N GLY A 280 11.24 -7.13 -70.48
CA GLY A 280 12.33 -6.19 -70.32
C GLY A 280 12.34 -5.16 -71.42
N PRO A 281 13.53 -4.81 -71.91
CA PRO A 281 13.63 -3.73 -72.91
C PRO A 281 12.80 -3.98 -74.15
N ARG A 282 12.51 -5.24 -74.48
CA ARG A 282 11.71 -5.55 -75.66
C ARG A 282 10.31 -4.94 -75.60
N VAL A 283 9.90 -4.44 -74.44
CA VAL A 283 8.63 -3.72 -74.37
C VAL A 283 8.62 -2.53 -75.32
N CYS A 284 9.78 -1.88 -75.51
CA CYS A 284 9.83 -0.76 -76.44
C CYS A 284 9.52 -1.18 -77.88
N TRP A 285 9.70 -2.47 -78.20
CA TRP A 285 9.48 -2.93 -79.57
C TRP A 285 8.02 -2.91 -79.98
N LEU A 286 7.10 -2.64 -79.06
CA LEU A 286 5.69 -2.51 -79.36
C LEU A 286 5.17 -1.24 -78.69
N HIS A 287 4.72 -0.29 -79.50
CA HIS A 287 4.33 1.02 -78.96
C HIS A 287 3.05 0.95 -78.13
N GLU A 288 2.23 -0.09 -78.32
CA GLU A 288 1.02 -0.20 -77.50
C GLU A 288 1.36 -0.46 -76.04
N CYS A 289 2.44 -1.21 -75.77
CA CYS A 289 2.78 -1.54 -74.39
C CYS A 289 3.33 -0.34 -73.63
N THR A 290 3.73 0.72 -74.32
CA THR A 290 4.31 1.89 -73.68
C THR A 290 3.38 3.09 -73.63
N ASP A 291 2.20 2.99 -74.23
CA ASP A 291 1.27 4.13 -74.23
C ASP A 291 0.84 4.47 -72.81
N GLU A 292 0.78 5.77 -72.52
CA GLU A 292 0.26 6.22 -71.23
C GLU A 292 -1.24 5.99 -71.12
N SER A 293 -1.93 5.75 -72.24
CA SER A 293 -3.34 5.42 -72.19
C SER A 293 -3.59 3.99 -71.68
N ARG A 294 -2.55 3.16 -71.64
CA ARG A 294 -2.66 1.80 -71.14
C ARG A 294 -2.26 1.77 -69.67
N ASP A 295 -3.05 1.10 -68.85
CA ASP A 295 -2.78 1.03 -67.42
C ASP A 295 -1.52 0.20 -67.16
N ARG A 296 -0.68 0.69 -66.24
CA ARG A 296 0.57 0.01 -65.93
C ARG A 296 0.36 -1.32 -65.22
N LYS A 297 -0.88 -1.64 -64.85
CA LYS A 297 -1.15 -2.90 -64.15
C LYS A 297 -0.85 -4.11 -65.02
N TRP A 298 -0.92 -3.95 -66.34
CA TRP A 298 -0.76 -5.05 -67.27
C TRP A 298 0.69 -5.30 -67.67
N LEU A 299 1.64 -4.66 -67.00
CA LEU A 299 3.06 -4.82 -67.30
C LEU A 299 3.81 -5.24 -66.05
N TYR A 300 4.81 -6.09 -66.22
CA TYR A 300 5.69 -6.40 -65.11
C TYR A 300 6.51 -5.16 -64.74
N TYR A 301 6.98 -5.13 -63.49
CA TYR A 301 7.73 -3.97 -63.02
C TYR A 301 8.98 -3.75 -63.87
N ASN A 302 9.67 -4.83 -64.26
CA ASN A 302 10.83 -4.70 -65.12
C ASN A 302 10.46 -4.23 -66.53
N GLN A 303 9.18 -4.35 -66.91
CA GLN A 303 8.71 -3.77 -68.16
C GLN A 303 8.41 -2.28 -68.00
N ASP A 304 7.69 -1.93 -66.93
CA ASP A 304 7.26 -0.55 -66.73
C ASP A 304 8.44 0.40 -66.59
N VAL A 305 9.54 -0.06 -65.98
CA VAL A 305 10.68 0.81 -65.79
C VAL A 305 11.38 1.11 -67.11
N GLN A 306 11.30 0.18 -68.08
CA GLN A 306 11.97 0.38 -69.35
C GLN A 306 11.27 1.41 -70.22
N ARG A 307 10.00 1.70 -69.95
CA ARG A 307 9.24 2.60 -70.82
C ARG A 307 9.89 3.97 -70.93
N THR A 308 10.52 4.45 -69.85
CA THR A 308 11.16 5.76 -69.88
C THR A 308 12.33 5.80 -70.85
N ARG A 309 12.89 4.65 -71.22
CA ARG A 309 14.02 4.58 -72.14
C ARG A 309 13.63 3.77 -73.36
N CYS A 310 12.81 4.39 -74.23
CA CYS A 310 12.46 3.80 -75.52
C CYS A 310 12.80 4.80 -76.60
N LYS A 311 13.80 4.48 -77.42
CA LYS A 311 14.22 5.38 -78.51
C LYS A 311 13.29 5.20 -79.69
N TYR A 312 12.32 6.10 -79.84
CA TYR A 312 11.36 6.07 -80.93
C TYR A 312 11.74 7.11 -81.97
N VAL A 313 12.05 6.65 -83.18
CA VAL A 313 12.41 7.54 -84.28
C VAL A 313 11.43 7.36 -85.43
N VAL B 24 -24.24 -5.28 22.38
CA VAL B 24 -25.41 -4.42 22.34
C VAL B 24 -26.09 -4.55 20.99
N GLU B 25 -26.45 -3.42 20.37
CA GLU B 25 -27.23 -3.39 19.13
C GLU B 25 -26.40 -2.70 18.05
N LEU B 26 -25.68 -3.50 17.26
CA LEU B 26 -24.92 -2.94 16.17
C LEU B 26 -25.84 -2.48 15.05
N PRO B 27 -25.60 -1.31 14.46
CA PRO B 27 -26.40 -0.88 13.32
C PRO B 27 -26.05 -1.62 12.04
N LYS B 28 -26.65 -2.79 11.84
CA LYS B 28 -26.35 -3.60 10.67
C LYS B 28 -26.83 -2.93 9.39
N ARG B 29 -26.00 -2.98 8.35
CA ARG B 29 -26.34 -2.42 7.05
C ARG B 29 -25.65 -3.22 5.96
N ASP B 30 -26.44 -3.73 4.99
CA ASP B 30 -25.88 -4.48 3.87
C ASP B 30 -25.46 -3.54 2.75
N PRO B 31 -24.39 -3.88 2.03
CA PRO B 31 -23.90 -3.00 0.97
C PRO B 31 -24.86 -2.98 -0.21
N PRO B 32 -24.79 -1.95 -1.05
CA PRO B 32 -25.70 -1.88 -2.19
C PRO B 32 -25.45 -3.02 -3.15
N PRO B 33 -26.46 -3.41 -3.93
CA PRO B 33 -26.27 -4.48 -4.91
C PRO B 33 -25.23 -4.09 -5.95
N GLY B 34 -24.28 -5.00 -6.18
CA GLY B 34 -23.20 -4.71 -7.11
C GLY B 34 -23.63 -4.84 -8.56
N VAL B 35 -22.98 -4.03 -9.40
CA VAL B 35 -23.21 -4.02 -10.84
C VAL B 35 -21.89 -4.31 -11.53
N PRO B 36 -21.76 -5.40 -12.26
CA PRO B 36 -20.48 -5.71 -12.92
C PRO B 36 -20.18 -4.76 -14.08
N THR B 37 -18.91 -4.71 -14.45
CA THR B 37 -18.44 -3.92 -15.57
C THR B 37 -18.16 -4.83 -16.76
N ASP B 38 -17.70 -4.21 -17.86
CA ASP B 38 -17.29 -5.00 -19.02
C ASP B 38 -16.11 -5.90 -18.68
N GLU B 39 -15.19 -5.40 -17.85
CA GLU B 39 -14.03 -6.20 -17.47
C GLU B 39 -14.45 -7.43 -16.68
N MET B 40 -15.36 -7.26 -15.72
CA MET B 40 -15.79 -8.36 -14.88
C MET B 40 -16.61 -9.41 -15.63
N LEU B 41 -17.05 -9.11 -16.86
CA LEU B 41 -17.85 -10.04 -17.64
C LEU B 41 -17.08 -10.67 -18.78
N LEU B 42 -15.76 -10.50 -18.82
CA LEU B 42 -14.94 -11.07 -19.88
C LEU B 42 -14.72 -12.56 -19.64
N ASN B 43 -14.67 -13.32 -20.74
CA ASN B 43 -14.49 -14.76 -20.69
C ASN B 43 -13.35 -15.16 -21.62
N VAL B 44 -12.38 -15.88 -21.08
CA VAL B 44 -11.20 -16.25 -21.87
C VAL B 44 -11.58 -17.24 -22.95
N ASP B 45 -12.64 -18.02 -22.75
CA ASP B 45 -13.09 -18.97 -23.76
C ASP B 45 -13.76 -18.31 -24.95
N LYS B 46 -13.80 -16.97 -25.00
CA LYS B 46 -14.37 -16.26 -26.13
C LYS B 46 -13.39 -15.32 -26.81
N MET B 47 -12.22 -15.08 -26.21
CA MET B 47 -11.27 -14.07 -26.70
C MET B 47 -10.13 -14.69 -27.49
N HIS B 48 -10.40 -15.75 -28.26
CA HIS B 48 -9.32 -16.35 -29.05
C HIS B 48 -8.90 -15.49 -30.22
N ASP B 49 -9.72 -14.52 -30.60
CA ASP B 49 -9.36 -13.57 -31.66
C ASP B 49 -8.87 -12.23 -31.10
N VAL B 50 -8.89 -12.06 -29.78
CA VAL B 50 -8.38 -10.85 -29.15
C VAL B 50 -6.96 -11.05 -28.64
N ILE B 51 -6.69 -12.22 -28.04
CA ILE B 51 -5.38 -12.47 -27.47
C ILE B 51 -4.36 -12.73 -28.57
N ALA B 52 -4.79 -13.28 -29.70
CA ALA B 52 -3.85 -13.65 -30.76
C ALA B 52 -3.13 -12.45 -31.36
N PRO B 53 -3.81 -11.37 -31.81
CA PRO B 53 -3.06 -10.26 -32.43
C PRO B 53 -2.41 -9.34 -31.42
N ALA B 54 -2.28 -9.78 -30.17
CA ALA B 54 -1.65 -8.96 -29.16
C ALA B 54 -0.15 -8.89 -29.37
N LYS B 55 0.43 -7.72 -29.15
CA LYS B 55 1.85 -7.52 -29.31
C LYS B 55 2.53 -7.47 -27.94
N LEU B 56 3.84 -7.23 -27.94
CA LEU B 56 4.59 -7.15 -26.71
C LEU B 56 4.16 -5.94 -25.89
N LEU B 57 4.28 -6.06 -24.57
CA LEU B 57 3.95 -4.99 -23.62
C LEU B 57 2.50 -4.55 -23.74
N GLU B 58 1.63 -5.44 -24.21
CA GLU B 58 0.20 -5.17 -24.29
C GLU B 58 -0.53 -6.07 -23.30
N TYR B 59 -1.31 -5.44 -22.41
CA TYR B 59 -2.08 -6.16 -21.39
C TYR B 59 -3.49 -6.36 -21.91
N VAL B 60 -3.78 -7.57 -22.39
CA VAL B 60 -5.12 -7.94 -22.82
C VAL B 60 -5.86 -8.48 -21.59
N HIS B 61 -6.64 -7.61 -20.95
CA HIS B 61 -7.40 -7.98 -19.77
C HIS B 61 -8.39 -9.09 -20.09
N ILE B 62 -8.17 -10.29 -19.53
CA ILE B 62 -9.08 -11.40 -19.76
C ILE B 62 -10.15 -11.50 -18.68
N GLY B 63 -10.01 -10.76 -17.58
CA GLY B 63 -11.08 -10.63 -16.62
C GLY B 63 -10.97 -11.60 -15.46
N PRO B 64 -12.09 -11.89 -14.81
CA PRO B 64 -12.07 -12.80 -13.65
C PRO B 64 -11.80 -14.23 -14.10
N LEU B 65 -10.77 -14.83 -13.52
CA LEU B 65 -10.30 -16.16 -13.90
C LEU B 65 -10.18 -17.02 -12.64
N ALA B 66 -10.91 -18.12 -12.61
CA ALA B 66 -10.84 -19.04 -11.48
C ALA B 66 -9.45 -19.65 -11.38
N LYS B 67 -9.07 -20.02 -10.15
CA LYS B 67 -7.75 -20.60 -9.93
C LYS B 67 -7.60 -21.94 -10.66
N ASP B 68 -8.71 -22.66 -10.87
CA ASP B 68 -8.63 -23.97 -11.52
C ASP B 68 -8.37 -23.84 -13.02
N LYS B 69 -8.87 -22.79 -13.66
CA LYS B 69 -8.69 -22.58 -15.08
C LYS B 69 -7.38 -21.89 -15.43
N GLU B 70 -6.59 -21.50 -14.42
CA GLU B 70 -5.32 -20.83 -14.69
C GLU B 70 -4.36 -21.75 -15.44
N ASP B 71 -4.30 -23.03 -15.06
CA ASP B 71 -3.44 -23.97 -15.77
C ASP B 71 -3.88 -24.13 -17.22
N LYS B 72 -5.20 -24.20 -17.44
CA LYS B 72 -5.68 -24.38 -18.81
C LYS B 72 -5.41 -23.16 -19.67
N VAL B 73 -5.59 -21.96 -19.12
CA VAL B 73 -5.33 -20.77 -19.93
C VAL B 73 -3.82 -20.58 -20.12
N LYS B 74 -3.01 -21.05 -19.18
CA LYS B 74 -1.56 -20.94 -19.36
C LYS B 74 -1.02 -21.94 -20.37
N LYS B 75 -1.60 -23.14 -20.43
CA LYS B 75 -1.19 -24.10 -21.45
C LYS B 75 -1.80 -23.81 -22.81
N ARG B 76 -2.93 -23.09 -22.86
CA ARG B 76 -3.51 -22.71 -24.14
C ARG B 76 -2.72 -21.57 -24.80
N TYR B 77 -2.25 -20.61 -24.02
CA TYR B 77 -1.48 -19.46 -24.53
C TYR B 77 -0.09 -19.49 -23.88
N PRO B 78 0.82 -20.33 -24.39
CA PRO B 78 2.14 -20.42 -23.77
C PRO B 78 3.02 -19.23 -24.08
N GLU B 79 2.78 -18.52 -25.18
CA GLU B 79 3.54 -17.33 -25.51
C GLU B 79 3.28 -16.17 -24.57
N PHE B 80 2.33 -16.32 -23.64
CA PHE B 80 1.90 -15.23 -22.77
C PHE B 80 2.24 -15.54 -21.32
N ARG B 81 2.08 -14.52 -20.49
CA ARG B 81 2.16 -14.62 -19.04
C ARG B 81 0.83 -14.18 -18.44
N LEU B 82 0.36 -14.94 -17.45
CA LEU B 82 -0.89 -14.63 -16.75
C LEU B 82 -0.56 -13.68 -15.62
N VAL B 83 -0.84 -12.40 -15.83
CA VAL B 83 -0.54 -11.36 -14.85
C VAL B 83 -1.80 -11.05 -14.05
N ASN B 84 -1.68 -11.08 -12.73
CA ASN B 84 -2.81 -10.74 -11.86
C ASN B 84 -2.90 -9.23 -11.74
N THR B 85 -3.98 -8.65 -12.26
CA THR B 85 -4.14 -7.19 -12.30
C THR B 85 -5.00 -6.66 -11.16
N GLY B 86 -6.15 -7.28 -10.89
CA GLY B 86 -7.06 -6.79 -9.89
C GLY B 86 -7.55 -7.88 -8.95
N PRO B 87 -8.43 -7.51 -8.03
CA PRO B 87 -8.93 -8.48 -7.04
C PRO B 87 -10.00 -9.38 -7.64
N GLY B 88 -10.28 -10.46 -6.92
CA GLY B 88 -11.31 -11.39 -7.34
C GLY B 88 -10.97 -12.22 -8.54
N GLY B 89 -9.68 -12.40 -8.83
CA GLY B 89 -9.24 -13.18 -9.96
C GLY B 89 -9.11 -12.41 -11.26
N LEU B 90 -9.15 -11.07 -11.22
CA LEU B 90 -9.01 -10.27 -12.43
C LEU B 90 -7.59 -10.38 -12.95
N SER B 91 -7.43 -10.99 -14.12
CA SER B 91 -6.13 -11.22 -14.73
C SER B 91 -6.12 -10.73 -16.16
N ALA B 92 -4.90 -10.60 -16.69
CA ALA B 92 -4.64 -10.25 -18.07
C ALA B 92 -3.53 -11.14 -18.61
N LEU B 93 -3.39 -11.16 -19.93
CA LEU B 93 -2.35 -11.93 -20.60
C LEU B 93 -1.38 -10.99 -21.27
N LEU B 94 -0.10 -11.10 -20.91
CA LEU B 94 0.95 -10.23 -21.42
C LEU B 94 1.87 -11.05 -22.33
N ARG B 95 2.03 -10.59 -23.58
CA ARG B 95 2.86 -11.34 -24.52
C ARG B 95 4.33 -11.25 -24.16
N GLN B 96 4.99 -12.41 -24.12
CA GLN B 96 6.40 -12.49 -23.78
C GLN B 96 7.28 -12.97 -24.93
N SER B 97 6.72 -13.72 -25.88
CA SER B 97 7.53 -14.27 -26.95
C SER B 97 6.65 -14.60 -28.15
N TYR B 98 7.31 -14.80 -29.29
CA TYR B 98 6.67 -15.24 -30.53
C TYR B 98 7.23 -16.62 -30.84
N ALA B 99 6.50 -17.65 -30.42
CA ALA B 99 6.93 -19.05 -30.59
C ALA B 99 6.35 -19.62 -31.87
N GLY B 100 6.91 -19.16 -32.99
CA GLY B 100 6.47 -19.62 -34.29
C GLY B 100 7.58 -20.31 -35.06
N THR B 101 7.37 -21.58 -35.41
CA THR B 101 8.35 -22.31 -36.17
C THR B 101 8.52 -21.72 -37.56
N ALA B 102 9.69 -21.95 -38.15
CA ALA B 102 9.98 -21.44 -39.48
C ALA B 102 9.06 -22.01 -40.55
N PRO B 103 8.80 -23.32 -40.63
CA PRO B 103 7.91 -23.83 -41.69
C PRO B 103 6.50 -23.28 -41.60
N ASN B 104 6.02 -22.93 -40.41
CA ASN B 104 4.67 -22.45 -40.23
C ASN B 104 4.56 -20.93 -40.23
N CYS B 105 5.68 -20.22 -40.34
CA CYS B 105 5.68 -18.77 -40.33
C CYS B 105 6.37 -18.13 -41.52
N CYS B 106 7.11 -18.89 -42.32
CA CYS B 106 7.89 -18.34 -43.41
C CYS B 106 7.30 -18.61 -44.79
N ARG B 107 6.69 -19.77 -44.99
CA ARG B 107 6.17 -20.16 -46.30
C ARG B 107 4.83 -19.52 -46.62
N THR B 108 4.50 -18.42 -45.96
CA THR B 108 3.29 -17.66 -46.26
C THR B 108 3.51 -16.21 -45.88
N PHE B 109 2.63 -15.34 -46.36
CA PHE B 109 2.67 -13.93 -46.03
C PHE B 109 1.40 -13.43 -45.37
N GLN B 110 0.37 -14.27 -45.24
CA GLN B 110 -0.88 -13.87 -44.62
C GLN B 110 -1.07 -14.42 -43.22
N ARG B 111 -0.47 -15.57 -42.91
CA ARG B 111 -0.66 -16.20 -41.62
C ARG B 111 0.27 -15.57 -40.59
N THR B 112 -0.29 -15.15 -39.46
CA THR B 112 0.49 -14.65 -38.34
C THR B 112 0.45 -15.56 -37.12
N HIS B 113 -0.41 -16.57 -37.11
CA HIS B 113 -0.55 -17.47 -35.98
C HIS B 113 -1.21 -18.76 -36.45
N TYR B 114 -1.06 -19.80 -35.64
CA TYR B 114 -1.67 -21.10 -35.91
C TYR B 114 -1.96 -21.79 -34.58
N TRP B 115 -2.57 -22.96 -34.65
CA TRP B 115 -2.98 -23.70 -33.47
C TRP B 115 -2.52 -25.14 -33.57
N LYS B 116 -1.83 -25.61 -32.53
CA LYS B 116 -1.35 -26.99 -32.45
C LYS B 116 -2.35 -27.83 -31.66
N LYS B 117 -2.70 -28.99 -32.21
CA LYS B 117 -3.61 -29.90 -31.52
C LYS B 117 -3.30 -31.32 -31.96
N ASP B 118 -3.00 -32.19 -30.99
CA ASP B 118 -2.68 -33.60 -31.24
C ASP B 118 -1.58 -33.73 -32.30
N GLY B 119 -0.61 -32.83 -32.25
CA GLY B 119 0.45 -32.82 -33.25
C GLY B 119 -0.08 -32.53 -34.63
N LYS B 120 -0.93 -31.50 -34.74
CA LYS B 120 -1.48 -31.09 -36.02
C LYS B 120 -1.63 -29.57 -36.02
N ILE B 121 -1.19 -28.94 -37.10
CA ILE B 121 -1.27 -27.50 -37.24
C ILE B 121 -2.58 -27.14 -37.94
N SER B 122 -3.30 -26.17 -37.38
CA SER B 122 -4.58 -25.73 -37.91
C SER B 122 -4.65 -24.22 -37.93
N ASP B 123 -5.40 -23.69 -38.90
CA ASP B 123 -5.63 -22.25 -38.94
C ASP B 123 -6.77 -21.84 -38.01
N LYS B 124 -7.86 -22.62 -37.99
CA LYS B 124 -8.96 -22.33 -37.09
C LYS B 124 -8.58 -22.68 -35.65
N TYR B 125 -9.48 -22.35 -34.73
CA TYR B 125 -9.26 -22.52 -33.30
C TYR B 125 -10.05 -23.72 -32.78
N GLU B 126 -9.44 -24.45 -31.85
CA GLU B 126 -10.09 -25.53 -31.12
C GLU B 126 -9.82 -25.31 -29.63
N GLU B 127 -10.83 -25.61 -28.80
CA GLU B 127 -10.76 -25.29 -27.37
C GLU B 127 -9.63 -26.02 -26.66
N GLY B 128 -9.08 -27.07 -27.27
CA GLY B 128 -7.95 -27.76 -26.68
C GLY B 128 -6.65 -27.46 -27.40
N ALA B 129 -6.72 -26.72 -28.50
CA ALA B 129 -5.54 -26.37 -29.27
C ALA B 129 -4.71 -25.33 -28.52
N VAL B 130 -3.50 -25.10 -29.02
CA VAL B 130 -2.53 -24.21 -28.40
C VAL B 130 -2.10 -23.17 -29.41
N LEU B 131 -2.21 -21.90 -29.06
CA LEU B 131 -1.87 -20.81 -29.96
C LEU B 131 -0.36 -20.65 -30.06
N GLU B 132 0.15 -20.59 -31.29
CA GLU B 132 1.55 -20.25 -31.53
C GLU B 132 1.59 -19.25 -32.67
N SER B 133 2.11 -18.05 -32.41
CA SER B 133 2.04 -16.95 -33.35
C SER B 133 3.41 -16.67 -33.95
N CYS B 134 3.39 -15.90 -35.04
CA CYS B 134 4.59 -15.55 -35.79
C CYS B 134 5.00 -14.11 -35.50
N TRP B 135 6.29 -13.84 -35.67
CA TRP B 135 6.77 -12.47 -35.56
C TRP B 135 6.07 -11.61 -36.61
N PRO B 136 5.60 -10.42 -36.25
CA PRO B 136 5.03 -9.52 -37.27
C PRO B 136 6.10 -9.12 -38.28
N ASP B 137 5.81 -9.36 -39.56
CA ASP B 137 6.76 -9.13 -40.65
C ASP B 137 8.07 -9.88 -40.39
N VAL B 138 7.93 -11.20 -40.22
CA VAL B 138 9.08 -12.02 -39.85
C VAL B 138 10.10 -12.07 -40.98
N HIS B 139 9.65 -11.93 -42.23
CA HIS B 139 10.58 -12.01 -43.35
C HIS B 139 11.57 -10.86 -43.34
N ASP B 140 11.17 -9.70 -42.83
CA ASP B 140 12.08 -8.58 -42.71
C ASP B 140 13.03 -8.71 -41.52
N THR B 141 12.92 -9.80 -40.74
CA THR B 141 13.84 -10.05 -39.64
C THR B 141 14.97 -10.98 -40.03
N GLY B 142 14.92 -11.58 -41.22
CA GLY B 142 15.95 -12.49 -41.67
C GLY B 142 15.86 -13.90 -41.11
N LYS B 143 14.96 -14.14 -40.15
CA LYS B 143 14.85 -15.47 -39.56
C LYS B 143 14.35 -16.51 -40.56
N CYS B 144 13.73 -16.07 -41.66
CA CYS B 144 13.17 -16.98 -42.65
C CYS B 144 14.12 -17.28 -43.80
N ASP B 145 15.30 -16.66 -43.82
CA ASP B 145 16.19 -16.84 -44.96
C ASP B 145 16.71 -18.27 -45.04
N VAL B 146 17.10 -18.86 -43.91
CA VAL B 146 17.69 -20.19 -43.93
C VAL B 146 16.65 -21.24 -44.33
N ASP B 147 15.40 -21.05 -43.90
CA ASP B 147 14.37 -22.03 -44.23
C ASP B 147 13.93 -21.91 -45.68
N LEU B 148 13.71 -20.68 -46.14
CA LEU B 148 13.26 -20.48 -47.51
C LEU B 148 14.37 -20.71 -48.53
N PHE B 149 15.63 -20.67 -48.11
CA PHE B 149 16.71 -21.02 -49.03
C PHE B 149 16.64 -22.47 -49.46
N ASP B 150 16.26 -23.35 -48.53
CA ASP B 150 16.14 -24.77 -48.84
C ASP B 150 14.74 -25.15 -49.32
N TRP B 151 13.72 -24.44 -48.86
CA TRP B 151 12.36 -24.76 -49.28
C TRP B 151 12.13 -24.40 -50.74
N CYS B 152 12.79 -23.35 -51.23
CA CYS B 152 12.59 -22.95 -52.62
C CYS B 152 13.50 -23.71 -53.57
N GLN B 153 14.67 -24.11 -53.09
CA GLN B 153 15.60 -24.93 -53.87
C GLN B 153 15.17 -26.38 -53.74
N GLY B 154 14.31 -26.81 -54.65
CA GLY B 154 13.80 -28.17 -54.63
C GLY B 154 12.42 -28.23 -55.27
N ASP B 155 11.79 -29.39 -55.17
CA ASP B 155 10.48 -29.60 -55.74
C ASP B 155 9.36 -28.93 -54.95
N THR B 156 9.68 -28.35 -53.79
CA THR B 156 8.73 -27.59 -53.00
C THR B 156 8.66 -26.13 -53.42
N PHE B 157 9.32 -25.76 -54.52
CA PHE B 157 9.37 -24.38 -54.98
C PHE B 157 7.99 -23.85 -55.36
N ASP B 158 7.48 -22.91 -54.56
CA ASP B 158 6.26 -22.19 -54.90
C ASP B 158 6.67 -20.88 -55.57
N ARG B 159 6.21 -20.68 -56.82
CA ARG B 159 6.63 -19.51 -57.58
C ARG B 159 6.28 -18.21 -56.86
N ASN B 160 5.01 -18.09 -56.44
CA ASN B 160 4.58 -16.86 -55.78
C ASN B 160 5.35 -16.62 -54.49
N ILE B 161 5.39 -17.62 -53.61
CA ILE B 161 6.01 -17.43 -52.30
C ILE B 161 7.50 -17.12 -52.44
N CYS B 162 8.19 -17.87 -53.30
CA CYS B 162 9.64 -17.70 -53.41
C CYS B 162 10.00 -16.39 -54.11
N HIS B 163 9.25 -16.03 -55.16
CA HIS B 163 9.47 -14.73 -55.79
C HIS B 163 9.23 -13.59 -54.80
N GLN B 164 8.15 -13.68 -54.01
CA GLN B 164 7.89 -12.64 -53.02
C GLN B 164 8.98 -12.62 -51.96
N TRP B 165 9.53 -13.78 -51.60
CA TRP B 165 10.62 -13.81 -50.64
C TRP B 165 11.87 -13.15 -51.19
N ILE B 166 12.18 -13.38 -52.47
CA ILE B 166 13.31 -12.70 -53.08
C ILE B 166 13.07 -11.20 -53.10
N GLY B 167 11.83 -10.78 -53.37
CA GLY B 167 11.52 -9.36 -53.31
C GLY B 167 11.73 -8.77 -51.93
N SER B 168 11.25 -9.49 -50.90
CA SER B 168 11.45 -9.02 -49.54
C SER B 168 12.93 -9.00 -49.16
N ALA B 169 13.72 -9.88 -49.77
CA ALA B 169 15.15 -9.86 -49.54
C ALA B 169 15.78 -8.62 -50.15
N PHE B 170 15.41 -8.29 -51.38
CA PHE B 170 15.93 -7.06 -51.98
C PHE B 170 15.37 -5.80 -51.33
N ASN B 171 14.31 -5.92 -50.52
CA ASN B 171 13.85 -4.84 -49.67
C ASN B 171 14.80 -4.74 -48.47
N ARG B 172 15.93 -4.05 -48.68
CA ARG B 172 16.97 -3.98 -47.67
C ARG B 172 16.71 -2.90 -46.64
N ALA B 173 15.92 -1.87 -46.98
CA ALA B 173 15.66 -0.79 -46.05
C ALA B 173 14.62 -1.13 -45.00
N ASP B 174 13.74 -2.11 -45.26
CA ASP B 174 12.70 -2.50 -44.32
C ASP B 174 13.13 -3.63 -43.39
N ARG B 175 14.39 -4.02 -43.43
CA ARG B 175 14.89 -5.10 -42.59
C ARG B 175 15.65 -4.54 -41.39
N THR B 176 15.62 -5.29 -40.29
CA THR B 176 16.40 -4.94 -39.11
C THR B 176 17.87 -5.23 -39.36
N VAL B 177 18.71 -4.91 -38.36
CA VAL B 177 20.15 -5.14 -38.48
C VAL B 177 20.43 -6.64 -38.64
N GLU B 178 19.75 -7.46 -37.85
CA GLU B 178 19.78 -8.91 -38.06
C GLU B 178 19.39 -9.26 -39.49
N GLY B 179 18.35 -8.60 -40.00
CA GLY B 179 17.96 -8.83 -41.38
C GLY B 179 19.03 -8.44 -42.37
N GLN B 180 19.75 -7.35 -42.11
CA GLN B 180 20.78 -6.89 -43.05
C GLN B 180 21.99 -7.82 -43.07
N GLN B 181 22.44 -8.28 -41.90
CA GLN B 181 23.56 -9.22 -41.89
C GLN B 181 23.16 -10.57 -42.48
N SER B 182 21.97 -11.06 -42.14
CA SER B 182 21.48 -12.28 -42.78
C SER B 182 21.32 -12.09 -44.28
N LEU B 183 21.05 -10.86 -44.72
CA LEU B 183 20.92 -10.58 -46.14
C LEU B 183 22.27 -10.63 -46.82
N ILE B 184 23.32 -10.12 -46.16
CA ILE B 184 24.67 -10.27 -46.70
C ILE B 184 25.01 -11.76 -46.85
N ASN B 185 24.75 -12.53 -45.80
CA ASN B 185 25.00 -13.97 -45.85
C ASN B 185 24.20 -14.64 -46.96
N LEU B 186 22.93 -14.23 -47.12
CA LEU B 186 22.08 -14.82 -48.14
C LEU B 186 22.55 -14.45 -49.55
N TYR B 187 23.03 -13.22 -49.73
CA TYR B 187 23.59 -12.83 -51.01
C TYR B 187 24.78 -13.72 -51.37
N ASN B 188 25.70 -13.91 -50.41
CA ASN B 188 26.86 -14.76 -50.69
C ASN B 188 26.43 -16.20 -50.97
N LYS B 189 25.45 -16.70 -50.21
CA LYS B 189 25.01 -18.08 -50.40
C LYS B 189 24.34 -18.28 -51.75
N MET B 190 23.47 -17.35 -52.14
CA MET B 190 22.84 -17.43 -53.45
C MET B 190 23.85 -17.28 -54.57
N GLN B 191 24.90 -16.48 -54.37
CA GLN B 191 25.95 -16.36 -55.39
C GLN B 191 26.68 -17.69 -55.57
N THR B 192 27.05 -18.32 -54.45
CA THR B 192 27.72 -19.62 -54.55
C THR B 192 26.79 -20.69 -55.10
N LEU B 193 25.48 -20.55 -54.90
CA LEU B 193 24.54 -21.55 -55.40
C LEU B 193 24.29 -21.41 -56.90
N CYS B 194 23.96 -20.20 -57.34
CA CYS B 194 23.57 -19.98 -58.73
C CYS B 194 24.75 -20.07 -59.69
N SER B 195 25.98 -20.02 -59.18
CA SER B 195 27.14 -20.21 -60.04
C SER B 195 27.26 -21.65 -60.53
N LYS B 196 26.67 -22.60 -59.81
CA LYS B 196 26.66 -23.98 -60.29
C LYS B 196 25.67 -24.16 -61.43
N ASP B 197 24.50 -23.55 -61.31
CA ASP B 197 23.46 -23.63 -62.33
C ASP B 197 22.45 -22.53 -62.09
N ALA B 198 22.18 -21.73 -63.12
CA ALA B 198 21.22 -20.64 -63.02
C ALA B 198 19.88 -20.98 -63.67
N SER B 199 19.73 -22.16 -64.27
CA SER B 199 18.47 -22.50 -64.91
C SER B 199 17.38 -22.83 -63.91
N VAL B 200 17.73 -23.10 -62.66
CA VAL B 200 16.77 -23.43 -61.62
C VAL B 200 15.87 -22.22 -61.37
N PRO B 201 14.59 -22.43 -61.01
CA PRO B 201 13.67 -21.28 -60.95
C PRO B 201 14.04 -20.25 -59.90
N ILE B 202 14.58 -20.69 -58.77
CA ILE B 202 14.94 -19.75 -57.70
C ILE B 202 16.06 -18.82 -58.16
N CYS B 203 17.06 -19.36 -58.86
CA CYS B 203 18.13 -18.50 -59.36
C CYS B 203 17.65 -17.62 -60.51
N GLU B 204 16.70 -18.10 -61.32
CA GLU B 204 16.13 -17.25 -62.35
C GLU B 204 15.41 -16.06 -61.73
N SER B 205 14.63 -16.30 -60.66
CA SER B 205 13.97 -15.18 -59.99
C SER B 205 14.97 -14.27 -59.30
N PHE B 206 16.07 -14.83 -58.80
CA PHE B 206 17.11 -14.01 -58.19
C PHE B 206 17.76 -13.09 -59.22
N LEU B 207 18.02 -13.62 -60.42
CA LEU B 207 18.53 -12.77 -61.49
C LEU B 207 17.51 -11.72 -61.91
N HIS B 208 16.22 -12.09 -61.95
CA HIS B 208 15.17 -11.14 -62.27
C HIS B 208 15.17 -9.97 -61.29
N HIS B 209 15.27 -10.28 -59.99
CA HIS B 209 15.24 -9.22 -59.00
C HIS B 209 16.55 -8.45 -58.96
N LEU B 210 17.67 -9.09 -59.31
CA LEU B 210 18.92 -8.36 -59.46
C LEU B 210 18.83 -7.36 -60.61
N ARG B 211 18.17 -7.72 -61.70
CA ARG B 211 17.87 -6.77 -62.76
C ARG B 211 17.00 -5.63 -62.23
N ALA B 212 15.95 -5.98 -61.49
CA ALA B 212 15.05 -4.97 -60.96
C ALA B 212 15.78 -3.99 -60.05
N HIS B 213 16.79 -4.46 -59.30
CA HIS B 213 17.52 -3.57 -58.40
C HIS B 213 18.29 -2.51 -59.17
N ASN B 214 18.98 -2.93 -60.24
CA ASN B 214 19.59 -2.00 -61.20
C ASN B 214 20.62 -1.10 -60.53
N THR B 215 21.57 -1.71 -59.83
CA THR B 215 22.72 -1.01 -59.26
C THR B 215 24.00 -1.58 -59.84
N GLU B 216 25.12 -0.95 -59.48
CA GLU B 216 26.40 -1.44 -59.96
C GLU B 216 26.71 -2.83 -59.39
N ASP B 217 26.51 -2.99 -58.08
CA ASP B 217 26.76 -4.28 -57.45
C ASP B 217 25.86 -5.36 -58.04
N SER B 218 24.58 -5.04 -58.27
CA SER B 218 23.67 -6.03 -58.83
C SER B 218 24.09 -6.43 -60.24
N LYS B 219 24.47 -5.46 -61.08
CA LYS B 219 24.89 -5.80 -62.44
C LYS B 219 26.16 -6.64 -62.42
N GLU B 220 27.13 -6.28 -61.58
CA GLU B 220 28.35 -7.07 -61.49
C GLU B 220 28.05 -8.49 -61.01
N MET B 221 27.10 -8.63 -60.08
CA MET B 221 26.76 -9.96 -59.59
C MET B 221 26.06 -10.79 -60.66
N ILE B 222 25.17 -10.17 -61.43
CA ILE B 222 24.54 -10.86 -62.56
C ILE B 222 25.61 -11.34 -63.53
N ASP B 223 26.56 -10.46 -63.87
CA ASP B 223 27.61 -10.82 -64.81
C ASP B 223 28.46 -11.97 -64.29
N TYR B 224 28.82 -11.94 -63.01
CA TYR B 224 29.61 -13.03 -62.44
C TYR B 224 28.83 -14.34 -62.47
N ILE B 225 27.56 -14.30 -62.05
CA ILE B 225 26.72 -15.52 -62.04
C ILE B 225 26.64 -16.11 -63.44
N LEU B 226 26.43 -15.27 -64.45
CA LEU B 226 26.27 -15.80 -65.80
C LEU B 226 27.60 -16.22 -66.41
N ARG B 227 28.72 -15.61 -66.02
CA ARG B 227 30.01 -16.00 -66.56
C ARG B 227 30.51 -17.30 -65.93
N GLN B 228 30.13 -17.59 -64.68
CA GLN B 228 30.53 -18.83 -64.04
C GLN B 228 29.71 -20.04 -64.50
N GLN B 229 28.86 -19.87 -65.50
CA GLN B 229 27.98 -20.94 -65.95
C GLN B 229 28.74 -21.94 -66.82
N SER B 230 28.16 -23.14 -66.94
CA SER B 230 28.76 -24.21 -67.70
C SER B 230 28.60 -23.97 -69.20
N ALA B 231 29.37 -24.72 -69.99
CA ALA B 231 29.35 -24.54 -71.43
C ALA B 231 27.99 -24.90 -72.01
N ASP B 232 27.37 -25.98 -71.52
CA ASP B 232 26.05 -26.36 -71.99
C ASP B 232 25.02 -25.29 -71.69
N PHE B 233 25.08 -24.72 -70.48
CA PHE B 233 24.16 -23.65 -70.12
C PHE B 233 24.33 -22.45 -71.02
N LYS B 234 25.58 -22.07 -71.31
CA LYS B 234 25.81 -20.94 -72.20
C LYS B 234 25.32 -21.23 -73.60
N GLN B 235 25.49 -22.47 -74.07
CA GLN B 235 25.04 -22.83 -75.41
C GLN B 235 23.53 -22.85 -75.50
N LYS B 236 22.84 -23.21 -74.42
CA LYS B 236 21.40 -23.33 -74.47
C LYS B 236 20.69 -22.00 -74.21
N TYR B 237 21.23 -21.16 -73.34
CA TYR B 237 20.54 -19.95 -72.90
C TYR B 237 21.21 -18.66 -73.31
N MET B 238 22.53 -18.63 -73.43
CA MET B 238 23.26 -17.39 -73.68
C MET B 238 23.80 -17.30 -75.10
N ARG B 239 22.99 -17.70 -76.09
CA ARG B 239 23.37 -17.53 -77.49
C ARG B 239 23.22 -16.08 -77.97
N CYS B 240 22.60 -15.22 -77.16
CA CYS B 240 22.55 -13.81 -77.50
C CYS B 240 23.81 -13.08 -77.04
N SER B 241 24.29 -13.39 -75.83
CA SER B 241 25.50 -12.76 -75.34
C SER B 241 26.74 -13.34 -76.00
N TYR B 242 26.70 -14.61 -76.40
CA TYR B 242 27.82 -15.32 -77.01
C TYR B 242 27.44 -15.71 -78.43
N PRO B 243 27.58 -14.80 -79.40
CA PRO B 243 27.20 -15.12 -80.77
C PRO B 243 28.28 -15.94 -81.47
N THR B 244 27.89 -16.54 -82.60
CA THR B 244 28.83 -17.24 -83.45
C THR B 244 29.64 -16.24 -84.27
N ARG B 245 30.72 -16.72 -84.87
CA ARG B 245 31.58 -15.83 -85.65
C ARG B 245 30.87 -15.31 -86.89
N ASP B 246 30.02 -16.12 -87.51
CA ASP B 246 29.29 -15.66 -88.69
C ASP B 246 28.32 -14.54 -88.33
N LYS B 247 27.57 -14.71 -87.24
CA LYS B 247 26.61 -13.68 -86.85
C LYS B 247 27.32 -12.41 -86.38
N LEU B 248 28.45 -12.57 -85.68
CA LEU B 248 29.21 -11.40 -85.25
C LEU B 248 29.79 -10.66 -86.46
N GLU B 249 30.22 -11.40 -87.48
CA GLU B 249 30.70 -10.75 -88.69
C GLU B 249 29.57 -10.04 -89.41
N GLU B 250 28.38 -10.65 -89.44
CA GLU B 250 27.25 -10.03 -90.13
C GLU B 250 26.76 -8.79 -89.39
N SER B 251 26.86 -8.78 -88.06
CA SER B 251 26.31 -7.67 -87.27
C SER B 251 27.02 -6.36 -87.55
N LEU B 252 28.24 -6.41 -88.09
CA LEU B 252 28.98 -5.19 -88.39
C LEU B 252 28.44 -4.45 -89.61
N LYS B 253 27.73 -5.15 -90.50
CA LYS B 253 27.19 -4.55 -91.72
C LYS B 253 26.01 -3.61 -91.45
N TYR B 254 25.60 -3.44 -90.20
CA TYR B 254 24.48 -2.57 -89.87
C TYR B 254 24.88 -1.64 -88.73
N ALA B 255 24.25 -0.46 -88.71
CA ALA B 255 24.59 0.53 -87.71
C ALA B 255 23.96 0.22 -86.35
N GLU B 256 22.79 -0.40 -86.35
CA GLU B 256 22.12 -0.73 -85.11
C GLU B 256 22.86 -1.83 -84.36
N PRO B 257 22.69 -1.91 -83.05
CA PRO B 257 23.30 -3.01 -82.28
C PRO B 257 22.77 -4.36 -82.72
N ARG B 258 23.59 -5.39 -82.52
CA ARG B 258 23.24 -6.72 -82.96
C ARG B 258 21.96 -7.22 -82.27
N GLU B 259 21.82 -6.92 -80.97
CA GLU B 259 20.71 -7.49 -80.21
C GLU B 259 19.35 -7.07 -80.75
N CYS B 260 19.28 -5.96 -81.48
CA CYS B 260 18.00 -5.49 -81.98
C CYS B 260 17.43 -6.43 -83.04
N TRP B 261 18.26 -6.86 -83.98
CA TRP B 261 17.80 -7.71 -85.06
C TRP B 261 18.15 -9.17 -84.88
N ASP B 262 19.09 -9.49 -83.97
CA ASP B 262 19.54 -10.86 -83.80
C ASP B 262 18.38 -11.75 -83.40
N PRO B 263 18.06 -12.78 -84.19
CA PRO B 263 17.00 -13.72 -83.77
C PRO B 263 17.32 -14.45 -82.47
N GLU B 264 18.61 -14.65 -82.16
CA GLU B 264 18.95 -15.25 -80.88
C GLU B 264 18.65 -14.31 -79.71
N CYS B 265 18.52 -13.01 -79.97
CA CYS B 265 18.09 -12.07 -78.95
C CYS B 265 16.63 -11.70 -79.04
N SER B 266 16.00 -11.92 -80.20
CA SER B 266 14.58 -11.64 -80.35
C SER B 266 13.75 -12.53 -79.43
N ASN B 267 14.05 -13.83 -79.41
CA ASN B 267 13.37 -14.78 -78.54
C ASN B 267 14.44 -15.43 -77.66
N ALA B 268 14.64 -14.85 -76.47
CA ALA B 268 15.56 -15.37 -75.48
C ALA B 268 15.06 -14.96 -74.10
N ASN B 269 15.38 -15.78 -73.10
CA ASN B 269 14.99 -15.46 -71.73
C ASN B 269 15.79 -14.26 -71.25
N VAL B 270 15.08 -13.17 -70.93
CA VAL B 270 15.77 -11.92 -70.62
C VAL B 270 16.55 -12.01 -69.32
N ASN B 271 16.19 -12.94 -68.44
CA ASN B 271 16.93 -13.10 -67.19
C ASN B 271 18.29 -13.75 -67.39
N PHE B 272 18.57 -14.32 -68.57
CA PHE B 272 19.83 -14.99 -68.83
C PHE B 272 20.72 -14.20 -69.79
N LEU B 273 20.53 -12.89 -69.88
CA LEU B 273 21.36 -12.03 -70.71
C LEU B 273 22.38 -11.31 -69.84
N LEU B 274 23.52 -11.00 -70.44
CA LEU B 274 24.49 -10.18 -69.72
C LEU B 274 23.98 -8.75 -69.63
N THR B 275 24.49 -8.01 -68.63
CA THR B 275 24.04 -6.64 -68.43
C THR B 275 24.35 -5.77 -69.64
N ARG B 276 25.48 -6.02 -70.32
CA ARG B 276 25.78 -5.31 -71.56
C ARG B 276 24.70 -5.57 -72.61
N ASN B 277 24.33 -6.84 -72.80
CA ASN B 277 23.26 -7.16 -73.75
C ASN B 277 21.93 -6.60 -73.29
N TYR B 278 21.63 -6.68 -71.99
CA TYR B 278 20.36 -6.18 -71.49
C TYR B 278 20.23 -4.68 -71.72
N ASN B 279 21.34 -3.94 -71.60
CA ASN B 279 21.29 -2.50 -71.84
C ASN B 279 21.25 -2.19 -73.33
N ASN B 280 22.06 -2.89 -74.13
CA ASN B 280 22.07 -2.66 -75.57
C ASN B 280 20.72 -2.98 -76.18
N LEU B 281 19.95 -3.86 -75.55
CA LEU B 281 18.61 -4.15 -76.03
C LEU B 281 17.67 -2.96 -75.88
N GLY B 282 17.99 -2.02 -75.00
CA GLY B 282 17.22 -0.80 -74.83
C GLY B 282 17.69 0.38 -75.64
N LEU B 283 18.90 0.30 -76.19
CA LEU B 283 19.43 1.34 -77.06
C LEU B 283 18.97 1.20 -78.50
N CYS B 284 18.07 0.25 -78.79
CA CYS B 284 17.57 0.09 -80.15
C CYS B 284 16.65 1.25 -80.52
N ASN B 285 16.85 1.80 -81.70
CA ASN B 285 15.99 2.86 -82.23
C ASN B 285 14.83 2.22 -82.97
N ILE B 286 13.61 2.55 -82.56
CA ILE B 286 12.40 1.98 -83.14
C ILE B 286 11.84 2.98 -84.15
N VAL B 287 11.63 2.52 -85.37
CA VAL B 287 11.11 3.41 -86.42
C VAL B 287 9.63 3.65 -86.14
N ARG B 288 9.26 4.93 -86.05
CA ARG B 288 7.89 5.30 -85.75
C ARG B 288 7.35 6.33 -86.74
N GLU C 3 13.38 2.51 -94.95
CA GLU C 3 12.14 3.09 -94.48
C GLU C 3 10.97 2.18 -94.81
N VAL C 4 9.94 2.21 -93.96
CA VAL C 4 8.74 1.40 -94.13
C VAL C 4 7.56 2.34 -94.38
N GLN C 5 6.71 1.97 -95.33
CA GLN C 5 5.54 2.75 -95.70
C GLN C 5 4.32 1.84 -95.78
N LEU C 6 3.18 2.33 -95.30
CA LEU C 6 1.93 1.58 -95.32
C LEU C 6 0.88 2.34 -96.10
N VAL C 7 0.18 1.65 -96.99
CA VAL C 7 -0.84 2.24 -97.84
C VAL C 7 -2.14 1.49 -97.63
N GLU C 8 -3.19 2.21 -97.24
CA GLU C 8 -4.53 1.65 -97.07
C GLU C 8 -5.40 1.97 -98.27
N SER C 9 -6.35 1.09 -98.53
CA SER C 9 -7.29 1.27 -99.64
C SER C 9 -8.53 0.44 -99.36
N GLY C 10 -9.59 0.72 -100.12
CA GLY C 10 -10.83 -0.02 -100.03
C GLY C 10 -11.88 0.60 -99.14
N GLY C 11 -11.57 1.71 -98.46
CA GLY C 11 -12.55 2.36 -97.61
C GLY C 11 -13.47 3.26 -98.40
N GLY C 12 -14.74 3.27 -98.01
CA GLY C 12 -15.71 4.09 -98.69
C GLY C 12 -17.01 4.18 -97.90
N LEU C 13 -17.96 4.90 -98.48
CA LEU C 13 -19.28 5.09 -97.87
C LEU C 13 -20.19 3.92 -98.25
N VAL C 14 -20.97 3.45 -97.28
CA VAL C 14 -21.84 2.31 -97.47
C VAL C 14 -23.04 2.45 -96.53
N GLN C 15 -24.21 2.03 -97.00
CA GLN C 15 -25.41 2.03 -96.17
C GLN C 15 -25.23 1.06 -94.99
N ALA C 16 -25.91 1.36 -93.89
CA ALA C 16 -25.84 0.52 -92.70
C ALA C 16 -26.37 -0.87 -93.01
N GLY C 17 -25.55 -1.89 -92.75
CA GLY C 17 -25.90 -3.27 -93.01
C GLY C 17 -25.18 -3.91 -94.17
N GLY C 18 -24.31 -3.19 -94.87
CA GLY C 18 -23.60 -3.70 -96.02
C GLY C 18 -22.30 -4.39 -95.67
N SER C 19 -21.35 -4.29 -96.60
CA SER C 19 -20.04 -4.92 -96.44
C SER C 19 -19.00 -4.09 -97.15
N LEU C 20 -17.73 -4.33 -96.78
CA LEU C 20 -16.62 -3.57 -97.37
C LEU C 20 -15.32 -4.27 -97.04
N ARG C 21 -14.39 -4.30 -98.00
CA ARG C 21 -13.09 -4.93 -97.78
C ARG C 21 -11.99 -3.87 -97.84
N LEU C 22 -11.13 -3.88 -96.83
CA LEU C 22 -9.97 -3.00 -96.75
C LEU C 22 -8.70 -3.78 -97.09
N SER C 23 -7.73 -3.06 -97.64
CA SER C 23 -6.45 -3.63 -98.01
C SER C 23 -5.33 -2.73 -97.52
N CYS C 24 -4.26 -3.34 -97.02
CA CYS C 24 -3.12 -2.63 -96.47
C CYS C 24 -1.85 -3.23 -97.06
N VAL C 25 -1.05 -2.41 -97.72
CA VAL C 25 0.16 -2.86 -98.40
C VAL C 25 1.37 -2.19 -97.77
N ALA C 26 2.42 -2.97 -97.55
CA ALA C 26 3.68 -2.49 -96.99
C ALA C 26 4.72 -2.34 -98.11
N SER C 27 5.54 -1.30 -98.01
CA SER C 27 6.54 -1.02 -99.02
C SER C 27 7.78 -0.45 -98.36
N GLY C 28 8.88 -0.46 -99.12
CA GLY C 28 10.14 0.07 -98.64
C GLY C 28 11.10 -1.02 -98.23
N SER C 29 12.17 -0.59 -97.56
CA SER C 29 13.18 -1.52 -97.04
C SER C 29 12.57 -2.29 -95.88
N ILE C 30 12.20 -3.54 -96.14
CA ILE C 30 11.54 -4.38 -95.15
C ILE C 30 12.17 -5.76 -95.19
N PHE C 31 12.67 -6.23 -94.05
CA PHE C 31 13.27 -7.55 -93.94
C PHE C 31 12.41 -8.54 -93.17
N MET C 32 11.54 -8.06 -92.28
CA MET C 32 10.69 -8.92 -91.46
C MET C 32 9.34 -8.24 -91.25
N ILE C 33 8.26 -9.02 -91.37
CA ILE C 33 6.90 -8.56 -91.11
C ILE C 33 6.32 -9.50 -90.06
N ASP C 34 6.39 -9.11 -88.79
CA ASP C 34 5.98 -10.00 -87.70
C ASP C 34 4.46 -10.02 -87.56
N ASP C 35 3.88 -8.94 -87.03
CA ASP C 35 2.45 -8.86 -86.80
C ASP C 35 1.87 -7.64 -87.52
N MET C 36 0.62 -7.80 -87.97
CA MET C 36 -0.10 -6.73 -88.65
C MET C 36 -1.54 -6.72 -88.17
N GLY C 37 -1.97 -5.58 -87.63
CA GLY C 37 -3.32 -5.44 -87.10
C GLY C 37 -4.01 -4.22 -87.66
N TRP C 38 -5.24 -4.02 -87.21
CA TRP C 38 -6.07 -2.91 -87.65
C TRP C 38 -6.59 -2.15 -86.44
N TYR C 39 -6.40 -0.83 -86.47
CA TYR C 39 -6.94 0.08 -85.47
C TYR C 39 -8.01 0.96 -86.09
N ARG C 40 -8.85 1.53 -85.23
CA ARG C 40 -10.00 2.33 -85.66
C ARG C 40 -10.15 3.53 -84.73
N ARG C 41 -10.27 4.72 -85.33
CA ARG C 41 -10.44 5.96 -84.58
C ARG C 41 -11.64 6.72 -85.09
N ALA C 42 -12.51 7.14 -84.16
CA ALA C 42 -13.66 7.95 -84.48
C ALA C 42 -13.40 9.41 -84.12
N PRO C 43 -14.05 10.36 -84.80
CA PRO C 43 -13.88 11.77 -84.44
C PRO C 43 -14.35 12.04 -83.02
N GLY C 44 -13.44 12.58 -82.20
CA GLY C 44 -13.72 12.82 -80.80
C GLY C 44 -13.51 11.64 -79.89
N ASN C 45 -13.26 10.45 -80.43
CA ASN C 45 -13.02 9.25 -79.65
C ASN C 45 -11.60 8.76 -79.87
N GLU C 46 -11.10 7.98 -78.92
CA GLU C 46 -9.73 7.47 -78.96
C GLU C 46 -9.65 6.29 -79.93
N ARG C 47 -8.49 5.64 -79.97
CA ARG C 47 -8.30 4.49 -80.84
C ARG C 47 -8.95 3.24 -80.25
N GLU C 48 -9.19 2.27 -81.12
CA GLU C 48 -9.78 1.00 -80.70
C GLU C 48 -9.27 -0.11 -81.60
N TRP C 49 -8.69 -1.14 -80.99
CA TRP C 49 -8.19 -2.27 -81.75
C TRP C 49 -9.34 -3.10 -82.32
N VAL C 50 -9.17 -3.57 -83.55
CA VAL C 50 -10.21 -4.26 -84.29
C VAL C 50 -9.84 -5.72 -84.53
N ALA C 51 -8.66 -5.97 -85.09
CA ALA C 51 -8.23 -7.33 -85.40
C ALA C 51 -6.72 -7.34 -85.55
N THR C 52 -6.16 -8.55 -85.57
CA THR C 52 -4.71 -8.72 -85.70
C THR C 52 -4.44 -10.07 -86.35
N THR C 53 -3.41 -10.11 -87.21
CA THR C 53 -2.90 -11.37 -87.75
C THR C 53 -1.40 -11.43 -87.51
N HIS C 54 -0.96 -12.54 -86.92
CA HIS C 54 0.46 -12.78 -86.68
C HIS C 54 1.11 -13.31 -87.95
N SER C 55 2.39 -13.66 -87.84
CA SER C 55 3.04 -14.44 -88.88
C SER C 55 2.49 -15.86 -88.83
N GLY C 56 2.06 -16.36 -89.99
CA GLY C 56 1.48 -17.68 -90.05
C GLY C 56 -0.03 -17.72 -90.18
N GLY C 57 -0.67 -16.58 -90.41
CA GLY C 57 -2.08 -16.53 -90.69
C GLY C 57 -3.00 -16.57 -89.49
N SER C 58 -2.46 -16.74 -88.28
CA SER C 58 -3.31 -16.78 -87.09
C SER C 58 -4.05 -15.47 -86.91
N THR C 59 -5.34 -15.55 -86.59
CA THR C 59 -6.20 -14.39 -86.49
C THR C 59 -6.71 -14.22 -85.06
N VAL C 60 -6.74 -12.97 -84.60
CA VAL C 60 -7.32 -12.61 -83.31
C VAL C 60 -8.23 -11.42 -83.55
N TYR C 61 -9.52 -11.58 -83.24
CA TYR C 61 -10.51 -10.54 -83.45
C TYR C 61 -10.91 -9.91 -82.12
N ALA C 62 -11.32 -8.64 -82.20
CA ALA C 62 -11.83 -7.95 -81.03
C ALA C 62 -13.30 -8.31 -80.80
N ASP C 63 -13.71 -8.27 -79.53
CA ASP C 63 -15.07 -8.65 -79.17
C ASP C 63 -16.11 -7.73 -79.81
N SER C 64 -15.70 -6.56 -80.30
CA SER C 64 -16.64 -5.65 -80.95
C SER C 64 -17.04 -6.12 -82.33
N VAL C 65 -16.22 -6.93 -82.99
CA VAL C 65 -16.48 -7.34 -84.37
C VAL C 65 -16.18 -8.82 -84.56
N LYS C 66 -16.38 -9.61 -83.52
CA LYS C 66 -16.23 -11.05 -83.65
C LYS C 66 -17.30 -11.61 -84.59
N GLY C 67 -16.87 -12.47 -85.51
CA GLY C 67 -17.81 -13.11 -86.42
C GLY C 67 -18.22 -12.22 -87.58
N ARG C 68 -18.23 -10.90 -87.35
CA ARG C 68 -18.57 -9.96 -88.40
C ARG C 68 -17.39 -9.73 -89.34
N PHE C 69 -16.23 -9.38 -88.78
CA PHE C 69 -15.05 -9.07 -89.55
C PHE C 69 -14.14 -10.28 -89.66
N THR C 70 -13.31 -10.29 -90.71
CA THR C 70 -12.39 -11.39 -90.97
C THR C 70 -11.10 -10.83 -91.54
N ILE C 71 -9.98 -11.10 -90.88
CA ILE C 71 -8.68 -10.59 -91.31
C ILE C 71 -7.90 -11.73 -91.96
N SER C 72 -7.04 -11.37 -92.91
CA SER C 72 -6.20 -12.34 -93.60
C SER C 72 -4.96 -11.64 -94.13
N ARG C 73 -3.93 -12.42 -94.40
CA ARG C 73 -2.65 -11.89 -94.85
C ARG C 73 -2.21 -12.61 -96.12
N ASP C 74 -1.28 -11.97 -96.83
CA ASP C 74 -0.69 -12.51 -98.05
C ASP C 74 0.77 -12.10 -98.04
N ASN C 75 1.64 -13.04 -97.66
CA ASN C 75 3.07 -12.76 -97.59
C ASN C 75 3.76 -12.84 -98.94
N ALA C 76 3.12 -13.47 -99.93
CA ALA C 76 3.66 -13.43 -101.27
C ALA C 76 3.61 -12.02 -101.87
N LYS C 77 2.73 -11.17 -101.36
CA LYS C 77 2.60 -9.80 -101.83
C LYS C 77 2.69 -8.76 -100.72
N ASN C 78 2.92 -9.18 -99.48
CA ASN C 78 3.03 -8.28 -98.32
C ASN C 78 1.79 -7.40 -98.18
N THR C 79 0.64 -8.06 -98.05
CA THR C 79 -0.62 -7.35 -97.98
C THR C 79 -1.50 -7.96 -96.89
N VAL C 80 -2.42 -7.16 -96.36
CA VAL C 80 -3.37 -7.61 -95.36
C VAL C 80 -4.76 -7.15 -95.78
N TYR C 81 -5.70 -8.09 -95.82
CA TYR C 81 -7.08 -7.82 -96.18
C TYR C 81 -7.97 -7.96 -94.97
N LEU C 82 -9.03 -7.14 -94.95
CA LEU C 82 -10.00 -7.14 -93.86
C LEU C 82 -11.39 -7.05 -94.46
N GLN C 83 -12.16 -8.14 -94.36
CA GLN C 83 -13.54 -8.15 -94.80
C GLN C 83 -14.44 -7.72 -93.64
N MET C 84 -15.38 -6.83 -93.93
CA MET C 84 -16.28 -6.27 -92.92
C MET C 84 -17.72 -6.50 -93.39
N ASN C 85 -18.40 -7.42 -92.72
CA ASN C 85 -19.78 -7.78 -93.03
C ASN C 85 -20.69 -7.38 -91.89
N SER C 86 -21.98 -7.21 -92.22
CA SER C 86 -23.01 -6.77 -91.28
C SER C 86 -22.60 -5.47 -90.60
N LEU C 87 -22.40 -4.45 -91.42
CA LEU C 87 -21.92 -3.16 -90.94
C LEU C 87 -23.00 -2.43 -90.15
N LYS C 88 -22.56 -1.55 -89.27
CA LYS C 88 -23.42 -0.80 -88.36
C LYS C 88 -23.05 0.68 -88.43
N PRO C 89 -23.97 1.56 -88.05
CA PRO C 89 -23.63 3.00 -88.05
C PRO C 89 -22.57 3.36 -87.04
N GLU C 90 -22.36 2.54 -86.01
CA GLU C 90 -21.33 2.81 -85.02
C GLU C 90 -19.93 2.48 -85.51
N ASP C 91 -19.79 1.81 -86.65
CA ASP C 91 -18.49 1.53 -87.24
C ASP C 91 -17.93 2.72 -88.01
N THR C 92 -18.68 3.82 -88.10
CA THR C 92 -18.22 5.01 -88.81
C THR C 92 -16.99 5.60 -88.14
N ALA C 93 -15.82 5.32 -88.71
CA ALA C 93 -14.55 5.77 -88.17
C ALA C 93 -13.45 5.43 -89.17
N VAL C 94 -12.31 6.08 -89.03
CA VAL C 94 -11.19 5.87 -89.93
C VAL C 94 -10.39 4.67 -89.44
N TYR C 95 -10.02 3.79 -90.38
CA TYR C 95 -9.28 2.57 -90.08
C TYR C 95 -7.84 2.72 -90.53
N TYR C 96 -6.91 2.30 -89.67
CA TYR C 96 -5.49 2.26 -89.97
C TYR C 96 -4.98 0.83 -89.79
N CYS C 97 -3.84 0.53 -90.40
CA CYS C 97 -3.17 -0.75 -90.20
C CYS C 97 -1.82 -0.53 -89.55
N ASN C 98 -1.58 -1.27 -88.47
CA ASN C 98 -0.35 -1.24 -87.70
C ASN C 98 0.51 -2.45 -88.07
N ALA C 99 1.82 -2.25 -88.15
CA ALA C 99 2.72 -3.33 -88.54
C ALA C 99 4.01 -3.26 -87.74
N GLN C 100 4.49 -4.42 -87.30
CA GLN C 100 5.76 -4.50 -86.58
C GLN C 100 6.72 -5.43 -87.31
N GLY C 101 8.01 -5.06 -87.29
CA GLY C 101 9.01 -5.92 -87.91
C GLY C 101 10.38 -5.27 -87.94
N LEU C 102 11.16 -5.67 -88.94
CA LEU C 102 12.53 -5.19 -89.15
C LEU C 102 12.64 -4.53 -90.52
N THR C 103 13.42 -3.45 -90.58
CA THR C 103 13.67 -2.78 -91.85
C THR C 103 14.76 -3.48 -92.63
N GLY C 104 15.05 -2.97 -93.83
CA GLY C 104 16.11 -3.53 -94.64
C GLY C 104 17.48 -3.41 -93.99
N SER C 105 17.71 -2.32 -93.26
CA SER C 105 18.94 -2.13 -92.49
C SER C 105 18.88 -2.78 -91.12
N ARG C 106 17.94 -3.71 -90.91
CA ARG C 106 17.83 -4.49 -89.67
C ARG C 106 17.55 -3.59 -88.47
N GLN C 107 16.60 -2.67 -88.65
CA GLN C 107 16.17 -1.77 -87.60
C GLN C 107 14.73 -2.10 -87.23
N ARG C 108 14.42 -2.06 -85.94
CA ARG C 108 13.08 -2.35 -85.46
C ARG C 108 12.11 -1.24 -85.89
N TYR C 109 10.94 -1.64 -86.39
CA TYR C 109 9.90 -0.68 -86.74
C TYR C 109 8.57 -1.15 -86.18
N ASP C 110 7.79 -0.18 -85.67
CA ASP C 110 6.41 -0.37 -85.26
C ASP C 110 5.68 0.84 -85.85
N VAL C 111 5.14 0.66 -87.06
CA VAL C 111 4.63 1.79 -87.84
C VAL C 111 3.13 1.66 -88.02
N LEU C 112 2.52 2.79 -88.37
CA LEU C 112 1.07 2.90 -88.53
C LEU C 112 0.80 3.92 -89.62
N GLY C 113 0.21 3.48 -90.73
CA GLY C 113 0.01 4.36 -91.86
C GLY C 113 -1.33 5.07 -91.86
N GLN C 114 -1.39 6.17 -92.60
CA GLN C 114 -2.62 6.94 -92.73
C GLN C 114 -3.65 6.15 -93.53
N GLY C 115 -4.81 5.87 -92.91
CA GLY C 115 -5.82 5.03 -93.51
C GLY C 115 -6.91 5.82 -94.20
N THR C 116 -7.80 5.08 -94.87
CA THR C 116 -8.92 5.67 -95.60
C THR C 116 -10.12 5.85 -94.68
N GLN C 117 -11.08 6.64 -95.15
CA GLN C 117 -12.28 6.96 -94.37
C GLN C 117 -13.36 5.91 -94.64
N VAL C 118 -13.98 5.42 -93.57
CA VAL C 118 -15.06 4.45 -93.66
C VAL C 118 -16.25 5.00 -92.87
N THR C 119 -17.41 5.07 -93.51
CA THR C 119 -18.62 5.58 -92.87
C THR C 119 -19.83 4.70 -93.15
N GLU D 3 44.48 9.52 -96.64
CA GLU D 3 44.17 10.72 -95.88
C GLU D 3 43.41 10.37 -94.59
N VAL D 4 42.84 9.17 -94.54
CA VAL D 4 42.19 8.67 -93.33
C VAL D 4 43.23 7.94 -92.49
N GLN D 5 43.31 8.32 -91.21
CA GLN D 5 44.33 7.83 -90.29
C GLN D 5 43.69 6.90 -89.28
N LEU D 6 44.08 5.62 -89.32
CA LEU D 6 43.67 4.62 -88.34
C LEU D 6 44.92 3.88 -87.87
N GLN D 7 45.79 4.58 -87.17
CA GLN D 7 47.07 4.02 -86.74
C GLN D 7 46.88 3.37 -85.38
N ALA D 8 46.92 2.04 -85.35
CA ALA D 8 46.88 1.32 -84.09
C ALA D 8 48.23 1.36 -83.40
N SER D 9 48.20 1.34 -82.07
CA SER D 9 49.42 1.40 -81.29
C SER D 9 49.13 0.87 -79.88
N GLY D 10 50.19 0.69 -79.11
CA GLY D 10 50.08 0.21 -77.75
C GLY D 10 50.42 -1.26 -77.56
N GLY D 11 50.59 -2.01 -78.64
CA GLY D 11 50.92 -3.41 -78.54
C GLY D 11 52.32 -3.64 -78.00
N GLY D 12 52.60 -4.90 -77.69
CA GLY D 12 53.90 -5.25 -77.16
C GLY D 12 53.90 -6.67 -76.65
N LEU D 13 54.93 -6.98 -75.86
CA LEU D 13 55.13 -8.30 -75.30
C LEU D 13 54.70 -8.31 -73.84
N VAL D 14 53.80 -9.24 -73.50
CA VAL D 14 53.31 -9.37 -72.13
C VAL D 14 53.26 -10.85 -71.76
N GLN D 15 53.46 -11.12 -70.47
CA GLN D 15 53.31 -12.46 -69.96
C GLN D 15 51.83 -12.80 -69.79
N PRO D 16 51.49 -14.08 -69.70
CA PRO D 16 50.08 -14.45 -69.49
C PRO D 16 49.52 -13.78 -68.25
N GLY D 17 48.26 -13.34 -68.36
CA GLY D 17 47.59 -12.62 -67.30
C GLY D 17 47.75 -11.11 -67.37
N GLY D 18 48.77 -10.61 -68.04
CA GLY D 18 49.01 -9.19 -68.14
C GLY D 18 47.93 -8.48 -68.93
N SER D 19 48.06 -7.15 -68.98
CA SER D 19 47.09 -6.30 -69.65
C SER D 19 47.81 -5.41 -70.66
N LEU D 20 47.03 -4.90 -71.62
CA LEU D 20 47.54 -3.96 -72.61
C LEU D 20 46.40 -3.06 -73.07
N ARG D 21 46.70 -1.78 -73.23
CA ARG D 21 45.72 -0.82 -73.72
C ARG D 21 46.13 -0.38 -75.13
N LEU D 22 45.43 -0.92 -76.12
CA LEU D 22 45.66 -0.53 -77.52
C LEU D 22 44.83 0.70 -77.84
N SER D 23 45.43 1.63 -78.59
CA SER D 23 44.78 2.88 -78.97
C SER D 23 44.74 3.00 -80.49
N CYS D 24 43.68 3.64 -80.98
CA CYS D 24 43.52 3.92 -82.41
C CYS D 24 42.82 5.26 -82.52
N ALA D 25 43.56 6.29 -82.95
CA ALA D 25 43.04 7.64 -83.04
C ALA D 25 42.70 7.95 -84.49
N ALA D 26 41.43 8.23 -84.75
CA ALA D 26 40.96 8.46 -86.11
C ALA D 26 41.19 9.90 -86.53
N SER D 27 41.54 10.11 -87.81
CA SER D 27 41.72 11.44 -88.39
C SER D 27 41.13 11.41 -89.80
N GLY D 28 39.81 11.61 -89.88
CA GLY D 28 39.12 11.54 -91.15
C GLY D 28 37.81 10.81 -91.02
N ILE D 29 37.52 10.35 -89.82
CA ILE D 29 36.32 9.57 -89.52
C ILE D 29 35.78 10.01 -88.17
N VAL D 30 34.51 10.39 -88.13
CA VAL D 30 33.84 10.74 -86.89
C VAL D 30 33.16 9.50 -86.33
N PHE D 31 33.28 9.31 -85.02
CA PHE D 31 32.69 8.13 -84.39
C PHE D 31 31.16 8.18 -84.40
N SER D 32 30.58 9.38 -84.44
CA SER D 32 29.13 9.51 -84.48
C SER D 32 28.51 8.98 -85.76
N ASN D 33 29.31 8.61 -86.76
CA ASN D 33 28.81 8.10 -88.03
C ASN D 33 29.32 6.71 -88.35
N ASN D 34 30.15 6.12 -87.51
CA ASN D 34 30.85 4.90 -87.87
C ASN D 34 30.83 3.88 -86.74
N ARG D 35 30.64 2.62 -87.12
CA ARG D 35 30.89 1.48 -86.24
C ARG D 35 32.38 1.20 -86.23
N MET D 36 32.99 1.23 -85.05
CA MET D 36 34.42 1.03 -84.88
C MET D 36 34.68 -0.37 -84.34
N SER D 37 35.46 -1.15 -85.07
CA SER D 37 35.78 -2.51 -84.68
C SER D 37 37.29 -2.69 -84.53
N TRP D 38 37.65 -3.55 -83.58
CA TRP D 38 39.02 -4.02 -83.42
C TRP D 38 39.08 -5.45 -83.94
N TYR D 39 39.90 -5.66 -84.97
CA TYR D 39 40.18 -6.97 -85.53
C TYR D 39 41.55 -7.44 -85.05
N ARG D 40 41.78 -8.74 -85.17
CA ARG D 40 43.11 -9.31 -84.99
C ARG D 40 43.32 -10.39 -86.04
N GLN D 41 44.59 -10.59 -86.39
CA GLN D 41 44.98 -11.65 -87.30
C GLN D 41 46.24 -12.32 -86.77
N ALA D 42 46.20 -13.63 -86.64
CA ALA D 42 47.35 -14.38 -86.17
C ALA D 42 48.11 -14.99 -87.33
N PRO D 43 49.43 -15.15 -87.21
CA PRO D 43 50.20 -15.77 -88.30
C PRO D 43 49.75 -17.20 -88.56
N GLY D 44 49.25 -17.43 -89.78
CA GLY D 44 48.78 -18.73 -90.20
C GLY D 44 47.27 -18.81 -90.34
N LYS D 45 46.54 -17.98 -89.60
CA LYS D 45 45.09 -17.93 -89.64
C LYS D 45 44.63 -16.62 -90.25
N GLN D 46 43.32 -16.53 -90.53
CA GLN D 46 42.73 -15.33 -91.08
C GLN D 46 42.28 -14.39 -89.97
N ARG D 47 41.87 -13.19 -90.37
CA ARG D 47 41.47 -12.19 -89.40
C ARG D 47 40.12 -12.54 -88.78
N GLU D 48 39.86 -11.97 -87.60
CA GLU D 48 38.61 -12.18 -86.89
C GLU D 48 38.30 -10.94 -86.05
N VAL D 49 37.00 -10.68 -85.89
CA VAL D 49 36.57 -9.54 -85.09
C VAL D 49 36.87 -9.81 -83.63
N VAL D 50 37.50 -8.85 -82.96
CA VAL D 50 37.74 -8.94 -81.53
C VAL D 50 36.72 -8.13 -80.75
N ALA D 51 36.48 -6.89 -81.17
CA ALA D 51 35.52 -6.05 -80.47
C ALA D 51 34.87 -5.10 -81.47
N THR D 52 33.74 -4.53 -81.06
CA THR D 52 33.08 -3.55 -81.92
C THR D 52 32.20 -2.64 -81.06
N ILE D 53 32.01 -1.42 -81.54
CA ILE D 53 31.14 -0.44 -80.88
C ILE D 53 30.45 0.39 -81.96
N THR D 54 29.13 0.50 -81.86
CA THR D 54 28.34 1.18 -82.88
C THR D 54 28.51 2.68 -82.76
N SER D 55 27.70 3.45 -83.50
CA SER D 55 27.69 4.89 -83.36
C SER D 55 27.36 5.29 -81.93
N GLY D 56 26.35 4.63 -81.33
CA GLY D 56 26.13 4.74 -79.91
C GLY D 56 27.07 3.81 -79.14
N GLY D 57 27.08 3.98 -77.83
CA GLY D 57 28.03 3.26 -77.00
C GLY D 57 27.85 1.75 -76.96
N ALA D 58 26.98 1.22 -77.80
CA ALA D 58 26.70 -0.21 -77.79
C ALA D 58 27.94 -1.00 -78.17
N THR D 59 28.41 -1.84 -77.26
CA THR D 59 29.60 -2.64 -77.48
C THR D 59 29.23 -4.11 -77.65
N ASP D 60 30.08 -4.82 -78.40
CA ASP D 60 29.93 -6.25 -78.62
C ASP D 60 31.31 -6.86 -78.72
N TYR D 61 31.45 -8.09 -78.20
CA TYR D 61 32.73 -8.75 -78.11
C TYR D 61 32.63 -10.17 -78.63
N GLN D 62 33.77 -10.68 -79.11
CA GLN D 62 33.85 -12.09 -79.44
C GLN D 62 33.78 -12.94 -78.18
N ASP D 63 33.14 -14.10 -78.27
CA ASP D 63 32.91 -14.91 -77.09
C ASP D 63 34.21 -15.41 -76.47
N SER D 64 35.26 -15.58 -77.28
CA SER D 64 36.52 -16.07 -76.74
C SER D 64 37.18 -15.04 -75.83
N VAL D 65 36.95 -13.75 -76.08
CA VAL D 65 37.57 -12.68 -75.32
C VAL D 65 36.54 -11.92 -74.49
N GLU D 66 35.31 -12.43 -74.39
CA GLU D 66 34.27 -11.75 -73.65
C GLU D 66 34.62 -11.67 -72.18
N GLY D 67 34.43 -10.50 -71.58
CA GLY D 67 34.77 -10.24 -70.20
C GLY D 67 36.23 -9.89 -69.96
N ARG D 68 37.15 -10.39 -70.79
CA ARG D 68 38.56 -10.07 -70.64
C ARG D 68 38.94 -8.81 -71.39
N PHE D 69 38.29 -8.52 -72.51
CA PHE D 69 38.57 -7.33 -73.30
C PHE D 69 37.45 -6.32 -73.12
N THR D 70 37.81 -5.04 -73.16
CA THR D 70 36.86 -3.94 -73.05
C THR D 70 37.17 -2.91 -74.12
N ILE D 71 36.22 -2.66 -75.01
CA ILE D 71 36.38 -1.66 -76.07
C ILE D 71 35.79 -0.34 -75.57
N SER D 72 36.61 0.71 -75.59
CA SER D 72 36.24 2.02 -75.08
C SER D 72 36.30 3.04 -76.21
N ARG D 73 35.65 4.18 -76.00
CA ARG D 73 35.52 5.20 -77.04
C ARG D 73 35.55 6.58 -76.41
N ASP D 74 36.42 7.45 -76.94
CA ASP D 74 36.54 8.84 -76.49
C ASP D 74 36.15 9.74 -77.66
N MET D 75 34.97 10.35 -77.55
CA MET D 75 34.44 11.17 -78.63
C MET D 75 35.17 12.50 -78.75
N ALA D 76 35.52 13.12 -77.61
CA ALA D 76 36.22 14.39 -77.65
C ALA D 76 37.61 14.24 -78.27
N LYS D 77 38.32 13.17 -77.94
CA LYS D 77 39.60 12.87 -78.55
C LYS D 77 39.47 12.06 -79.84
N ASN D 78 38.29 11.50 -80.10
CA ASN D 78 38.04 10.66 -81.27
C ASN D 78 39.04 9.51 -81.33
N THR D 79 39.06 8.72 -80.26
CA THR D 79 40.03 7.63 -80.14
C THR D 79 39.35 6.41 -79.54
N VAL D 80 39.55 5.25 -80.17
CA VAL D 80 38.98 4.00 -79.70
C VAL D 80 40.09 3.18 -79.04
N TYR D 81 39.77 2.61 -77.88
CA TYR D 81 40.72 1.85 -77.10
C TYR D 81 40.26 0.40 -76.97
N LEU D 82 41.22 -0.49 -76.74
CA LEU D 82 40.95 -1.88 -76.40
C LEU D 82 41.80 -2.24 -75.19
N GLN D 83 41.15 -2.43 -74.04
CA GLN D 83 41.82 -2.84 -72.82
C GLN D 83 41.76 -4.36 -72.72
N MET D 84 42.92 -5.00 -72.70
CA MET D 84 43.04 -6.45 -72.74
C MET D 84 43.62 -6.92 -71.42
N ASN D 85 42.76 -7.52 -70.59
CA ASN D 85 43.15 -8.08 -69.30
C ASN D 85 43.11 -9.60 -69.37
N SER D 86 43.95 -10.23 -68.55
CA SER D 86 44.08 -11.68 -68.54
C SER D 86 44.45 -12.21 -69.92
N LEU D 87 45.49 -11.62 -70.51
CA LEU D 87 45.89 -11.99 -71.85
C LEU D 87 46.45 -13.41 -71.87
N LYS D 88 45.98 -14.21 -72.81
CA LYS D 88 46.38 -15.60 -72.98
C LYS D 88 47.29 -15.76 -74.18
N PRO D 89 48.05 -16.86 -74.25
CA PRO D 89 48.84 -17.12 -75.47
C PRO D 89 48.01 -17.22 -76.74
N GLU D 90 46.71 -17.53 -76.62
CA GLU D 90 45.85 -17.57 -77.79
C GLU D 90 45.59 -16.19 -78.37
N ASP D 91 45.91 -15.12 -77.64
CA ASP D 91 45.63 -13.76 -78.08
C ASP D 91 46.79 -13.12 -78.82
N THR D 92 47.90 -13.84 -79.00
CA THR D 92 49.05 -13.30 -79.72
C THR D 92 48.70 -13.12 -81.19
N ALA D 93 48.70 -11.88 -81.67
CA ALA D 93 48.31 -11.58 -83.04
C ALA D 93 48.59 -10.11 -83.33
N VAL D 94 48.32 -9.71 -84.57
CA VAL D 94 48.36 -8.30 -84.96
C VAL D 94 46.95 -7.76 -84.85
N TYR D 95 46.76 -6.75 -83.98
CA TYR D 95 45.47 -6.12 -83.75
C TYR D 95 45.40 -4.81 -84.52
N PHE D 96 44.33 -4.62 -85.27
CA PHE D 96 44.18 -3.42 -86.09
C PHE D 96 42.77 -2.87 -86.00
N CYS D 97 42.64 -1.63 -86.46
CA CYS D 97 41.41 -0.84 -86.39
C CYS D 97 40.60 -1.01 -87.67
N ASN D 98 39.28 -0.84 -87.54
CA ASN D 98 38.40 -0.93 -88.68
C ASN D 98 37.22 0.02 -88.46
N ALA D 99 36.79 0.70 -89.52
CA ALA D 99 35.70 1.66 -89.42
C ALA D 99 34.72 1.40 -90.56
N ARG D 100 33.45 1.18 -90.22
CA ARG D 100 32.39 1.01 -91.20
C ARG D 100 31.40 2.16 -91.04
N ARG D 101 31.15 2.88 -92.14
CA ARG D 101 30.14 3.93 -92.10
C ARG D 101 28.78 3.33 -91.77
N ASP D 102 27.92 4.15 -91.15
CA ASP D 102 26.63 3.66 -90.69
C ASP D 102 25.81 3.06 -91.82
N ASN D 103 25.55 3.85 -92.86
CA ASN D 103 24.73 3.38 -93.95
C ASN D 103 25.39 3.50 -95.33
N PHE D 104 26.60 4.05 -95.40
CA PHE D 104 27.30 4.12 -96.68
C PHE D 104 27.87 2.77 -97.09
N ALA D 105 28.04 1.84 -96.15
CA ALA D 105 28.43 0.47 -96.42
C ALA D 105 29.78 0.34 -97.14
N THR D 106 29.90 0.93 -98.32
CA THR D 106 31.16 0.85 -99.08
C THR D 106 32.29 1.63 -98.44
N ALA D 107 32.02 2.39 -97.38
CA ALA D 107 33.07 3.14 -96.67
C ALA D 107 33.62 2.30 -95.51
N ILE D 108 34.35 1.25 -95.89
CA ILE D 108 35.01 0.37 -94.94
C ILE D 108 36.51 0.70 -95.00
N TYR D 109 37.03 1.28 -93.93
CA TYR D 109 38.42 1.69 -93.87
C TYR D 109 39.17 0.85 -92.83
N TRP D 110 40.34 0.36 -93.22
CA TRP D 110 41.20 -0.41 -92.33
C TRP D 110 42.43 0.42 -91.97
N GLY D 111 43.10 0.00 -90.90
CA GLY D 111 44.25 0.72 -90.40
C GLY D 111 45.41 -0.21 -90.11
N GLN D 112 46.59 0.39 -90.02
CA GLN D 112 47.80 -0.37 -89.70
C GLN D 112 47.66 -1.03 -88.34
N GLY D 113 48.24 -2.22 -88.21
CA GLY D 113 48.11 -3.02 -87.02
C GLY D 113 49.26 -2.83 -86.05
N THR D 114 49.12 -3.45 -84.88
CA THR D 114 50.15 -3.46 -83.86
C THR D 114 50.28 -4.87 -83.29
N GLN D 115 51.52 -5.27 -83.03
CA GLN D 115 51.80 -6.64 -82.60
C GLN D 115 51.52 -6.79 -81.11
N VAL D 116 50.88 -7.90 -80.75
CA VAL D 116 50.64 -8.26 -79.35
C VAL D 116 51.11 -9.70 -79.18
N THR D 117 52.05 -9.91 -78.26
CA THR D 117 52.68 -11.22 -78.07
C THR D 117 52.56 -11.65 -76.61
N VAL D 118 52.25 -12.93 -76.40
CA VAL D 118 52.15 -13.54 -75.09
C VAL D 118 53.03 -14.78 -75.07
N SER D 119 53.93 -14.87 -74.09
CA SER D 119 54.92 -15.94 -74.01
C SER D 119 54.67 -16.74 -72.74
N SER D 120 54.24 -17.99 -72.91
CA SER D 120 53.99 -18.87 -71.76
C SER D 120 55.30 -19.26 -71.09
N VAL E 24 14.14 -12.84 -22.69
CA VAL E 24 14.94 -11.80 -23.31
C VAL E 24 16.38 -11.86 -22.79
N THR E 25 17.34 -11.90 -23.71
CA THR E 25 18.75 -12.05 -23.36
C THR E 25 19.38 -10.67 -23.16
N LEU E 26 20.69 -10.63 -22.94
CA LEU E 26 21.43 -9.41 -22.62
C LEU E 26 22.14 -8.84 -23.85
N ASN E 27 22.51 -7.56 -23.74
CA ASN E 27 23.34 -6.89 -24.74
C ASN E 27 24.40 -6.03 -24.07
N ARG E 28 23.97 -4.96 -23.41
CA ARG E 28 24.87 -4.03 -22.74
C ARG E 28 24.21 -3.47 -21.49
N ILE E 29 25.02 -3.25 -20.46
CA ILE E 29 24.60 -2.64 -19.21
C ILE E 29 25.63 -1.58 -18.83
N LYS E 30 25.14 -0.44 -18.35
CA LYS E 30 26.00 0.68 -18.02
C LYS E 30 25.41 1.41 -16.82
N ILE E 31 26.23 2.26 -16.19
CA ILE E 31 25.79 3.07 -15.06
C ILE E 31 26.18 4.53 -15.33
N ALA E 32 25.18 5.42 -15.29
CA ALA E 32 25.40 6.84 -15.47
C ALA E 32 25.12 7.58 -14.17
N PRO E 33 25.92 8.59 -13.83
CA PRO E 33 25.67 9.36 -12.60
C PRO E 33 24.39 10.16 -12.70
N GLY E 34 23.95 10.66 -11.54
CA GLY E 34 22.69 11.37 -11.47
C GLY E 34 22.80 12.81 -11.91
N ILE E 35 21.68 13.33 -12.42
CA ILE E 35 21.62 14.73 -12.84
C ILE E 35 21.59 15.65 -11.63
N ALA E 36 20.77 15.31 -10.63
CA ALA E 36 20.65 16.15 -9.45
C ALA E 36 21.39 15.55 -8.26
N ASP E 37 20.77 14.56 -7.61
CA ASP E 37 21.35 13.98 -6.40
C ASP E 37 22.55 13.11 -6.73
N ILE E 38 23.59 13.22 -5.90
CA ILE E 38 24.79 12.39 -6.08
C ILE E 38 24.47 10.92 -5.85
N ARG E 39 23.51 10.63 -4.97
CA ARG E 39 23.17 9.23 -4.69
C ARG E 39 22.41 8.61 -5.85
N ASP E 40 21.57 9.40 -6.53
CA ASP E 40 20.80 8.87 -7.65
C ASP E 40 21.71 8.55 -8.83
N LYS E 41 21.42 7.43 -9.50
CA LYS E 41 22.13 7.02 -10.70
C LYS E 41 21.13 6.36 -11.64
N TYR E 42 21.58 6.10 -12.86
CA TYR E 42 20.75 5.47 -13.88
C TYR E 42 21.43 4.20 -14.37
N MET E 43 20.74 3.07 -14.21
CA MET E 43 21.19 1.79 -14.77
C MET E 43 20.66 1.71 -16.20
N GLU E 44 21.56 1.87 -17.18
CA GLU E 44 21.21 1.75 -18.58
C GLU E 44 21.23 0.28 -18.97
N LEU E 45 20.08 -0.24 -19.42
CA LEU E 45 19.93 -1.65 -19.73
C LEU E 45 19.41 -1.76 -21.17
N GLY E 46 20.27 -2.19 -22.08
CA GLY E 46 19.85 -2.62 -23.40
C GLY E 46 20.08 -4.11 -23.51
N PHE E 47 19.04 -4.84 -23.90
CA PHE E 47 19.13 -6.29 -23.83
C PHE E 47 18.18 -6.93 -24.82
N ASN E 48 18.75 -7.64 -25.80
CA ASN E 48 18.05 -8.40 -26.85
C ASN E 48 16.89 -7.62 -27.45
N TYR E 49 15.67 -8.01 -27.11
CA TYR E 49 14.46 -7.37 -27.61
C TYR E 49 14.52 -5.86 -27.32
N PRO E 50 14.49 -5.01 -28.35
CA PRO E 50 14.65 -3.56 -28.12
C PRO E 50 13.44 -2.89 -27.50
N GLU E 51 12.36 -3.62 -27.23
CA GLU E 51 11.16 -3.07 -26.63
C GLU E 51 11.22 -3.00 -25.12
N TYR E 52 12.39 -3.23 -24.52
CA TYR E 52 12.55 -3.22 -23.08
C TYR E 52 13.75 -2.41 -22.60
N ASN E 53 14.61 -1.93 -23.49
CA ASN E 53 15.82 -1.21 -23.10
C ASN E 53 15.43 0.11 -22.43
N ARG E 54 15.89 0.31 -21.19
CA ARG E 54 15.48 1.48 -20.43
C ARG E 54 16.59 1.91 -19.49
N ALA E 55 16.47 3.12 -18.97
CA ALA E 55 17.36 3.67 -17.97
C ALA E 55 16.61 3.71 -16.65
N VAL E 56 16.82 2.68 -15.82
CA VAL E 56 16.12 2.57 -14.55
C VAL E 56 16.84 3.41 -13.50
N LYS E 57 16.12 4.35 -12.88
CA LYS E 57 16.72 5.21 -11.88
C LYS E 57 16.77 4.50 -10.54
N PHE E 58 17.94 4.51 -9.91
CA PHE E 58 18.14 3.82 -8.64
C PHE E 58 19.01 4.66 -7.72
N ALA E 59 18.73 4.57 -6.43
CA ALA E 59 19.47 5.34 -5.43
C ALA E 59 20.24 4.41 -4.51
N GLU E 60 21.41 4.88 -4.06
CA GLU E 60 22.23 4.16 -3.08
C GLU E 60 22.63 5.14 -1.98
N GLU E 61 22.19 4.86 -0.76
CA GLU E 61 22.34 5.81 0.33
C GLU E 61 23.81 5.97 0.72
N SER E 62 24.18 7.20 1.08
CA SER E 62 25.52 7.50 1.55
C SER E 62 25.57 8.43 2.75
N TYR E 63 24.45 9.02 3.18
CA TYR E 63 24.46 9.97 4.27
C TYR E 63 24.50 9.25 5.62
N THR E 64 24.85 10.01 6.66
CA THR E 64 24.81 9.55 8.04
C THR E 64 23.76 10.40 8.75
N TYR E 65 22.52 9.88 8.79
CA TYR E 65 21.40 10.67 9.24
C TYR E 65 21.48 10.95 10.73
N TYR E 66 21.46 12.23 11.10
CA TYR E 66 21.22 12.67 12.47
C TYR E 66 20.03 13.62 12.51
N TYR E 67 19.13 13.48 11.54
CA TYR E 67 17.93 14.28 11.43
C TYR E 67 16.82 13.39 10.87
N GLU E 68 15.72 14.01 10.45
CA GLU E 68 14.56 13.28 9.95
C GLU E 68 14.27 13.71 8.51
N THR E 69 13.98 12.73 7.66
CA THR E 69 13.57 13.03 6.29
C THR E 69 12.14 13.50 6.24
N SER E 70 11.28 12.90 7.06
CA SER E 70 9.88 13.26 7.24
C SER E 70 9.64 13.43 8.73
N PRO E 71 8.75 14.34 9.13
CA PRO E 71 8.54 14.59 10.56
C PRO E 71 8.24 13.33 11.36
N GLY E 72 9.12 13.01 12.30
CA GLY E 72 9.00 11.78 13.08
C GLY E 72 9.20 10.53 12.25
N GLU E 73 10.15 10.57 11.31
CA GLU E 73 10.27 9.51 10.31
C GLU E 73 11.63 9.61 9.65
N ILE E 74 12.22 8.46 9.36
CA ILE E 74 13.49 8.39 8.63
C ILE E 74 13.35 7.32 7.55
N LYS E 75 13.43 7.73 6.29
CA LYS E 75 13.34 6.82 5.15
C LYS E 75 14.67 6.85 4.40
N PRO E 76 15.64 6.04 4.81
CA PRO E 76 16.89 5.97 4.03
C PRO E 76 16.66 5.34 2.67
N LYS E 77 17.42 5.83 1.69
CA LYS E 77 17.34 5.32 0.32
C LYS E 77 18.02 3.95 0.28
N PHE E 78 17.25 2.92 0.63
CA PHE E 78 17.77 1.57 0.72
C PHE E 78 16.60 0.60 0.63
N CYS E 79 16.75 -0.45 -0.17
CA CYS E 79 15.71 -1.47 -0.35
C CYS E 79 16.22 -2.78 0.24
N LEU E 80 15.81 -3.06 1.49
CA LEU E 80 16.19 -4.29 2.17
C LEU E 80 15.61 -5.48 1.44
N ILE E 81 16.45 -6.27 0.78
CA ILE E 81 15.99 -7.46 0.09
C ILE E 81 15.63 -8.53 1.12
N ASP E 82 14.56 -9.26 0.84
CA ASP E 82 14.06 -10.28 1.76
C ASP E 82 15.17 -11.25 2.17
N GLY E 83 15.51 -11.25 3.46
CA GLY E 83 16.53 -12.11 4.01
C GLY E 83 17.79 -11.39 4.43
N MET E 84 17.98 -10.16 4.00
CA MET E 84 19.18 -9.42 4.35
C MET E 84 19.14 -8.97 5.81
N SER E 85 20.32 -8.73 6.36
CA SER E 85 20.43 -8.33 7.76
C SER E 85 19.72 -7.01 8.00
N ILE E 86 18.99 -6.94 9.12
CA ILE E 86 18.30 -5.72 9.51
C ILE E 86 19.28 -4.60 9.83
N ASP E 87 20.52 -4.93 10.20
CA ASP E 87 21.50 -3.92 10.54
C ASP E 87 21.79 -2.98 9.37
N HIS E 88 21.59 -3.46 8.14
CA HIS E 88 21.98 -2.67 6.98
C HIS E 88 21.05 -1.46 6.79
N CYS E 89 19.80 -1.55 7.23
CA CYS E 89 18.94 -0.37 7.17
C CYS E 89 19.40 0.73 8.11
N SER E 90 20.02 0.35 9.23
CA SER E 90 20.43 1.30 10.26
C SER E 90 21.92 1.62 10.19
N SER E 91 22.58 1.31 9.07
CA SER E 91 23.98 1.67 8.89
C SER E 91 24.15 3.11 8.44
N PHE E 92 23.08 3.91 8.46
CA PHE E 92 23.13 5.30 7.99
C PHE E 92 22.60 6.29 9.02
N ILE E 93 22.44 5.87 10.27
CA ILE E 93 21.96 6.74 11.34
C ILE E 93 23.03 6.82 12.42
N VAL E 94 23.20 8.01 12.99
CA VAL E 94 24.13 8.14 14.12
C VAL E 94 23.62 7.31 15.29
N PRO E 95 24.45 6.49 15.93
CA PRO E 95 23.94 5.61 16.99
C PRO E 95 23.25 6.35 18.12
N GLU E 96 23.74 7.53 18.49
CA GLU E 96 23.07 8.30 19.53
C GLU E 96 21.70 8.79 19.07
N PHE E 97 21.56 9.09 17.79
CA PHE E 97 20.28 9.62 17.29
C PHE E 97 19.24 8.52 17.09
N ALA E 98 19.67 7.30 16.78
CA ALA E 98 18.76 6.21 16.47
C ALA E 98 18.26 5.46 17.70
N LYS E 99 18.56 5.96 18.91
CA LYS E 99 18.12 5.27 20.11
C LYS E 99 16.60 5.29 20.26
N GLN E 100 15.94 6.28 19.66
CA GLN E 100 14.50 6.47 19.82
C GLN E 100 13.72 6.11 18.56
N TYR E 101 14.34 5.38 17.62
CA TYR E 101 13.71 5.07 16.35
C TYR E 101 13.59 3.56 16.18
N VAL E 102 12.45 3.12 15.64
CA VAL E 102 12.19 1.71 15.44
C VAL E 102 11.93 1.46 13.96
N LEU E 103 12.40 0.32 13.46
CA LEU E 103 12.24 -0.03 12.06
C LEU E 103 10.95 -0.82 11.89
N ILE E 104 10.06 -0.34 11.02
CA ILE E 104 8.79 -1.00 10.78
C ILE E 104 8.75 -1.53 9.35
N HIS E 105 7.59 -2.02 8.93
CA HIS E 105 7.42 -2.53 7.57
C HIS E 105 7.09 -1.37 6.64
N GLY E 106 7.95 -1.14 5.64
CA GLY E 106 7.79 -0.04 4.72
C GLY E 106 7.18 -0.48 3.40
N GLU E 107 7.20 0.46 2.45
CA GLU E 107 6.64 0.20 1.13
C GLU E 107 7.46 -0.85 0.39
N PRO E 108 6.82 -1.65 -0.46
CA PRO E 108 7.57 -2.61 -1.27
C PRO E 108 8.41 -1.90 -2.32
N CYS E 109 9.57 -2.50 -2.62
CA CYS E 109 10.53 -1.91 -3.54
C CYS E 109 11.23 -3.02 -4.30
N SER E 110 11.99 -2.61 -5.32
CA SER E 110 12.81 -3.52 -6.10
C SER E 110 14.27 -3.11 -5.97
N SER E 111 15.16 -4.10 -6.02
CA SER E 111 16.58 -3.86 -5.96
C SER E 111 17.28 -4.72 -7.01
N PHE E 112 18.50 -4.36 -7.35
CA PHE E 112 19.31 -5.16 -8.27
C PHE E 112 20.07 -6.21 -7.48
N LYS E 113 19.90 -7.48 -7.88
CA LYS E 113 20.50 -8.58 -7.11
C LYS E 113 22.02 -8.47 -7.07
N PHE E 114 22.63 -7.90 -8.10
CA PHE E 114 24.08 -7.74 -8.12
C PHE E 114 24.53 -6.49 -7.37
N ARG E 115 23.62 -5.55 -7.08
CA ARG E 115 23.90 -4.38 -6.25
C ARG E 115 22.92 -4.37 -5.10
N PRO E 116 23.15 -5.19 -4.07
CA PRO E 116 22.22 -5.22 -2.93
C PRO E 116 22.16 -3.88 -2.23
N GLY E 117 20.98 -3.26 -2.24
CA GLY E 117 20.73 -2.02 -1.55
C GLY E 117 20.20 -0.92 -2.44
N SER E 118 20.29 -1.07 -3.76
CA SER E 118 19.81 -0.04 -4.67
C SER E 118 18.30 0.06 -4.60
N LEU E 119 17.80 1.29 -4.57
CA LEU E 119 16.36 1.57 -4.48
C LEU E 119 15.86 1.94 -5.87
N ILE E 120 15.29 0.95 -6.58
CA ILE E 120 14.78 1.17 -7.92
C ILE E 120 13.60 2.13 -7.87
N TYR E 121 13.64 3.17 -8.69
CA TYR E 121 12.55 4.12 -8.83
C TYR E 121 11.66 3.75 -10.01
N TYR E 122 10.43 4.26 -9.97
CA TYR E 122 9.45 4.05 -11.03
C TYR E 122 9.19 5.40 -11.70
N GLN E 123 10.07 5.76 -12.64
CA GLN E 123 10.02 7.02 -13.33
C GLN E 123 9.86 6.79 -14.83
N ASN E 124 9.28 7.79 -15.50
CA ASN E 124 9.01 7.80 -16.94
C ASN E 124 8.60 6.43 -17.48
N GLU E 125 9.39 5.87 -18.40
CA GLU E 125 9.03 4.60 -19.03
C GLU E 125 9.08 3.44 -18.04
N VAL E 126 9.92 3.54 -17.01
CA VAL E 126 10.11 2.45 -16.05
C VAL E 126 8.88 2.39 -15.15
N THR E 127 8.05 1.37 -15.35
CA THR E 127 6.83 1.16 -14.60
C THR E 127 6.97 -0.05 -13.67
N PRO E 128 6.14 -0.14 -12.62
CA PRO E 128 6.20 -1.34 -11.76
C PRO E 128 5.90 -2.62 -12.51
N GLU E 129 4.99 -2.58 -13.49
CA GLU E 129 4.72 -3.76 -14.30
C GLU E 129 5.95 -4.20 -15.07
N TYR E 130 6.67 -3.25 -15.67
CA TYR E 130 7.89 -3.59 -16.40
C TYR E 130 8.97 -4.13 -15.44
N ILE E 131 9.05 -3.57 -14.24
CA ILE E 131 10.06 -4.02 -13.29
C ILE E 131 9.76 -5.44 -12.82
N LYS E 132 8.49 -5.74 -12.52
CA LYS E 132 8.17 -7.11 -12.12
C LYS E 132 8.26 -8.07 -13.30
N ASP E 133 8.06 -7.57 -14.53
CA ASP E 133 8.30 -8.41 -15.71
C ASP E 133 9.78 -8.76 -15.83
N LEU E 134 10.66 -7.78 -15.56
CA LEU E 134 12.09 -8.07 -15.50
C LEU E 134 12.39 -9.09 -14.40
N LYS E 135 11.76 -8.93 -13.23
CA LYS E 135 11.97 -9.86 -12.13
C LYS E 135 11.58 -11.29 -12.51
N HIS E 136 10.46 -11.43 -13.22
CA HIS E 136 10.03 -12.76 -13.65
C HIS E 136 10.88 -13.31 -14.78
N ALA E 137 11.40 -12.43 -15.65
CA ALA E 137 12.17 -12.88 -16.81
C ALA E 137 13.67 -12.91 -16.55
N THR E 138 14.19 -11.96 -15.79
CA THR E 138 15.61 -11.88 -15.49
C THR E 138 15.87 -12.30 -14.05
N ASP E 139 17.14 -12.62 -13.78
CA ASP E 139 17.59 -13.01 -12.45
C ASP E 139 18.20 -11.85 -11.67
N TYR E 140 17.92 -10.61 -12.08
CA TYR E 140 18.63 -9.45 -11.57
C TYR E 140 17.82 -8.61 -10.60
N ILE E 141 16.49 -8.59 -10.72
CA ILE E 141 15.64 -7.78 -9.86
C ILE E 141 15.10 -8.65 -8.74
N ALA E 142 15.25 -8.17 -7.50
CA ALA E 142 14.76 -8.86 -6.31
C ALA E 142 13.84 -7.92 -5.53
N SER E 143 12.75 -8.47 -5.01
CA SER E 143 11.81 -7.69 -4.23
C SER E 143 12.39 -7.37 -2.85
N GLY E 144 11.82 -6.37 -2.20
CA GLY E 144 12.28 -5.99 -0.89
C GLY E 144 11.40 -4.94 -0.26
N GLN E 145 11.86 -4.42 0.87
CA GLN E 145 11.11 -3.48 1.68
C GLN E 145 11.90 -2.21 1.88
N ARG E 146 11.23 -1.07 1.83
CA ARG E 146 11.88 0.22 2.05
C ARG E 146 12.18 0.41 3.54
N CYS E 147 13.42 0.79 3.86
CA CYS E 147 13.78 1.07 5.24
C CYS E 147 12.93 2.19 5.79
N HIS E 148 12.02 1.88 6.71
CA HIS E 148 11.06 2.84 7.23
C HIS E 148 11.20 2.91 8.74
N PHE E 149 11.85 3.97 9.23
CA PHE E 149 12.03 4.19 10.65
C PHE E 149 10.99 5.17 11.17
N ILE E 150 10.49 4.89 12.36
CA ILE E 150 9.47 5.71 13.02
C ILE E 150 10.04 6.19 14.35
N LYS E 151 9.75 7.43 14.70
CA LYS E 151 10.19 8.03 15.95
C LYS E 151 9.27 7.58 17.09
N LYS E 152 9.84 6.90 18.08
CA LYS E 152 9.15 6.62 19.33
C LYS E 152 9.93 7.28 20.47
N ASP E 153 9.95 6.64 21.63
CA ASP E 153 10.78 7.10 22.73
C ASP E 153 11.94 6.12 22.92
N TYR E 154 12.73 6.34 23.97
CA TYR E 154 13.84 5.44 24.27
C TYR E 154 13.33 4.02 24.53
N LEU E 155 14.18 3.05 24.26
CA LEU E 155 13.84 1.63 24.40
C LEU E 155 14.64 1.05 25.56
N LEU E 156 13.97 0.82 26.69
CA LEU E 156 14.60 0.15 27.81
C LEU E 156 14.59 -1.35 27.62
N GLY E 157 15.60 -2.01 28.17
CA GLY E 157 15.71 -3.45 28.01
C GLY E 157 16.47 -4.09 29.15
N ASP E 158 16.87 -3.29 30.14
CA ASP E 158 17.62 -3.78 31.27
C ASP E 158 16.88 -3.42 32.56
N SER E 159 16.92 -4.34 33.53
CA SER E 159 16.31 -4.07 34.82
C SER E 159 17.03 -2.96 35.57
N ASP E 160 18.30 -2.70 35.25
CA ASP E 160 18.99 -1.56 35.85
C ASP E 160 18.55 -0.24 35.22
N SER E 161 18.03 -0.28 33.98
CA SER E 161 17.59 0.94 33.33
C SER E 161 16.39 1.54 34.03
N VAL E 162 15.42 0.70 34.42
CA VAL E 162 14.24 1.22 35.12
C VAL E 162 14.63 1.74 36.49
N ALA E 163 15.66 1.16 37.11
CA ALA E 163 16.14 1.71 38.38
C ALA E 163 16.80 3.07 38.18
N LYS E 164 17.61 3.20 37.13
CA LYS E 164 18.25 4.48 36.83
C LYS E 164 17.20 5.56 36.54
N CYS E 165 16.14 5.20 35.84
CA CYS E 165 15.15 6.19 35.44
C CYS E 165 14.20 6.54 36.58
N CYS E 166 13.67 5.53 37.27
CA CYS E 166 12.66 5.79 38.30
C CYS E 166 13.28 6.47 39.51
N SER E 167 14.48 6.05 39.90
CA SER E 167 15.15 6.72 41.01
C SER E 167 15.68 8.10 40.62
N LYS E 168 15.54 8.50 39.36
CA LYS E 168 16.01 9.79 38.86
C LYS E 168 17.52 9.95 39.04
N THR E 169 18.25 8.84 39.11
CA THR E 169 19.70 8.91 39.26
C THR E 169 20.40 9.18 37.94
N ASN E 170 19.77 8.80 36.82
CA ASN E 170 20.35 9.03 35.50
C ASN E 170 19.21 9.01 34.49
N THR E 171 18.80 10.20 34.03
CA THR E 171 17.62 10.35 33.18
C THR E 171 17.98 10.84 31.78
N LYS E 172 19.22 10.57 31.33
CA LYS E 172 19.62 11.05 30.01
C LYS E 172 19.00 10.21 28.90
N HIS E 173 18.97 8.88 29.07
CA HIS E 173 18.38 7.94 28.12
C HIS E 173 17.25 7.23 28.85
N CYS E 174 16.13 7.93 29.08
CA CYS E 174 14.99 7.39 29.80
C CYS E 174 13.71 7.79 29.07
N PRO E 175 12.86 6.85 28.72
CA PRO E 175 11.56 7.21 28.12
C PRO E 175 10.68 7.95 29.11
N LYS E 176 9.66 8.60 28.56
CA LYS E 176 8.79 9.44 29.38
C LYS E 176 7.96 8.62 30.36
N ILE E 177 7.68 7.36 30.04
CA ILE E 177 6.91 6.51 30.94
C ILE E 177 7.71 6.17 32.20
N PHE E 178 9.02 6.36 32.18
CA PHE E 178 9.86 6.12 33.35
C PHE E 178 10.64 7.37 33.76
N ASN E 179 10.24 8.55 33.28
CA ASN E 179 10.93 9.80 33.58
C ASN E 179 9.91 10.94 33.47
N ASN E 180 8.95 10.93 34.39
CA ASN E 180 7.90 11.94 34.37
C ASN E 180 7.55 12.44 35.77
N ASN E 181 8.45 12.26 36.75
CA ASN E 181 8.19 12.65 38.14
C ASN E 181 6.97 11.90 38.71
N TYR E 182 6.85 10.62 38.35
CA TYR E 182 5.88 9.71 38.93
C TYR E 182 4.44 10.13 38.64
N LYS E 183 4.21 10.67 37.44
CA LYS E 183 2.84 10.95 37.03
C LYS E 183 2.10 9.69 36.65
N THR E 184 2.80 8.72 36.06
CA THR E 184 2.20 7.49 35.59
C THR E 184 2.45 6.35 36.60
N GLU E 185 1.87 5.19 36.30
CA GLU E 185 1.88 4.04 37.20
C GLU E 185 2.95 3.02 36.83
N HIS E 186 4.07 3.48 36.26
CA HIS E 186 5.12 2.56 35.83
C HIS E 186 6.17 2.34 36.92
N CYS E 187 6.62 3.41 37.55
CA CYS E 187 7.69 3.33 38.52
C CYS E 187 7.23 2.86 39.90
N ASP E 188 5.95 2.52 40.08
CA ASP E 188 5.48 2.10 41.39
C ASP E 188 6.20 0.84 41.85
N ASP E 189 6.36 -0.14 40.96
CA ASP E 189 6.95 -1.41 41.34
C ASP E 189 8.36 -1.23 41.90
N PHE E 190 9.17 -0.39 41.27
CA PHE E 190 10.53 -0.19 41.75
C PHE E 190 10.55 0.74 42.96
N MET E 191 9.70 1.76 42.96
CA MET E 191 9.70 2.73 44.06
C MET E 191 9.26 2.11 45.37
N THR E 192 8.36 1.12 45.33
CA THR E 192 7.93 0.46 46.56
C THR E 192 9.11 -0.11 47.33
N GLY E 193 10.07 -0.69 46.61
CA GLY E 193 11.24 -1.24 47.26
C GLY E 193 12.32 -0.19 47.49
N PHE E 194 12.38 0.81 46.60
CA PHE E 194 13.42 1.83 46.71
C PHE E 194 13.22 2.72 47.92
N CYS E 195 12.00 3.20 48.13
CA CYS E 195 11.73 4.14 49.21
C CYS E 195 11.58 3.47 50.57
N ARG E 196 11.34 2.16 50.60
CA ARG E 196 11.35 1.47 51.89
C ARG E 196 12.73 1.49 52.52
N ASN E 197 13.78 1.59 51.69
CA ASN E 197 15.15 1.69 52.16
C ASN E 197 15.59 3.14 52.36
N ASP E 198 15.05 4.07 51.59
CA ASP E 198 15.40 5.49 51.68
C ASP E 198 14.10 6.29 51.83
N PRO E 199 13.56 6.38 53.04
CA PRO E 199 12.28 7.05 53.22
C PRO E 199 12.35 8.55 53.05
N GLY E 200 13.49 9.17 53.37
CA GLY E 200 13.62 10.61 53.28
C GLY E 200 14.02 11.15 51.93
N ASN E 201 14.05 10.31 50.90
CA ASN E 201 14.47 10.76 49.58
C ASN E 201 13.46 11.76 49.04
N PRO E 202 13.91 12.91 48.50
CA PRO E 202 12.95 13.88 47.97
C PRO E 202 12.11 13.35 46.82
N ASN E 203 12.71 12.61 45.89
CA ASN E 203 11.93 12.00 44.82
C ASN E 203 10.96 10.97 45.36
N CYS E 204 11.32 10.28 46.45
CA CYS E 204 10.37 9.41 47.12
C CYS E 204 9.19 10.21 47.66
N LEU E 205 9.45 11.41 48.20
CA LEU E 205 8.37 12.25 48.67
C LEU E 205 7.49 12.71 47.51
N GLU E 206 8.09 12.97 46.35
CA GLU E 206 7.30 13.34 45.17
C GLU E 206 6.41 12.17 44.73
N TRP E 207 6.98 10.97 44.65
CA TRP E 207 6.21 9.78 44.33
C TRP E 207 5.09 9.55 45.34
N LEU E 208 5.32 9.92 46.59
CA LEU E 208 4.25 9.85 47.59
C LEU E 208 3.17 10.89 47.31
N ARG E 209 3.59 12.10 46.93
CA ARG E 209 2.63 13.14 46.55
C ARG E 209 1.80 12.75 45.34
N ALA E 210 2.29 11.78 44.54
CA ALA E 210 1.48 11.28 43.43
C ALA E 210 0.17 10.67 43.92
N LYS E 211 0.16 10.17 45.16
CA LYS E 211 -1.07 9.73 45.85
C LYS E 211 -1.69 8.52 45.15
N ARG E 212 -0.92 7.46 45.06
CA ARG E 212 -1.40 6.17 44.58
C ARG E 212 -1.30 5.14 45.69
N LYS E 213 -2.08 4.07 45.54
CA LYS E 213 -2.19 3.05 46.59
C LYS E 213 -0.85 2.44 46.96
N PRO E 214 0.01 2.02 46.02
CA PRO E 214 1.30 1.43 46.45
C PRO E 214 2.15 2.39 47.25
N ALA E 215 2.21 3.66 46.87
CA ALA E 215 3.06 4.61 47.58
C ALA E 215 2.55 4.85 49.00
N MET E 216 1.25 5.09 49.14
CA MET E 216 0.68 5.31 50.47
C MET E 216 0.79 4.06 51.34
N SER E 217 0.65 2.87 50.76
CA SER E 217 0.81 1.65 51.55
C SER E 217 2.25 1.45 51.99
N THR E 218 3.22 1.72 51.11
CA THR E 218 4.62 1.60 51.49
C THR E 218 4.97 2.60 52.59
N TYR E 219 4.49 3.84 52.49
CA TYR E 219 4.79 4.80 53.53
C TYR E 219 4.00 4.57 54.81
N SER E 220 2.84 3.91 54.72
CA SER E 220 2.16 3.47 55.93
C SER E 220 2.95 2.38 56.65
N ASP E 221 3.52 1.44 55.88
CA ASP E 221 4.42 0.45 56.48
C ASP E 221 5.65 1.12 57.06
N ILE E 222 6.15 2.17 56.41
CA ILE E 222 7.33 2.87 56.89
C ILE E 222 7.03 3.55 58.23
N CYS E 223 5.95 4.32 58.28
CA CYS E 223 5.63 5.10 59.48
C CYS E 223 5.09 4.24 60.62
N SER E 224 4.85 2.94 60.38
CA SER E 224 4.55 2.04 61.48
C SER E 224 5.80 1.66 62.27
N LYS E 225 6.98 1.78 61.65
CA LYS E 225 8.24 1.51 62.31
C LYS E 225 8.98 2.79 62.70
N HIS E 226 9.11 3.73 61.76
CA HIS E 226 9.80 4.99 61.99
C HIS E 226 8.79 6.13 61.78
N MET E 227 8.01 6.42 62.82
CA MET E 227 7.05 7.50 62.76
C MET E 227 7.64 8.83 63.23
N ASP E 228 8.51 8.79 64.24
CA ASP E 228 9.06 10.01 64.83
C ASP E 228 9.82 10.88 63.83
N ALA E 229 10.16 10.36 62.66
CA ALA E 229 10.86 11.16 61.67
C ALA E 229 9.89 12.15 61.02
N ARG E 230 10.47 13.11 60.29
CA ARG E 230 9.68 14.19 59.71
C ARG E 230 9.07 13.83 58.36
N TYR E 231 9.65 12.87 57.64
CA TYR E 231 9.00 12.40 56.42
C TYR E 231 7.64 11.79 56.70
N CYS E 232 7.41 11.28 57.91
CA CYS E 232 6.07 10.81 58.26
C CYS E 232 5.12 11.97 58.56
N SER E 233 5.63 13.07 59.11
CA SER E 233 4.82 14.28 59.18
C SER E 233 4.38 14.71 57.79
N GLU E 234 5.31 14.71 56.83
CA GLU E 234 4.95 15.02 55.45
C GLU E 234 3.95 14.02 54.89
N PHE E 235 4.12 12.75 55.23
CA PHE E 235 3.21 11.70 54.77
C PHE E 235 1.79 11.96 55.26
N ILE E 236 1.65 12.29 56.55
CA ILE E 236 0.33 12.57 57.12
C ILE E 236 -0.27 13.83 56.50
N ARG E 237 0.56 14.86 56.28
CA ARG E 237 0.05 16.08 55.64
C ARG E 237 -0.42 15.79 54.22
N ILE E 238 0.22 14.86 53.52
CA ILE E 238 -0.14 14.55 52.15
C ILE E 238 -1.45 13.76 52.10
N ILE E 239 -1.52 12.67 52.88
CA ILE E 239 -2.62 11.72 52.71
C ILE E 239 -3.93 12.27 53.25
N ARG E 240 -3.88 13.13 54.26
CA ARG E 240 -5.12 13.63 54.84
C ARG E 240 -5.69 14.76 53.99
N PRO E 241 -7.03 14.92 53.96
CA PRO E 241 -8.04 14.14 54.67
C PRO E 241 -8.65 13.01 53.83
N ASP E 242 -8.27 12.86 52.57
CA ASP E 242 -8.96 11.93 51.69
C ASP E 242 -8.58 10.48 51.97
N TYR E 243 -7.31 10.22 52.29
CA TYR E 243 -6.81 8.86 52.50
C TYR E 243 -6.13 8.82 53.87
N PHE E 244 -6.95 8.82 54.93
CA PHE E 244 -6.42 8.93 56.28
C PHE E 244 -6.13 7.59 56.93
N THR E 245 -6.71 6.50 56.43
CA THR E 245 -6.57 5.21 57.11
C THR E 245 -5.12 4.74 57.10
N PHE E 246 -4.37 5.10 56.06
CA PHE E 246 -2.96 4.75 56.01
C PHE E 246 -2.17 5.44 57.11
N GLY E 247 -2.68 6.55 57.65
CA GLY E 247 -2.05 7.18 58.77
C GLY E 247 -2.48 6.55 60.09
N ASP E 248 -3.76 6.22 60.18
CA ASP E 248 -4.29 5.64 61.42
C ASP E 248 -3.66 4.29 61.71
N THR E 249 -3.58 3.41 60.71
CA THR E 249 -2.97 2.10 60.94
C THR E 249 -1.51 2.24 61.34
N ALA E 250 -0.77 3.13 60.67
CA ALA E 250 0.63 3.33 61.01
C ALA E 250 0.79 3.86 62.42
N LEU E 251 -0.06 4.81 62.81
CA LEU E 251 0.03 5.37 64.16
C LEU E 251 -0.30 4.31 65.20
N TYR E 252 -1.30 3.47 64.94
CA TYR E 252 -1.65 2.40 65.87
C TYR E 252 -0.49 1.44 66.04
N VAL E 253 0.11 1.00 64.94
CA VAL E 253 1.21 0.04 65.02
C VAL E 253 2.41 0.66 65.72
N PHE E 254 2.69 1.94 65.43
CA PHE E 254 3.85 2.60 66.04
C PHE E 254 3.66 2.82 67.53
N CYS E 255 2.45 3.19 67.96
CA CYS E 255 2.21 3.42 69.38
C CYS E 255 2.04 2.13 70.16
N ASN E 256 1.68 1.03 69.50
CA ASN E 256 1.75 -0.26 70.19
C ASN E 256 3.17 -0.79 70.27
N ASP E 257 3.99 -0.51 69.26
CA ASP E 257 5.40 -0.91 69.30
C ASP E 257 6.24 0.03 70.16
N HIS E 258 5.88 1.32 70.20
CA HIS E 258 6.58 2.32 71.00
C HIS E 258 5.60 2.87 72.03
N LYS E 259 5.43 2.16 73.13
CA LYS E 259 4.52 2.57 74.17
C LYS E 259 5.14 3.58 75.13
N GLY E 260 6.46 3.62 75.22
CA GLY E 260 7.13 4.59 76.07
C GLY E 260 7.34 5.95 75.43
N ASN E 261 7.08 6.07 74.14
CA ASN E 261 7.21 7.36 73.47
C ASN E 261 6.14 8.31 73.99
N ARG E 262 6.57 9.47 74.49
CA ARG E 262 5.63 10.40 75.10
C ARG E 262 4.56 10.84 74.11
N ASN E 263 4.95 11.07 72.85
CA ASN E 263 4.03 11.59 71.86
C ASN E 263 2.89 10.62 71.54
N CYS E 264 2.99 9.36 71.95
CA CYS E 264 1.90 8.41 71.82
C CYS E 264 0.89 8.51 72.96
N TRP E 265 0.90 9.62 73.71
CA TRP E 265 0.08 9.72 74.90
C TRP E 265 -1.41 9.79 74.56
N CYS E 266 -1.76 10.50 73.49
CA CYS E 266 -3.17 10.73 73.15
C CYS E 266 -3.77 9.62 72.30
N ALA E 267 -2.94 8.83 71.61
CA ALA E 267 -3.43 7.74 70.78
C ALA E 267 -3.38 6.38 71.49
N ASN E 268 -2.40 6.18 72.37
CA ASN E 268 -2.29 4.95 73.16
C ASN E 268 -1.98 5.38 74.59
N TYR E 269 -3.04 5.63 75.36
CA TYR E 269 -2.89 6.09 76.74
C TYR E 269 -2.35 4.97 77.61
N PRO E 270 -1.22 5.14 78.28
CA PRO E 270 -0.63 4.05 79.10
C PRO E 270 -1.32 3.88 80.46
N LYS E 271 -2.41 3.12 80.44
CA LYS E 271 -3.19 2.85 81.65
C LYS E 271 -3.92 1.52 81.48
N SER E 272 -3.14 0.47 81.19
CA SER E 272 -3.66 -0.89 81.10
C SER E 272 -4.84 -1.00 80.15
N ASN E 273 -6.06 -0.91 80.70
CA ASN E 273 -7.28 -1.04 79.92
C ASN E 273 -7.96 0.30 79.68
N SER E 274 -7.22 1.41 79.73
CA SER E 274 -7.75 2.73 79.45
C SER E 274 -6.98 3.37 78.30
N GLY E 275 -6.61 2.57 77.31
CA GLY E 275 -5.83 3.10 76.19
C GLY E 275 -6.63 4.05 75.32
N ASP E 276 -7.91 3.75 75.12
CA ASP E 276 -8.82 4.59 74.34
C ASP E 276 -9.43 5.70 75.19
N LYS E 277 -8.70 6.22 76.17
CA LYS E 277 -9.26 7.22 77.07
C LYS E 277 -9.54 8.53 76.35
N TYR E 278 -8.73 8.89 75.36
CA TYR E 278 -8.88 10.14 74.64
C TYR E 278 -9.23 9.92 73.18
N LEU E 279 -10.02 8.89 72.88
CA LEU E 279 -10.44 8.63 71.51
C LEU E 279 -11.75 9.33 71.22
N GLY E 280 -11.85 9.92 70.03
CA GLY E 280 -13.03 10.65 69.62
C GLY E 280 -13.14 12.00 70.30
N PRO E 281 -14.37 12.39 70.63
CA PRO E 281 -14.58 13.69 71.28
C PRO E 281 -13.79 13.86 72.57
N ARG E 282 -13.43 12.76 73.25
CA ARG E 282 -12.64 12.83 74.47
C ARG E 282 -11.27 13.45 74.25
N VAL E 283 -10.86 13.67 73.00
CA VAL E 283 -9.66 14.46 72.72
C VAL E 283 -9.74 15.82 73.38
N CYS E 284 -10.93 16.43 73.37
CA CYS E 284 -11.09 17.74 74.00
C CYS E 284 -10.88 17.69 75.50
N TRP E 285 -11.00 16.52 76.12
CA TRP E 285 -10.86 16.41 77.57
C TRP E 285 -9.42 16.61 78.04
N LEU E 286 -8.46 16.74 77.12
CA LEU E 286 -7.07 17.00 77.48
C LEU E 286 -6.50 18.03 76.50
N HIS E 287 -5.92 19.10 77.05
CA HIS E 287 -5.42 20.19 76.22
C HIS E 287 -4.22 19.74 75.37
N GLU E 288 -3.40 18.83 75.90
CA GLU E 288 -2.21 18.40 75.18
C GLU E 288 -2.55 17.85 73.80
N CYS E 289 -3.67 17.15 73.68
CA CYS E 289 -4.05 16.54 72.41
C CYS E 289 -4.61 17.54 71.41
N THR E 290 -4.75 18.82 71.78
CA THR E 290 -5.28 19.82 70.89
C THR E 290 -4.34 20.98 70.63
N ASP E 291 -3.20 21.05 71.31
CA ASP E 291 -2.26 22.13 71.11
C ASP E 291 -1.70 22.09 69.69
N GLU E 292 -1.77 23.24 69.00
CA GLU E 292 -1.27 23.31 67.63
C GLU E 292 0.24 23.10 67.57
N SER E 293 0.95 23.27 68.69
CA SER E 293 2.37 22.96 68.72
C SER E 293 2.61 21.48 68.51
N ARG E 294 1.75 20.63 69.09
CA ARG E 294 1.86 19.19 68.89
C ARG E 294 1.51 18.83 67.44
N ASP E 295 2.34 18.01 66.81
CA ASP E 295 2.11 17.63 65.43
C ASP E 295 0.90 16.71 65.33
N ARG E 296 0.09 16.92 64.29
CA ARG E 296 -1.13 16.15 64.11
C ARG E 296 -0.88 14.69 63.74
N LYS E 297 0.38 14.33 63.45
CA LYS E 297 0.69 12.95 63.10
C LYS E 297 0.36 11.98 64.23
N TRP E 298 0.46 12.44 65.48
CA TRP E 298 0.21 11.58 66.64
C TRP E 298 -1.24 11.61 67.10
N LEU E 299 -2.18 11.71 66.15
CA LEU E 299 -3.60 11.65 66.44
C LEU E 299 -4.30 10.90 65.32
N TYR E 300 -5.22 10.01 65.68
CA TYR E 300 -6.08 9.39 64.69
C TYR E 300 -6.88 10.47 63.96
N TYR E 301 -7.30 10.15 62.74
CA TYR E 301 -8.05 11.13 61.97
C TYR E 301 -9.35 11.50 62.66
N ASN E 302 -10.03 10.53 63.26
CA ASN E 302 -11.24 10.82 64.01
C ASN E 302 -10.98 11.68 65.23
N GLN E 303 -9.71 11.83 65.63
CA GLN E 303 -9.32 12.78 66.67
C GLN E 303 -8.99 14.14 66.10
N ASP E 304 -8.30 14.18 64.95
CA ASP E 304 -7.87 15.45 64.38
C ASP E 304 -9.05 16.29 63.95
N VAL E 305 -10.16 15.66 63.56
CA VAL E 305 -11.32 16.41 63.10
C VAL E 305 -12.06 17.04 64.28
N GLN E 306 -12.00 16.43 65.46
CA GLN E 306 -12.69 16.96 66.63
C GLN E 306 -12.01 18.19 67.21
N ARG E 307 -10.74 18.43 66.90
CA ARG E 307 -9.99 19.52 67.53
C ARG E 307 -10.66 20.87 67.32
N THR E 308 -11.30 21.07 66.17
CA THR E 308 -11.93 22.35 65.88
C THR E 308 -13.18 22.59 66.72
N ARG E 309 -13.74 21.55 67.33
CA ARG E 309 -14.95 21.68 68.15
C ARG E 309 -14.63 21.23 69.57
N CYS E 310 -13.88 22.06 70.30
CA CYS E 310 -13.63 21.86 71.73
C CYS E 310 -14.06 23.12 72.47
N LYS E 311 -14.96 22.98 73.43
CA LYS E 311 -15.45 24.10 74.22
C LYS E 311 -14.55 24.29 75.44
N TYR E 312 -13.75 25.35 75.43
CA TYR E 312 -12.83 25.67 76.53
C TYR E 312 -13.30 26.93 77.22
N VAL E 313 -13.61 26.82 78.51
CA VAL E 313 -14.09 27.95 79.30
C VAL E 313 -13.11 28.26 80.43
N VAL F 24 26.88 -8.45 -20.28
CA VAL F 24 28.32 -8.68 -20.41
C VAL F 24 28.92 -8.93 -19.04
N GLU F 25 29.10 -7.86 -18.28
CA GLU F 25 29.62 -7.93 -16.92
C GLU F 25 28.84 -6.97 -16.03
N LEU F 26 28.54 -7.42 -14.81
CA LEU F 26 27.72 -6.64 -13.88
C LEU F 26 28.60 -5.96 -12.84
N PRO F 27 28.20 -4.75 -12.40
CA PRO F 27 28.93 -4.08 -11.30
C PRO F 27 28.51 -4.59 -9.94
N LYS F 28 29.28 -5.53 -9.37
CA LYS F 28 28.98 -6.06 -8.04
C LYS F 28 29.46 -5.09 -6.97
N ARG F 29 28.55 -4.70 -6.08
CA ARG F 29 28.88 -3.79 -5.00
C ARG F 29 28.08 -4.19 -3.77
N ASP F 30 28.78 -4.31 -2.62
CA ASP F 30 28.17 -4.77 -1.39
C ASP F 30 27.61 -3.62 -0.57
N PRO F 31 26.54 -3.86 0.18
CA PRO F 31 25.99 -2.81 1.04
C PRO F 31 26.94 -2.47 2.18
N PRO F 32 26.80 -1.30 2.78
CA PRO F 32 27.71 -0.90 3.87
C PRO F 32 27.54 -1.78 5.09
N PRO F 33 28.56 -1.85 5.96
CA PRO F 33 28.44 -2.67 7.17
C PRO F 33 27.32 -2.15 8.07
N GLY F 34 26.38 -3.04 8.38
CA GLY F 34 25.23 -2.63 9.17
C GLY F 34 25.59 -2.44 10.64
N VAL F 35 25.07 -1.36 11.21
CA VAL F 35 25.26 -1.02 12.62
C VAL F 35 23.92 -1.14 13.32
N PRO F 36 23.81 -1.93 14.39
CA PRO F 36 22.52 -2.08 15.07
C PRO F 36 22.14 -0.83 15.85
N THR F 37 20.89 -0.83 16.32
CA THR F 37 20.35 0.23 17.16
C THR F 37 19.99 -0.34 18.52
N ASP F 38 19.43 0.52 19.38
CA ASP F 38 19.00 0.07 20.69
C ASP F 38 17.89 -0.96 20.59
N GLU F 39 16.95 -0.77 19.66
CA GLU F 39 15.86 -1.73 19.49
C GLU F 39 16.39 -3.08 19.04
N MET F 40 17.37 -3.09 18.14
CA MET F 40 17.88 -4.34 17.58
C MET F 40 18.72 -5.14 18.57
N LEU F 41 19.01 -4.59 19.75
CA LEU F 41 19.78 -5.29 20.77
C LEU F 41 18.94 -5.62 22.00
N LEU F 42 17.62 -5.51 21.91
CA LEU F 42 16.75 -5.81 23.05
C LEU F 42 16.58 -7.31 23.22
N ASN F 43 16.57 -7.75 24.48
CA ASN F 43 16.41 -9.15 24.82
C ASN F 43 15.20 -9.32 25.73
N VAL F 44 14.28 -10.21 25.33
CA VAL F 44 13.06 -10.40 26.11
C VAL F 44 13.36 -11.06 27.45
N ASP F 45 14.43 -11.85 27.52
CA ASP F 45 14.78 -12.54 28.77
C ASP F 45 15.31 -11.60 29.84
N LYS F 46 15.47 -10.31 29.55
CA LYS F 46 15.97 -9.35 30.52
C LYS F 46 15.02 -8.19 30.78
N MET F 47 13.82 -8.20 30.19
CA MET F 47 12.88 -7.09 30.31
C MET F 47 11.71 -7.43 31.22
N HIS F 48 11.93 -8.29 32.21
CA HIS F 48 10.86 -8.67 33.12
C HIS F 48 10.41 -7.53 34.01
N ASP F 49 11.23 -6.49 34.17
CA ASP F 49 10.87 -5.30 34.92
C ASP F 49 10.39 -4.16 34.03
N VAL F 50 10.39 -4.36 32.72
CA VAL F 50 9.86 -3.38 31.77
C VAL F 50 8.49 -3.81 31.25
N ILE F 51 8.33 -5.09 30.94
CA ILE F 51 7.07 -5.58 30.39
C ILE F 51 5.97 -5.55 31.45
N ALA F 52 6.32 -5.77 32.71
CA ALA F 52 5.29 -5.87 33.76
C ALA F 52 4.60 -4.54 34.01
N PRO F 53 5.30 -3.41 34.24
CA PRO F 53 4.57 -2.17 34.54
C PRO F 53 3.87 -1.55 33.34
N ALA F 54 3.83 -2.26 32.22
CA ALA F 54 3.14 -1.75 31.05
C ALA F 54 1.63 -1.75 31.27
N LYS F 55 0.93 -0.92 30.51
CA LYS F 55 -0.51 -0.78 30.61
C LYS F 55 -1.16 -1.10 29.26
N LEU F 56 -2.47 -0.92 29.20
CA LEU F 56 -3.20 -1.16 27.97
C LEU F 56 -2.84 -0.12 26.91
N LEU F 57 -2.85 -0.56 25.65
CA LEU F 57 -2.51 0.30 24.52
C LEU F 57 -1.09 0.85 24.61
N GLU F 58 -0.19 0.11 25.26
CA GLU F 58 1.21 0.47 25.36
C GLU F 58 2.04 -0.63 24.72
N TYR F 59 2.65 -0.33 23.57
CA TYR F 59 3.54 -1.28 22.91
C TYR F 59 4.90 -1.25 23.58
N VAL F 60 5.40 -2.43 23.96
CA VAL F 60 6.73 -2.57 24.54
C VAL F 60 7.57 -3.35 23.52
N HIS F 61 8.37 -2.63 22.75
CA HIS F 61 9.23 -3.26 21.75
C HIS F 61 10.24 -4.15 22.45
N ILE F 62 10.28 -5.44 22.06
CA ILE F 62 11.21 -6.39 22.65
C ILE F 62 12.37 -6.72 21.73
N GLY F 63 12.42 -6.11 20.55
CA GLY F 63 13.52 -6.30 19.64
C GLY F 63 13.34 -7.51 18.74
N PRO F 64 14.42 -7.96 18.12
CA PRO F 64 14.33 -9.14 17.25
C PRO F 64 14.14 -10.41 18.06
N LEU F 65 13.10 -11.17 17.74
CA LEU F 65 12.76 -12.40 18.44
C LEU F 65 12.64 -13.53 17.43
N ALA F 66 13.37 -14.62 17.67
CA ALA F 66 13.31 -15.78 16.81
C ALA F 66 11.94 -16.44 16.88
N LYS F 67 11.64 -17.24 15.86
CA LYS F 67 10.33 -17.91 15.82
C LYS F 67 10.20 -18.93 16.93
N ASP F 68 11.24 -19.75 17.13
CA ASP F 68 11.16 -20.82 18.13
C ASP F 68 10.91 -20.28 19.53
N LYS F 69 11.36 -19.06 19.81
CA LYS F 69 11.15 -18.48 21.13
C LYS F 69 9.75 -17.91 21.32
N GLU F 70 8.99 -17.73 20.24
CA GLU F 70 7.66 -17.14 20.33
C GLU F 70 6.80 -17.88 21.37
N ASP F 71 6.52 -19.16 21.12
CA ASP F 71 5.72 -19.95 22.03
C ASP F 71 6.21 -19.90 23.47
N LYS F 72 7.49 -19.56 23.69
CA LYS F 72 7.96 -19.38 25.05
C LYS F 72 7.47 -18.06 25.64
N VAL F 73 7.79 -16.94 24.97
CA VAL F 73 7.41 -15.65 25.53
C VAL F 73 5.88 -15.52 25.59
N LYS F 74 5.19 -16.09 24.61
CA LYS F 74 3.73 -16.05 24.62
C LYS F 74 3.14 -16.74 25.84
N LYS F 75 3.87 -17.67 26.46
CA LYS F 75 3.40 -18.26 27.71
C LYS F 75 4.04 -17.63 28.94
N ARG F 76 5.08 -16.81 28.77
CA ARG F 76 5.63 -16.08 29.90
C ARG F 76 4.83 -14.82 30.19
N TYR F 77 4.24 -14.21 29.17
CA TYR F 77 3.39 -13.03 29.31
C TYR F 77 2.08 -13.30 28.59
N PRO F 78 1.17 -14.05 29.23
CA PRO F 78 -0.07 -14.44 28.56
C PRO F 78 -1.04 -13.28 28.40
N GLU F 79 -0.99 -12.32 29.33
CA GLU F 79 -1.86 -11.16 29.24
C GLU F 79 -1.54 -10.29 28.03
N PHE F 80 -0.38 -10.49 27.43
CA PHE F 80 0.09 -9.69 26.31
C PHE F 80 -0.09 -10.44 24.99
N ARG F 81 -0.17 -9.67 23.91
CA ARG F 81 -0.23 -10.19 22.56
C ARG F 81 1.10 -9.90 21.87
N LEU F 82 1.70 -10.93 21.28
CA LEU F 82 2.95 -10.76 20.54
C LEU F 82 2.62 -10.19 19.17
N VAL F 83 2.93 -8.92 18.96
CA VAL F 83 2.68 -8.23 17.70
C VAL F 83 4.01 -7.98 17.02
N ASN F 84 4.10 -8.36 15.76
CA ASN F 84 5.29 -8.09 14.96
C ASN F 84 5.22 -6.66 14.42
N THR F 85 6.22 -5.85 14.76
CA THR F 85 6.23 -4.45 14.38
C THR F 85 7.20 -4.14 13.25
N GLY F 86 8.22 -4.96 13.05
CA GLY F 86 9.22 -4.70 12.03
C GLY F 86 9.91 -5.96 11.55
N PRO F 87 10.52 -5.88 10.37
CA PRO F 87 11.15 -7.07 9.77
C PRO F 87 12.29 -7.60 10.61
N GLY F 88 12.71 -8.82 10.28
CA GLY F 88 13.74 -9.48 11.06
C GLY F 88 13.29 -9.96 12.41
N GLY F 89 11.99 -10.08 12.62
CA GLY F 89 11.46 -10.54 13.90
C GLY F 89 11.30 -9.46 14.94
N LEU F 90 11.25 -8.19 14.55
CA LEU F 90 11.10 -7.10 15.50
C LEU F 90 9.67 -7.10 16.02
N SER F 91 9.50 -7.54 17.25
CA SER F 91 8.19 -7.70 17.85
C SER F 91 8.03 -6.76 19.04
N ALA F 92 6.78 -6.61 19.46
CA ALA F 92 6.44 -5.78 20.61
C ALA F 92 5.28 -6.42 21.34
N LEU F 93 5.37 -6.45 22.67
CA LEU F 93 4.31 -6.97 23.50
C LEU F 93 3.29 -5.89 23.81
N LEU F 94 2.01 -6.24 23.67
CA LEU F 94 0.91 -5.31 23.88
C LEU F 94 -0.04 -5.91 24.91
N ARG F 95 -0.24 -5.20 26.03
CA ARG F 95 -1.10 -5.70 27.09
C ARG F 95 -2.55 -5.71 26.64
N GLN F 96 -3.20 -6.87 26.79
CA GLN F 96 -4.58 -7.04 26.38
C GLN F 96 -5.54 -7.20 27.54
N SER F 97 -5.06 -7.53 28.74
CA SER F 97 -5.94 -7.78 29.88
C SER F 97 -5.08 -7.77 31.15
N TYR F 98 -5.75 -7.93 32.29
CA TYR F 98 -5.12 -8.09 33.59
C TYR F 98 -5.64 -9.37 34.22
N ALA F 99 -4.83 -10.42 34.24
CA ALA F 99 -5.27 -11.72 34.76
C ALA F 99 -4.71 -11.93 36.17
N GLY F 100 -5.32 -11.23 37.11
CA GLY F 100 -4.90 -11.30 38.49
C GLY F 100 -6.01 -11.76 39.41
N THR F 101 -5.83 -12.91 40.05
CA THR F 101 -6.86 -13.44 40.93
C THR F 101 -7.06 -12.56 42.14
N ALA F 102 -8.27 -12.62 42.69
CA ALA F 102 -8.60 -11.82 43.88
C ALA F 102 -7.69 -12.10 45.07
N PRO F 103 -7.41 -13.36 45.45
CA PRO F 103 -6.56 -13.57 46.64
C PRO F 103 -5.16 -12.98 46.50
N ASN F 104 -4.64 -12.85 45.29
CA ASN F 104 -3.28 -12.36 45.08
C ASN F 104 -3.24 -10.90 44.66
N CYS F 105 -4.39 -10.24 44.56
CA CYS F 105 -4.44 -8.84 44.16
C CYS F 105 -5.23 -7.94 45.11
N CYS F 106 -6.07 -8.50 45.97
CA CYS F 106 -6.97 -7.72 46.81
C CYS F 106 -6.50 -7.59 48.24
N ARG F 107 -5.80 -8.59 48.77
CA ARG F 107 -5.34 -8.57 50.14
C ARG F 107 -4.04 -7.78 50.32
N THR F 108 -3.65 -7.01 49.31
CA THR F 108 -2.47 -6.17 49.40
C THR F 108 -2.73 -4.88 48.65
N PHE F 109 -1.91 -3.86 48.94
CA PHE F 109 -1.99 -2.57 48.26
C PHE F 109 -0.73 -2.21 47.51
N GLN F 110 0.39 -2.88 47.75
CA GLN F 110 1.64 -2.60 47.08
C GLN F 110 1.89 -3.49 45.87
N ARG F 111 1.51 -4.76 45.94
CA ARG F 111 1.76 -5.69 44.86
C ARG F 111 0.91 -5.35 43.64
N THR F 112 1.55 -5.30 42.47
CA THR F 112 0.86 -5.08 41.21
C THR F 112 1.03 -6.23 40.24
N HIS F 113 1.84 -7.23 40.58
CA HIS F 113 2.05 -8.39 39.72
C HIS F 113 2.66 -9.51 40.55
N TYR F 114 2.55 -10.72 40.03
CA TYR F 114 3.18 -11.88 40.65
C TYR F 114 3.56 -12.87 39.56
N TRP F 115 4.31 -13.90 39.96
CA TRP F 115 4.83 -14.90 39.03
C TRP F 115 4.35 -16.29 39.47
N LYS F 116 3.71 -17.00 38.54
CA LYS F 116 3.25 -18.36 38.77
C LYS F 116 4.28 -19.36 38.26
N LYS F 117 4.57 -20.37 39.08
CA LYS F 117 5.44 -21.46 38.65
C LYS F 117 5.07 -22.70 39.45
N ASP F 118 4.68 -23.76 38.74
CA ASP F 118 4.29 -25.04 39.34
C ASP F 118 3.10 -24.84 40.30
N GLY F 119 2.20 -23.94 39.94
CA GLY F 119 1.09 -23.63 40.81
C GLY F 119 1.47 -22.88 42.08
N LYS F 120 2.63 -22.22 42.08
CA LYS F 120 3.14 -21.49 43.22
C LYS F 120 3.27 -20.01 42.86
N ILE F 121 2.86 -19.14 43.78
CA ILE F 121 2.89 -17.69 43.57
C ILE F 121 4.16 -17.14 44.20
N SER F 122 4.87 -16.29 43.46
CA SER F 122 6.11 -15.70 43.92
C SER F 122 6.14 -14.22 43.56
N ASP F 123 6.97 -13.46 44.28
CA ASP F 123 7.14 -12.04 44.00
C ASP F 123 8.30 -11.77 43.05
N LYS F 124 9.39 -12.51 43.17
CA LYS F 124 10.56 -12.31 42.31
C LYS F 124 10.39 -13.11 41.01
N TYR F 125 11.28 -12.82 40.06
CA TYR F 125 11.18 -13.39 38.73
C TYR F 125 11.88 -14.75 38.65
N GLU F 126 11.35 -15.62 37.79
CA GLU F 126 11.97 -16.89 37.47
C GLU F 126 11.84 -17.13 35.97
N GLU F 127 12.86 -17.76 35.38
CA GLU F 127 12.94 -17.90 33.93
C GLU F 127 11.73 -18.64 33.36
N GLY F 128 11.31 -19.70 34.03
CA GLY F 128 10.14 -20.46 33.61
C GLY F 128 8.83 -20.02 34.23
N ALA F 129 8.81 -18.88 34.92
CA ALA F 129 7.59 -18.40 35.55
C ALA F 129 6.70 -17.71 34.54
N VAL F 130 5.48 -17.40 34.98
CA VAL F 130 4.46 -16.76 34.14
C VAL F 130 3.99 -15.50 34.86
N LEU F 131 4.04 -14.36 34.17
CA LEU F 131 3.64 -13.10 34.78
C LEU F 131 2.13 -12.94 34.79
N GLU F 132 1.59 -12.53 35.94
CA GLU F 132 0.18 -12.18 36.04
C GLU F 132 0.07 -10.94 36.92
N SER F 133 -0.43 -9.85 36.33
CA SER F 133 -0.46 -8.55 37.00
C SER F 133 -1.88 -8.21 37.43
N CYS F 134 -1.98 -7.29 38.38
CA CYS F 134 -3.24 -6.87 38.96
C CYS F 134 -3.74 -5.61 38.26
N TRP F 135 -5.02 -5.34 38.46
CA TRP F 135 -5.60 -4.10 37.93
C TRP F 135 -4.99 -2.90 38.64
N PRO F 136 -4.61 -1.85 37.93
CA PRO F 136 -4.13 -0.63 38.59
C PRO F 136 -5.26 0.00 39.40
N ASP F 137 -5.01 0.16 40.70
CA ASP F 137 -6.02 0.61 41.67
C ASP F 137 -7.23 -0.33 41.63
N VAL F 138 -6.97 -1.61 41.89
CA VAL F 138 -7.99 -2.63 41.77
C VAL F 138 -9.08 -2.48 42.83
N HIS F 139 -8.75 -1.86 43.97
CA HIS F 139 -9.74 -1.73 45.03
C HIS F 139 -10.85 -0.74 44.66
N ASP F 140 -10.49 0.39 44.07
CA ASP F 140 -11.49 1.37 43.67
C ASP F 140 -12.34 0.90 42.51
N THR F 141 -12.03 -0.25 41.90
CA THR F 141 -12.83 -0.82 40.84
C THR F 141 -13.95 -1.72 41.35
N GLY F 142 -13.99 -1.99 42.66
CA GLY F 142 -15.00 -2.83 43.25
C GLY F 142 -14.80 -4.32 43.07
N LYS F 143 -13.83 -4.74 42.25
CA LYS F 143 -13.58 -6.15 42.01
C LYS F 143 -13.09 -6.88 43.26
N CYS F 144 -12.73 -6.16 44.31
CA CYS F 144 -12.22 -6.76 45.53
C CYS F 144 -13.21 -6.78 46.67
N ASP F 145 -14.41 -6.20 46.48
CA ASP F 145 -15.36 -6.11 47.59
C ASP F 145 -15.83 -7.50 48.02
N VAL F 146 -16.15 -8.37 47.06
CA VAL F 146 -16.68 -9.69 47.40
C VAL F 146 -15.62 -10.53 48.11
N ASP F 147 -14.37 -10.47 47.64
CA ASP F 147 -13.31 -11.27 48.25
C ASP F 147 -12.98 -10.78 49.65
N LEU F 148 -12.78 -9.47 49.79
CA LEU F 148 -12.39 -8.91 51.08
C LEU F 148 -13.53 -8.91 52.08
N PHE F 149 -14.79 -9.00 51.60
CA PHE F 149 -15.91 -9.15 52.53
C PHE F 149 -15.80 -10.45 53.33
N ASP F 150 -15.29 -11.51 52.71
CA ASP F 150 -15.11 -12.78 53.38
C ASP F 150 -13.75 -12.91 54.04
N TRP F 151 -12.71 -12.34 53.41
CA TRP F 151 -11.37 -12.47 53.96
C TRP F 151 -11.23 -11.71 55.28
N CYS F 152 -11.87 -10.55 55.37
CA CYS F 152 -11.85 -9.77 56.61
C CYS F 152 -12.84 -10.27 57.64
N GLN F 153 -13.74 -11.18 57.27
CA GLN F 153 -14.73 -11.73 58.18
C GLN F 153 -14.26 -13.13 58.57
N GLY F 154 -13.56 -13.21 59.68
CA GLY F 154 -13.04 -14.47 60.17
C GLY F 154 -11.72 -14.27 60.86
N ASP F 155 -11.03 -15.38 61.11
CA ASP F 155 -9.74 -15.35 61.77
C ASP F 155 -8.61 -14.87 60.86
N THR F 156 -8.89 -14.67 59.57
CA THR F 156 -7.92 -14.11 58.63
C THR F 156 -7.93 -12.59 58.61
N PHE F 157 -8.60 -11.96 59.58
CA PHE F 157 -8.73 -10.51 59.62
C PHE F 157 -7.37 -9.83 59.80
N ASP F 158 -6.91 -9.13 58.77
CA ASP F 158 -5.72 -8.29 58.84
C ASP F 158 -6.18 -6.87 59.12
N ARG F 159 -5.82 -6.34 60.29
CA ARG F 159 -6.32 -5.02 60.69
C ARG F 159 -5.94 -3.95 59.67
N ASN F 160 -4.66 -3.90 59.28
CA ASN F 160 -4.21 -2.88 58.36
C ASN F 160 -4.94 -2.96 57.03
N ILE F 161 -4.90 -4.12 56.38
CA ILE F 161 -5.44 -4.25 55.03
C ILE F 161 -6.94 -4.04 55.06
N CYS F 162 -7.63 -4.56 56.07
CA CYS F 162 -9.08 -4.46 56.10
C CYS F 162 -9.54 -3.04 56.42
N HIS F 163 -8.88 -2.36 57.37
CA HIS F 163 -9.23 -0.98 57.64
C HIS F 163 -8.97 -0.10 56.41
N GLN F 164 -7.86 -0.34 55.71
CA GLN F 164 -7.58 0.43 54.51
C GLN F 164 -8.58 0.12 53.40
N TRP F 165 -9.08 -1.12 53.34
CA TRP F 165 -10.12 -1.45 52.37
C TRP F 165 -11.42 -0.73 52.68
N ILE F 166 -11.78 -0.65 53.97
CA ILE F 166 -12.97 0.11 54.35
C ILE F 166 -12.81 1.57 53.96
N GLY F 167 -11.61 2.13 54.19
CA GLY F 167 -11.34 3.49 53.77
C GLY F 167 -11.50 3.69 52.27
N SER F 168 -10.87 2.81 51.49
CA SER F 168 -10.99 2.91 50.03
C SER F 168 -12.43 2.72 49.58
N ALA F 169 -13.22 1.95 50.33
CA ALA F 169 -14.64 1.83 50.02
C ALA F 169 -15.37 3.14 50.27
N PHE F 170 -15.05 3.81 51.37
CA PHE F 170 -15.68 5.10 51.64
C PHE F 170 -15.19 6.19 50.70
N ASN F 171 -14.07 5.97 50.01
CA ASN F 171 -13.60 6.89 48.97
C ASN F 171 -14.42 6.69 47.69
N ARG F 172 -15.67 7.16 47.75
CA ARG F 172 -16.57 6.97 46.61
C ARG F 172 -16.25 7.90 45.45
N ALA F 173 -15.49 8.97 45.69
CA ALA F 173 -15.25 9.96 44.64
C ALA F 173 -14.38 9.40 43.52
N ASP F 174 -13.36 8.61 43.86
CA ASP F 174 -12.42 8.08 42.87
C ASP F 174 -12.71 6.63 42.52
N ARG F 175 -13.98 6.24 42.45
CA ARG F 175 -14.38 4.89 42.07
C ARG F 175 -15.18 4.95 40.77
N THR F 176 -15.09 3.87 39.99
CA THR F 176 -15.82 3.78 38.73
C THR F 176 -17.29 3.48 39.00
N VAL F 177 -18.08 3.40 37.92
CA VAL F 177 -19.50 3.08 38.08
C VAL F 177 -19.67 1.67 38.64
N GLU F 178 -18.88 0.72 38.15
CA GLU F 178 -18.84 -0.59 38.76
C GLU F 178 -18.48 -0.50 40.22
N GLY F 179 -17.49 0.34 40.56
CA GLY F 179 -17.13 0.55 41.95
C GLY F 179 -18.29 1.07 42.77
N GLN F 180 -19.08 2.00 42.22
CA GLN F 180 -20.17 2.58 42.99
C GLN F 180 -21.32 1.60 43.18
N GLN F 181 -21.65 0.80 42.15
CA GLN F 181 -22.71 -0.17 42.34
C GLN F 181 -22.29 -1.29 43.29
N SER F 182 -21.03 -1.75 43.17
CA SER F 182 -20.53 -2.71 44.14
C SER F 182 -20.45 -2.10 45.53
N LEU F 183 -20.29 -0.79 45.61
CA LEU F 183 -20.29 -0.12 46.91
C LEU F 183 -21.68 -0.08 47.51
N ILE F 184 -22.71 0.12 46.68
CA ILE F 184 -24.08 0.02 47.16
C ILE F 184 -24.36 -1.38 47.70
N ASN F 185 -23.97 -2.40 46.93
CA ASN F 185 -24.14 -3.77 47.37
C ASN F 185 -23.36 -4.04 48.66
N LEU F 186 -22.16 -3.48 48.77
CA LEU F 186 -21.33 -3.70 49.95
C LEU F 186 -21.92 -3.02 51.18
N TYR F 187 -22.48 -1.82 51.00
CA TYR F 187 -23.17 -1.14 52.11
C TYR F 187 -24.33 -1.98 52.61
N ASN F 188 -25.16 -2.48 51.68
CA ASN F 188 -26.28 -3.32 52.10
C ASN F 188 -25.79 -4.58 52.81
N LYS F 189 -24.74 -5.21 52.27
CA LYS F 189 -24.24 -6.45 52.86
C LYS F 189 -23.65 -6.21 54.25
N MET F 190 -22.91 -5.11 54.42
CA MET F 190 -22.36 -4.80 55.74
C MET F 190 -23.46 -4.47 56.73
N GLN F 191 -24.50 -3.78 56.28
CA GLN F 191 -25.62 -3.50 57.18
C GLN F 191 -26.29 -4.79 57.63
N THR F 192 -26.50 -5.73 56.72
CA THR F 192 -27.09 -7.00 57.10
C THR F 192 -26.17 -7.81 57.99
N LEU F 193 -24.85 -7.71 57.79
CA LEU F 193 -23.92 -8.50 58.58
C LEU F 193 -23.80 -7.96 60.00
N CYS F 194 -23.61 -6.65 60.14
CA CYS F 194 -23.35 -6.03 61.44
C CYS F 194 -24.61 -5.85 62.26
N SER F 195 -25.79 -5.97 61.67
CA SER F 195 -27.02 -5.94 62.45
C SER F 195 -27.15 -7.18 63.33
N LYS F 196 -26.45 -8.26 62.99
CA LYS F 196 -26.44 -9.46 63.81
C LYS F 196 -25.40 -9.41 64.90
N ASP F 197 -24.27 -8.74 64.64
CA ASP F 197 -23.23 -8.56 65.65
C ASP F 197 -22.25 -7.49 65.19
N ALA F 198 -21.96 -6.52 66.05
CA ALA F 198 -21.04 -5.44 65.73
C ALA F 198 -19.74 -5.51 66.52
N SER F 199 -19.56 -6.52 67.36
CA SER F 199 -18.32 -6.64 68.12
C SER F 199 -17.17 -7.18 67.30
N VAL F 200 -17.46 -7.80 66.15
CA VAL F 200 -16.42 -8.33 65.26
C VAL F 200 -15.58 -7.17 64.75
N PRO F 201 -14.28 -7.36 64.50
CA PRO F 201 -13.42 -6.21 64.17
C PRO F 201 -13.79 -5.52 62.87
N ILE F 202 -14.27 -6.26 61.88
CA ILE F 202 -14.60 -5.65 60.59
C ILE F 202 -15.79 -4.70 60.74
N CYS F 203 -16.80 -5.11 61.52
CA CYS F 203 -17.95 -4.24 61.75
C CYS F 203 -17.56 -3.03 62.62
N GLU F 204 -16.64 -3.21 63.56
CA GLU F 204 -16.18 -2.07 64.34
C GLU F 204 -15.45 -1.05 63.47
N SER F 205 -14.61 -1.53 62.54
CA SER F 205 -13.95 -0.61 61.63
C SER F 205 -14.95 0.05 60.69
N PHE F 206 -15.98 -0.69 60.27
CA PHE F 206 -17.02 -0.11 59.42
C PHE F 206 -17.75 1.00 60.15
N LEU F 207 -18.04 0.80 61.44
CA LEU F 207 -18.66 1.87 62.23
C LEU F 207 -17.72 3.05 62.40
N HIS F 208 -16.42 2.78 62.61
CA HIS F 208 -15.44 3.86 62.75
C HIS F 208 -15.40 4.71 61.49
N HIS F 209 -15.43 4.09 60.32
CA HIS F 209 -15.37 4.87 59.09
C HIS F 209 -16.71 5.50 58.74
N LEU F 210 -17.82 4.91 59.18
CA LEU F 210 -19.11 5.57 59.08
C LEU F 210 -19.14 6.85 59.91
N ARG F 211 -18.53 6.81 61.10
CA ARG F 211 -18.33 8.00 61.90
C ARG F 211 -17.46 9.02 61.16
N ALA F 212 -16.33 8.56 60.62
CA ALA F 212 -15.45 9.48 59.90
C ALA F 212 -16.15 10.11 58.71
N HIS F 213 -17.12 9.40 58.11
CA HIS F 213 -17.82 9.96 56.96
C HIS F 213 -18.67 11.17 57.35
N ASN F 214 -19.43 11.03 58.45
CA ASN F 214 -20.12 12.16 59.08
C ASN F 214 -21.18 12.77 58.15
N THR F 215 -21.97 11.91 57.51
CA THR F 215 -23.13 12.34 56.74
C THR F 215 -24.40 11.86 57.43
N GLU F 216 -25.54 12.31 56.90
CA GLU F 216 -26.82 11.89 57.45
C GLU F 216 -27.02 10.39 57.27
N ASP F 217 -26.73 9.89 56.06
CA ASP F 217 -26.92 8.46 55.79
C ASP F 217 -26.00 7.60 56.65
N SER F 218 -24.75 8.03 56.84
CA SER F 218 -23.83 7.26 57.67
C SER F 218 -24.25 7.27 59.13
N LYS F 219 -24.75 8.41 59.63
CA LYS F 219 -25.23 8.47 61.00
C LYS F 219 -26.45 7.56 61.18
N GLU F 220 -27.38 7.58 60.24
CA GLU F 220 -28.54 6.70 60.32
C GLU F 220 -28.12 5.23 60.25
N MET F 221 -27.11 4.93 59.43
CA MET F 221 -26.59 3.57 59.36
C MET F 221 -26.04 3.13 60.71
N ILE F 222 -25.24 3.99 61.34
CA ILE F 222 -24.67 3.68 62.65
C ILE F 222 -25.79 3.42 63.66
N ASP F 223 -26.79 4.31 63.69
CA ASP F 223 -27.87 4.18 64.67
C ASP F 223 -28.66 2.90 64.43
N TYR F 224 -28.91 2.55 63.16
CA TYR F 224 -29.63 1.32 62.86
C TYR F 224 -28.84 0.11 63.31
N ILE F 225 -27.55 0.06 62.95
CA ILE F 225 -26.71 -1.08 63.32
C ILE F 225 -26.66 -1.24 64.83
N LEU F 226 -26.61 -0.13 65.56
CA LEU F 226 -26.50 -0.23 67.01
C LEU F 226 -27.84 -0.61 67.66
N ARG F 227 -28.95 -0.09 67.14
CA ARG F 227 -30.24 -0.45 67.71
C ARG F 227 -30.60 -1.90 67.43
N GLN F 228 -30.18 -2.43 66.28
CA GLN F 228 -30.49 -3.82 65.96
C GLN F 228 -29.71 -4.82 66.81
N GLN F 229 -28.81 -4.36 67.68
CA GLN F 229 -27.95 -5.28 68.40
C GLN F 229 -28.72 -6.04 69.48
N SER F 230 -28.11 -7.12 69.96
CA SER F 230 -28.73 -7.98 70.94
C SER F 230 -28.70 -7.31 72.33
N ALA F 231 -29.33 -7.99 73.30
CA ALA F 231 -29.47 -7.41 74.63
C ALA F 231 -28.15 -7.43 75.39
N ASP F 232 -27.47 -8.58 75.41
CA ASP F 232 -26.19 -8.67 76.10
C ASP F 232 -25.14 -7.78 75.43
N PHE F 233 -25.22 -7.61 74.11
CA PHE F 233 -24.32 -6.69 73.43
C PHE F 233 -24.48 -5.28 73.97
N LYS F 234 -25.73 -4.82 74.10
CA LYS F 234 -25.98 -3.49 74.63
C LYS F 234 -25.60 -3.39 76.10
N GLN F 235 -25.74 -4.48 76.85
CA GLN F 235 -25.33 -4.45 78.25
C GLN F 235 -23.81 -4.39 78.39
N LYS F 236 -23.08 -4.94 77.42
CA LYS F 236 -21.62 -4.96 77.52
C LYS F 236 -21.02 -3.66 76.99
N TYR F 237 -21.46 -3.20 75.82
CA TYR F 237 -20.81 -2.11 75.13
C TYR F 237 -21.57 -0.79 75.12
N MET F 238 -22.91 -0.84 75.17
CA MET F 238 -23.74 0.33 74.92
C MET F 238 -24.39 0.89 76.19
N ARG F 239 -23.67 0.84 77.30
CA ARG F 239 -24.21 1.38 78.55
C ARG F 239 -24.23 2.89 78.59
N CYS F 240 -23.51 3.57 77.69
CA CYS F 240 -23.55 5.03 77.66
C CYS F 240 -24.81 5.55 76.97
N SER F 241 -25.33 4.80 75.98
CA SER F 241 -26.55 5.23 75.31
C SER F 241 -27.79 4.76 76.05
N TYR F 242 -27.69 3.64 76.78
CA TYR F 242 -28.80 3.07 77.54
C TYR F 242 -28.44 3.11 79.02
N PRO F 243 -28.65 4.24 79.69
CA PRO F 243 -28.32 4.33 81.12
C PRO F 243 -29.43 3.76 81.99
N THR F 244 -29.05 3.46 83.23
CA THR F 244 -30.01 3.00 84.22
C THR F 244 -30.89 4.17 84.67
N ARG F 245 -31.95 3.85 85.40
CA ARG F 245 -32.86 4.89 85.87
C ARG F 245 -32.17 5.81 86.87
N ASP F 246 -31.35 5.24 87.76
CA ASP F 246 -30.61 6.07 88.72
C ASP F 246 -29.66 7.02 88.02
N LYS F 247 -28.98 6.54 86.97
CA LYS F 247 -28.03 7.38 86.25
C LYS F 247 -28.72 8.58 85.61
N LEU F 248 -29.89 8.36 84.99
CA LEU F 248 -30.59 9.46 84.35
C LEU F 248 -31.18 10.41 85.38
N GLU F 249 -31.76 9.86 86.46
CA GLU F 249 -32.28 10.72 87.51
C GLU F 249 -31.18 11.58 88.12
N GLU F 250 -29.96 11.04 88.21
CA GLU F 250 -28.85 11.83 88.73
C GLU F 250 -28.37 12.86 87.71
N SER F 251 -28.31 12.48 86.43
CA SER F 251 -27.85 13.41 85.41
C SER F 251 -28.81 14.59 85.26
N LEU F 252 -30.08 14.39 85.61
CA LEU F 252 -31.03 15.50 85.55
C LEU F 252 -30.67 16.63 86.50
N LYS F 253 -29.84 16.36 87.50
CA LYS F 253 -29.46 17.36 88.50
C LYS F 253 -28.20 18.13 88.13
N TYR F 254 -27.79 18.08 86.86
CA TYR F 254 -26.61 18.82 86.40
C TYR F 254 -26.91 19.46 85.07
N ALA F 255 -26.32 20.65 84.85
CA ALA F 255 -26.58 21.38 83.62
C ALA F 255 -25.85 20.77 82.44
N GLU F 256 -24.75 20.06 82.68
CA GLU F 256 -23.99 19.43 81.62
C GLU F 256 -24.71 18.17 81.12
N PRO F 257 -24.46 17.78 79.87
CA PRO F 257 -24.99 16.51 79.38
C PRO F 257 -24.45 15.34 80.20
N ARG F 258 -25.22 14.25 80.21
CA ARG F 258 -24.84 13.09 80.99
C ARG F 258 -23.53 12.48 80.50
N GLU F 259 -23.31 12.49 79.17
CA GLU F 259 -22.15 11.82 78.60
C GLU F 259 -20.84 12.37 79.12
N CYS F 260 -20.80 13.61 79.60
CA CYS F 260 -19.55 14.20 80.06
C CYS F 260 -19.03 13.48 81.31
N TRP F 261 -19.80 13.52 82.39
CA TRP F 261 -19.35 13.00 83.67
C TRP F 261 -19.67 11.52 83.88
N ASP F 262 -20.52 10.92 83.04
CA ASP F 262 -20.92 9.54 83.24
C ASP F 262 -19.71 8.63 83.10
N PRO F 263 -19.38 7.83 84.12
CA PRO F 263 -18.28 6.86 83.96
C PRO F 263 -18.51 5.87 82.85
N GLU F 264 -19.77 5.52 82.58
CA GLU F 264 -20.07 4.63 81.47
C GLU F 264 -19.68 5.24 80.13
N CYS F 265 -19.75 6.56 80.02
CA CYS F 265 -19.25 7.25 78.85
C CYS F 265 -17.79 7.69 78.98
N SER F 266 -17.24 7.66 80.20
CA SER F 266 -15.85 8.08 80.38
C SER F 266 -14.91 7.07 79.75
N ASN F 267 -15.15 5.77 79.97
CA ASN F 267 -14.34 4.70 79.39
C ASN F 267 -15.28 3.74 78.66
N ALA F 268 -15.49 4.01 77.37
CA ALA F 268 -16.30 3.16 76.51
C ALA F 268 -15.78 3.28 75.09
N ASN F 269 -15.99 2.22 74.32
CA ASN F 269 -15.56 2.22 72.92
C ASN F 269 -16.41 3.21 72.13
N VAL F 270 -15.76 4.22 71.52
CA VAL F 270 -16.50 5.28 70.87
C VAL F 270 -17.23 4.80 69.62
N ASN F 271 -16.79 3.69 69.03
CA ASN F 271 -17.47 3.16 67.85
C ASN F 271 -18.82 2.54 68.18
N PHE F 272 -19.10 2.27 69.45
CA PHE F 272 -20.35 1.67 69.87
C PHE F 272 -21.30 2.66 70.52
N LEU F 273 -21.03 3.95 70.38
CA LEU F 273 -21.95 4.97 70.87
C LEU F 273 -22.94 5.35 69.77
N LEU F 274 -24.15 5.71 70.18
CA LEU F 274 -25.10 6.27 69.24
C LEU F 274 -24.63 7.65 68.80
N THR F 275 -25.07 8.06 67.61
CA THR F 275 -24.65 9.35 67.09
C THR F 275 -25.08 10.49 68.01
N ARG F 276 -26.23 10.35 68.68
CA ARG F 276 -26.67 11.39 69.62
C ARG F 276 -25.68 11.52 70.77
N ASN F 277 -25.31 10.41 71.39
CA ASN F 277 -24.35 10.44 72.49
C ASN F 277 -22.97 10.86 72.00
N TYR F 278 -22.59 10.44 70.78
CA TYR F 278 -21.30 10.81 70.24
C TYR F 278 -21.20 12.32 70.00
N ASN F 279 -22.29 12.93 69.56
CA ASN F 279 -22.29 14.38 69.36
C ASN F 279 -22.42 15.14 70.68
N ASN F 280 -23.20 14.59 71.62
CA ASN F 280 -23.30 15.21 72.94
C ASN F 280 -21.97 15.19 73.68
N LEU F 281 -21.16 14.16 73.43
CA LEU F 281 -19.85 14.06 74.08
C LEU F 281 -18.92 15.20 73.68
N GLY F 282 -19.17 15.84 72.54
CA GLY F 282 -18.36 16.97 72.11
C GLY F 282 -18.84 18.30 72.63
N LEU F 283 -20.11 18.34 73.03
CA LEU F 283 -20.71 19.57 73.54
C LEU F 283 -20.31 19.89 74.97
N CYS F 284 -19.50 19.04 75.61
CA CYS F 284 -19.09 19.30 76.98
C CYS F 284 -18.16 20.51 77.04
N ASN F 285 -18.38 21.37 78.03
CA ASN F 285 -17.51 22.51 78.27
C ASN F 285 -16.33 22.07 79.15
N ILE F 286 -15.12 22.36 78.69
CA ILE F 286 -13.90 21.98 79.39
C ILE F 286 -13.37 23.20 80.13
N VAL F 287 -13.36 23.13 81.46
CA VAL F 287 -12.90 24.27 82.26
C VAL F 287 -11.42 24.50 82.02
N ARG F 288 -11.06 25.74 81.72
CA ARG F 288 -9.68 26.08 81.38
C ARG F 288 -9.30 27.44 81.95
N GLU G 3 -15.55 25.63 90.90
CA GLU G 3 -14.25 25.89 90.32
C GLU G 3 -13.14 25.15 91.07
N VAL G 4 -12.14 24.69 90.32
CA VAL G 4 -10.98 24.00 90.88
C VAL G 4 -9.83 24.99 91.01
N GLN G 5 -9.12 24.92 92.13
CA GLN G 5 -7.99 25.81 92.40
C GLN G 5 -6.76 24.98 92.75
N LEU G 6 -5.64 25.31 92.12
CA LEU G 6 -4.37 24.62 92.34
C LEU G 6 -3.36 25.59 92.94
N VAL G 7 -2.74 25.19 94.05
CA VAL G 7 -1.77 26.02 94.76
C VAL G 7 -0.45 25.26 94.80
N GLU G 8 0.61 25.89 94.32
CA GLU G 8 1.94 25.34 94.37
C GLU G 8 2.74 25.98 95.50
N SER G 9 3.70 25.23 96.03
CA SER G 9 4.57 25.74 97.08
C SER G 9 5.85 24.91 97.09
N GLY G 10 6.86 25.43 97.77
CA GLY G 10 8.12 24.75 97.93
C GLY G 10 9.24 25.24 97.03
N GLY G 11 8.94 26.07 96.04
CA GLY G 11 9.97 26.54 95.15
C GLY G 11 10.89 27.54 95.84
N GLY G 12 12.17 27.48 95.50
CA GLY G 12 13.14 28.38 96.10
C GLY G 12 14.49 28.23 95.43
N LEU G 13 15.35 29.19 95.73
CA LEU G 13 16.71 29.20 95.17
C LEU G 13 17.55 28.11 95.84
N VAL G 14 18.41 27.48 95.04
CA VAL G 14 19.29 26.43 95.53
C VAL G 14 20.52 26.38 94.63
N GLN G 15 21.64 25.95 95.21
CA GLN G 15 22.89 25.87 94.47
C GLN G 15 22.83 24.77 93.41
N ALA G 16 23.76 24.82 92.47
CA ALA G 16 23.82 23.87 91.36
C ALA G 16 24.28 22.51 91.90
N GLY G 17 23.33 21.61 92.13
CA GLY G 17 23.65 20.28 92.61
C GLY G 17 22.91 19.88 93.87
N GLY G 18 21.94 20.70 94.26
CA GLY G 18 21.18 20.46 95.48
C GLY G 18 19.88 19.71 95.22
N SER G 19 18.94 19.88 96.14
CA SER G 19 17.65 19.23 96.06
C SER G 19 16.55 20.21 96.45
N LEU G 20 15.32 19.88 96.07
CA LEU G 20 14.19 20.76 96.34
C LEU G 20 12.90 19.96 96.19
N ARG G 21 11.95 20.20 97.08
CA ARG G 21 10.65 19.54 97.02
C ARG G 21 9.54 20.55 96.73
N LEU G 22 8.66 20.19 95.80
CA LEU G 22 7.53 21.01 95.43
C LEU G 22 6.22 20.30 95.80
N SER G 23 5.21 21.07 96.16
CA SER G 23 3.91 20.54 96.52
C SER G 23 2.83 21.26 95.73
N CYS G 24 1.82 20.52 95.29
CA CYS G 24 0.68 21.06 94.56
C CYS G 24 -0.59 20.54 95.22
N VAL G 25 -1.44 21.46 95.66
CA VAL G 25 -2.66 21.13 96.40
C VAL G 25 -3.86 21.57 95.57
N ALA G 26 -4.86 20.69 95.47
CA ALA G 26 -6.09 20.95 94.74
C ALA G 26 -7.23 21.17 95.73
N SER G 27 -8.04 22.20 95.47
CA SER G 27 -9.16 22.53 96.35
C SER G 27 -10.28 23.12 95.51
N GLY G 28 -11.39 23.43 96.17
CA GLY G 28 -12.55 23.98 95.51
C GLY G 28 -13.59 22.93 95.18
N SER G 29 -14.43 23.27 94.21
CA SER G 29 -15.45 22.34 93.73
C SER G 29 -14.80 21.23 92.93
N ILE G 30 -14.50 20.11 93.58
CA ILE G 30 -13.80 19.00 92.97
C ILE G 30 -14.57 17.72 93.27
N PHE G 31 -14.84 16.92 92.23
CA PHE G 31 -15.44 15.61 92.39
C PHE G 31 -14.53 14.47 91.91
N MET G 32 -13.67 14.72 90.94
CA MET G 32 -12.79 13.71 90.40
C MET G 32 -11.44 14.34 90.11
N ILE G 33 -10.36 13.66 90.49
CA ILE G 33 -9.01 14.08 90.16
C ILE G 33 -8.38 12.94 89.37
N ASP G 34 -8.40 13.07 88.04
CA ASP G 34 -7.99 11.99 87.15
C ASP G 34 -6.47 11.84 87.15
N ASP G 35 -5.76 12.81 86.60
CA ASP G 35 -4.30 12.79 86.54
C ASP G 35 -3.74 14.11 87.06
N MET G 36 -2.54 14.05 87.61
CA MET G 36 -1.84 15.23 88.10
C MET G 36 -0.38 15.17 87.64
N GLY G 37 0.04 16.15 86.84
CA GLY G 37 1.39 16.18 86.32
C GLY G 37 2.07 17.51 86.60
N TRP G 38 3.37 17.54 86.34
CA TRP G 38 4.19 18.72 86.52
C TRP G 38 4.73 19.19 85.17
N TYR G 39 4.55 20.47 84.87
CA TYR G 39 5.10 21.10 83.67
C TYR G 39 6.08 22.18 84.08
N ARG G 40 6.91 22.58 83.12
CA ARG G 40 8.02 23.48 83.39
C ARG G 40 8.21 24.43 82.22
N ARG G 41 8.38 25.72 82.52
CA ARG G 41 8.59 26.74 81.48
C ARG G 41 9.76 27.64 81.88
N ALA G 42 10.77 27.73 81.00
CA ALA G 42 11.96 28.56 81.13
C ALA G 42 11.77 29.88 80.40
N PRO G 43 12.43 30.96 80.86
CA PRO G 43 12.31 32.25 80.16
C PRO G 43 12.83 32.16 78.74
N GLY G 44 11.94 32.38 77.78
CA GLY G 44 12.29 32.30 76.38
C GLY G 44 12.13 30.94 75.75
N ASN G 45 11.75 29.92 76.53
CA ASN G 45 11.54 28.57 76.01
C ASN G 45 10.09 28.16 76.24
N GLU G 46 9.64 27.20 75.44
CA GLU G 46 8.26 26.73 75.52
C GLU G 46 8.10 25.85 76.76
N ARG G 47 6.93 25.21 76.87
CA ARG G 47 6.66 24.32 77.99
C ARG G 47 7.31 22.96 77.76
N GLU G 48 7.60 22.27 78.85
CA GLU G 48 8.18 20.94 78.80
C GLU G 48 7.57 20.08 79.90
N TRP G 49 7.15 18.87 79.55
CA TRP G 49 6.57 17.96 80.53
C TRP G 49 7.65 17.35 81.40
N VAL G 50 7.34 17.18 82.69
CA VAL G 50 8.30 16.67 83.65
C VAL G 50 7.90 15.28 84.10
N ALA G 51 6.80 15.18 84.85
CA ALA G 51 6.34 13.90 85.39
C ALA G 51 4.82 13.93 85.47
N THR G 52 4.24 12.75 85.75
CA THR G 52 2.79 12.63 85.90
C THR G 52 2.48 11.47 86.82
N THR G 53 1.46 11.66 87.67
CA THR G 53 0.93 10.61 88.53
C THR G 53 -0.55 10.40 88.22
N HIS G 54 -0.95 9.14 88.16
CA HIS G 54 -2.31 8.75 87.87
C HIS G 54 -3.05 8.42 89.16
N SER G 55 -4.34 8.11 89.03
CA SER G 55 -5.13 7.62 90.15
C SER G 55 -4.65 6.22 90.51
N GLY G 56 -4.03 6.08 91.67
CA GLY G 56 -3.49 4.82 92.12
C GLY G 56 -2.00 4.84 92.41
N GLY G 57 -1.32 5.97 92.23
CA GLY G 57 0.10 6.07 92.53
C GLY G 57 1.03 5.78 91.38
N SER G 58 0.50 5.46 90.20
CA SER G 58 1.35 5.21 89.04
C SER G 58 2.17 6.45 88.69
N THR G 59 3.42 6.24 88.31
CA THR G 59 4.33 7.33 88.01
C THR G 59 4.89 7.18 86.61
N VAL G 60 4.89 8.27 85.85
CA VAL G 60 5.47 8.32 84.51
C VAL G 60 6.37 9.54 84.44
N TYR G 61 7.66 9.31 84.21
CA TYR G 61 8.66 10.37 84.19
C TYR G 61 9.10 10.67 82.76
N ALA G 62 9.72 11.83 82.60
CA ALA G 62 10.33 12.22 81.34
C ALA G 62 11.81 11.86 81.34
N ASP G 63 12.37 11.66 80.15
CA ASP G 63 13.77 11.27 80.05
C ASP G 63 14.72 12.35 80.55
N SER G 64 14.28 13.61 80.56
CA SER G 64 15.14 14.70 80.99
C SER G 64 15.47 14.59 82.47
N VAL G 65 14.54 14.10 83.28
CA VAL G 65 14.75 14.06 84.73
C VAL G 65 14.54 12.63 85.23
N LYS G 66 14.74 11.65 84.35
CA LYS G 66 14.62 10.26 84.75
C LYS G 66 15.73 9.92 85.75
N GLY G 67 15.33 9.28 86.86
CA GLY G 67 16.28 8.89 87.88
C GLY G 67 16.73 10.01 88.80
N ARG G 68 16.38 11.26 88.50
CA ARG G 68 16.74 12.39 89.34
C ARG G 68 15.55 12.99 90.10
N PHE G 69 14.36 12.99 89.51
CA PHE G 69 13.17 13.48 90.15
C PHE G 69 12.24 12.33 90.51
N THR G 70 11.32 12.59 91.43
CA THR G 70 10.36 11.58 91.87
C THR G 70 9.03 12.24 92.17
N ILE G 71 7.95 11.68 91.62
CA ILE G 71 6.61 12.21 91.87
C ILE G 71 5.87 11.26 92.79
N SER G 72 5.03 11.84 93.66
CA SER G 72 4.24 11.06 94.61
C SER G 72 2.88 11.73 94.75
N ARG G 73 1.92 10.96 95.26
CA ARG G 73 0.53 11.39 95.35
C ARG G 73 -0.05 11.03 96.71
N ASP G 74 -0.89 11.92 97.24
CA ASP G 74 -1.61 11.68 98.49
C ASP G 74 -3.06 12.07 98.23
N ASN G 75 -3.91 11.06 98.03
CA ASN G 75 -5.32 11.32 97.77
C ASN G 75 -6.05 11.77 99.04
N ALA G 76 -5.59 11.31 100.20
CA ALA G 76 -6.20 11.75 101.45
C ALA G 76 -6.03 13.25 101.65
N LYS G 77 -4.98 13.83 101.07
CA LYS G 77 -4.72 15.27 101.16
C LYS G 77 -4.90 15.98 99.84
N ASN G 78 -5.25 15.27 98.77
CA ASN G 78 -5.38 15.86 97.44
C ASN G 78 -4.15 16.67 97.07
N THR G 79 -2.97 16.06 97.31
CA THR G 79 -1.70 16.77 97.16
C THR G 79 -0.72 15.90 96.39
N VAL G 80 -0.08 16.49 95.38
CA VAL G 80 0.96 15.81 94.62
C VAL G 80 2.31 16.45 94.94
N TYR G 81 3.28 15.63 95.30
CA TYR G 81 4.63 16.08 95.65
C TYR G 81 5.61 15.72 94.55
N LEU G 82 6.63 16.57 94.40
CA LEU G 82 7.70 16.35 93.42
C LEU G 82 9.04 16.62 94.10
N GLN G 83 9.80 15.56 94.37
CA GLN G 83 11.15 15.67 94.90
C GLN G 83 12.14 15.79 93.73
N MET G 84 13.12 16.67 93.90
CA MET G 84 14.07 16.99 92.83
C MET G 84 15.48 16.87 93.40
N ASN G 85 16.20 15.83 93.01
CA ASN G 85 17.55 15.57 93.47
C ASN G 85 18.54 15.71 92.32
N SER G 86 19.79 16.01 92.67
CA SER G 86 20.87 16.21 91.70
C SER G 86 20.48 17.29 90.68
N LEU G 87 20.21 18.47 91.19
CA LEU G 87 19.77 19.58 90.36
C LEU G 87 20.94 20.14 89.55
N LYS G 88 20.61 21.01 88.60
CA LYS G 88 21.58 21.53 87.64
C LYS G 88 21.08 22.89 87.15
N PRO G 89 21.97 23.72 86.61
CA PRO G 89 21.54 25.08 86.19
C PRO G 89 20.50 25.09 85.09
N GLU G 90 20.42 24.04 84.27
CA GLU G 90 19.43 23.99 83.20
C GLU G 90 18.02 23.67 83.69
N ASP G 91 17.83 23.44 85.00
CA ASP G 91 16.50 23.28 85.57
C ASP G 91 15.86 24.59 85.98
N THR G 92 16.58 25.71 85.89
CA THR G 92 16.06 27.01 86.27
C THR G 92 14.85 27.38 85.42
N ALA G 93 13.66 27.27 86.00
CA ALA G 93 12.42 27.56 85.30
C ALA G 93 11.28 27.56 86.30
N VAL G 94 10.10 27.95 85.83
CA VAL G 94 8.90 27.98 86.67
C VAL G 94 8.17 26.65 86.49
N TYR G 95 7.79 26.04 87.61
CA TYR G 95 7.13 24.74 87.64
C TYR G 95 5.66 24.91 87.97
N TYR G 96 4.80 24.43 87.09
CA TYR G 96 3.36 24.42 87.31
C TYR G 96 2.89 22.97 87.44
N CYS G 97 1.68 22.79 87.96
CA CYS G 97 1.07 21.47 88.03
C CYS G 97 -0.24 21.47 87.24
N ASN G 98 -0.31 20.60 86.24
CA ASN G 98 -1.52 20.37 85.47
C ASN G 98 -2.37 19.31 86.16
N ALA G 99 -3.68 19.49 86.11
CA ALA G 99 -4.58 18.54 86.76
C ALA G 99 -5.87 18.39 85.95
N GLN G 100 -6.30 17.14 85.77
CA GLN G 100 -7.54 16.87 85.04
C GLN G 100 -8.56 16.22 85.97
N GLY G 101 -9.83 16.38 85.62
CA GLY G 101 -10.87 15.69 86.37
C GLY G 101 -12.23 16.33 86.15
N LEU G 102 -13.07 16.23 87.19
CA LEU G 102 -14.43 16.75 87.18
C LEU G 102 -14.61 17.74 88.32
N THR G 103 -15.27 18.86 88.03
CA THR G 103 -15.59 19.82 89.07
C THR G 103 -16.76 19.32 89.91
N GLY G 104 -17.09 20.06 90.97
CA GLY G 104 -18.20 19.67 91.82
C GLY G 104 -19.52 19.60 91.07
N SER G 105 -19.67 20.41 90.02
CA SER G 105 -20.85 20.38 89.17
C SER G 105 -20.74 19.37 88.04
N ARG G 106 -19.87 18.37 88.16
CA ARG G 106 -19.69 17.32 87.15
C ARG G 106 -19.32 17.91 85.79
N GLN G 107 -18.31 18.77 85.79
CA GLN G 107 -17.87 19.45 84.58
C GLN G 107 -16.40 19.12 84.36
N ARG G 108 -16.06 18.77 83.11
CA ARG G 108 -14.69 18.39 82.79
C ARG G 108 -13.75 19.59 82.94
N TYR G 109 -12.69 19.42 83.72
CA TYR G 109 -11.69 20.47 83.90
C TYR G 109 -10.31 19.92 83.59
N ASP G 110 -9.49 20.76 82.96
CA ASP G 110 -8.07 20.49 82.68
C ASP G 110 -7.35 21.79 82.98
N VAL G 111 -6.99 21.98 84.26
CA VAL G 111 -6.53 23.26 84.74
C VAL G 111 -5.03 23.21 85.01
N LEU G 112 -4.44 24.40 85.10
CA LEU G 112 -3.01 24.55 85.30
C LEU G 112 -2.81 25.73 86.26
N GLY G 113 -2.46 25.44 87.51
CA GLY G 113 -2.25 26.49 88.48
C GLY G 113 -0.99 27.30 88.21
N GLN G 114 -0.81 28.35 89.02
CA GLN G 114 0.35 29.22 88.91
C GLN G 114 1.38 28.79 89.95
N GLY G 115 2.53 28.29 89.47
CA GLY G 115 3.53 27.73 90.36
C GLY G 115 4.53 28.76 90.86
N THR G 116 5.48 28.27 91.65
CA THR G 116 6.53 29.11 92.23
C THR G 116 7.78 29.09 91.35
N GLN G 117 8.66 30.05 91.60
CA GLN G 117 9.90 30.16 90.84
C GLN G 117 10.96 29.24 91.42
N VAL G 118 11.64 28.51 90.55
CA VAL G 118 12.72 27.59 90.94
C VAL G 118 13.94 27.94 90.10
N THR G 119 15.03 28.33 90.76
CA THR G 119 16.26 28.68 90.07
C THR G 119 17.44 27.83 90.56
N GLU H 3 -46.84 31.34 89.88
CA GLU H 3 -46.69 32.22 88.73
C GLU H 3 -45.75 31.61 87.69
N VAL H 4 -45.67 30.28 87.66
CA VAL H 4 -44.93 29.54 86.65
C VAL H 4 -45.87 28.52 86.03
N GLN H 5 -46.02 28.57 84.71
CA GLN H 5 -46.98 27.73 84.00
C GLN H 5 -46.24 26.70 83.16
N LEU H 6 -46.39 25.43 83.53
CA LEU H 6 -45.91 24.29 82.76
C LEU H 6 -47.11 23.38 82.50
N GLN H 7 -47.91 23.74 81.51
CA GLN H 7 -49.12 23.00 81.18
C GLN H 7 -48.82 22.00 80.07
N ALA H 8 -48.96 20.71 80.39
CA ALA H 8 -48.79 19.65 79.41
C ALA H 8 -50.10 19.42 78.67
N SER H 9 -49.99 19.15 77.37
CA SER H 9 -51.16 18.91 76.55
C SER H 9 -50.75 18.07 75.35
N GLY H 10 -51.76 17.56 74.64
CA GLY H 10 -51.55 16.75 73.46
C GLY H 10 -51.86 15.27 73.64
N GLY H 11 -52.11 14.83 74.87
CA GLY H 11 -52.38 13.44 75.11
C GLY H 11 -53.73 13.00 74.56
N GLY H 12 -53.97 11.70 74.65
CA GLY H 12 -55.22 11.15 74.14
C GLY H 12 -55.17 9.63 74.10
N LEU H 13 -56.10 9.06 73.35
CA LEU H 13 -56.24 7.62 73.21
C LEU H 13 -55.67 7.20 71.87
N VAL H 14 -54.72 6.27 71.88
CA VAL H 14 -54.10 5.75 70.68
C VAL H 14 -54.09 4.22 70.74
N GLN H 15 -54.05 3.61 69.58
CA GLN H 15 -53.82 2.18 69.47
C GLN H 15 -52.33 1.90 69.37
N PRO H 16 -51.90 0.66 69.61
CA PRO H 16 -50.48 0.35 69.50
C PRO H 16 -49.95 0.67 68.11
N GLY H 17 -48.77 1.30 68.07
CA GLY H 17 -48.12 1.66 66.83
C GLY H 17 -48.33 3.11 66.41
N GLY H 18 -49.31 3.79 67.00
CA GLY H 18 -49.57 5.17 66.66
C GLY H 18 -48.60 6.13 67.30
N SER H 19 -48.69 7.39 66.86
CA SER H 19 -47.83 8.46 67.34
C SER H 19 -48.68 9.54 68.00
N LEU H 20 -48.00 10.44 68.71
CA LEU H 20 -48.69 11.48 69.46
C LEU H 20 -47.67 12.52 69.86
N ARG H 21 -48.00 13.80 69.67
CA ARG H 21 -47.08 14.90 69.98
C ARG H 21 -47.63 15.65 71.19
N LEU H 22 -46.94 15.53 72.31
CA LEU H 22 -47.27 16.29 73.51
C LEU H 22 -46.55 17.63 73.50
N SER H 23 -47.22 18.66 74.01
CA SER H 23 -46.67 20.01 74.06
C SER H 23 -46.60 20.49 75.50
N CYS H 24 -45.65 21.38 75.77
CA CYS H 24 -45.54 22.01 77.08
C CYS H 24 -44.95 23.39 76.86
N ALA H 25 -45.77 24.43 77.03
CA ALA H 25 -45.36 25.81 76.80
C ALA H 25 -45.07 26.48 78.12
N ALA H 26 -43.83 26.91 78.32
CA ALA H 26 -43.41 27.53 79.57
C ALA H 26 -43.77 29.01 79.59
N SER H 27 -44.10 29.50 80.79
CA SER H 27 -44.44 30.91 81.00
C SER H 27 -43.96 31.30 82.40
N GLY H 28 -42.71 31.74 82.48
CA GLY H 28 -42.11 32.08 83.76
C GLY H 28 -40.71 31.52 83.87
N ILE H 29 -40.29 30.79 82.83
CA ILE H 29 -39.00 30.10 82.82
C ILE H 29 -38.47 30.12 81.38
N VAL H 30 -37.22 30.52 81.23
CA VAL H 30 -36.57 30.57 79.92
C VAL H 30 -35.82 29.27 79.68
N PHE H 31 -35.79 28.84 78.41
CA PHE H 31 -35.14 27.59 78.04
C PHE H 31 -33.63 27.70 78.01
N SER H 32 -33.08 28.90 77.78
CA SER H 32 -31.64 29.07 77.76
C SER H 32 -31.00 28.97 79.15
N ASN H 33 -31.79 28.69 80.20
CA ASN H 33 -31.26 28.58 81.55
C ASN H 33 -31.74 27.34 82.29
N ASN H 34 -32.54 26.49 81.65
CA ASN H 34 -33.19 25.39 82.36
C ASN H 34 -33.10 24.10 81.55
N ARG H 35 -32.71 23.03 82.23
CA ARG H 35 -32.87 21.68 81.71
C ARG H 35 -34.34 21.30 81.76
N MET H 36 -34.91 20.92 80.61
CA MET H 36 -36.32 20.59 80.48
C MET H 36 -36.47 19.09 80.31
N SER H 37 -37.30 18.48 81.16
CA SER H 37 -37.49 17.03 81.14
C SER H 37 -38.98 16.71 81.01
N TRP H 38 -39.24 15.60 80.33
CA TRP H 38 -40.56 14.99 80.26
C TRP H 38 -40.56 13.78 81.18
N TYR H 39 -41.46 13.80 82.18
CA TYR H 39 -41.68 12.70 83.10
C TYR H 39 -43.02 12.03 82.78
N ARG H 40 -43.18 10.81 83.27
CA ARG H 40 -44.46 10.13 83.20
C ARG H 40 -44.67 9.32 84.47
N GLN H 41 -45.94 9.10 84.81
CA GLN H 41 -46.29 8.28 85.95
C GLN H 41 -47.47 7.41 85.58
N ALA H 42 -47.39 6.12 85.94
CA ALA H 42 -48.43 5.13 85.71
C ALA H 42 -49.17 4.84 87.01
N PRO H 43 -50.45 4.48 86.93
CA PRO H 43 -51.21 4.17 88.16
C PRO H 43 -50.69 2.89 88.79
N GLY H 44 -50.41 2.97 90.09
CA GLY H 44 -49.85 1.86 90.83
C GLY H 44 -48.35 1.87 90.95
N LYS H 45 -47.66 2.63 90.12
CA LYS H 45 -46.22 2.81 90.18
C LYS H 45 -45.90 4.28 90.43
N GLN H 46 -44.62 4.60 90.44
CA GLN H 46 -44.15 5.96 90.68
C GLN H 46 -43.71 6.61 89.37
N ARG H 47 -43.40 7.91 89.46
CA ARG H 47 -43.00 8.66 88.27
C ARG H 47 -41.61 8.22 87.82
N GLU H 48 -41.30 8.53 86.56
CA GLU H 48 -40.01 8.20 85.97
C GLU H 48 -39.68 9.21 84.88
N VAL H 49 -38.40 9.29 84.55
CA VAL H 49 -37.96 10.20 83.50
C VAL H 49 -38.18 9.55 82.15
N VAL H 50 -38.78 10.29 81.23
CA VAL H 50 -38.96 9.84 79.86
C VAL H 50 -37.92 10.45 78.94
N ALA H 51 -37.73 11.77 79.02
CA ALA H 51 -36.76 12.41 78.14
C ALA H 51 -36.25 13.68 78.82
N THR H 52 -35.16 14.22 78.29
CA THR H 52 -34.62 15.46 78.83
C THR H 52 -33.78 16.16 77.76
N ILE H 53 -33.64 17.47 77.93
CA ILE H 53 -32.82 18.30 77.05
C ILE H 53 -32.24 19.44 77.89
N THR H 54 -30.92 19.62 77.78
CA THR H 54 -30.23 20.59 78.63
C THR H 54 -30.53 22.01 78.17
N SER H 55 -29.87 22.98 78.82
CA SER H 55 -29.94 24.36 78.35
C SER H 55 -29.44 24.47 76.92
N GLY H 56 -28.40 23.70 76.59
CA GLY H 56 -28.08 23.46 75.20
C GLY H 56 -28.90 22.32 74.63
N GLY H 57 -28.96 22.24 73.32
CA GLY H 57 -29.84 21.29 72.65
C GLY H 57 -29.57 19.83 72.91
N ALA H 58 -28.60 19.53 73.78
CA ALA H 58 -28.23 18.14 74.07
C ALA H 58 -29.39 17.40 74.70
N THR H 59 -29.80 16.29 74.08
CA THR H 59 -30.93 15.52 74.54
C THR H 59 -30.49 14.17 75.07
N ASP H 60 -31.40 13.55 75.82
CA ASP H 60 -31.19 12.22 76.37
C ASP H 60 -32.55 11.57 76.61
N TYR H 61 -32.59 10.25 76.50
CA TYR H 61 -33.83 9.51 76.57
C TYR H 61 -33.65 8.29 77.47
N GLN H 62 -34.77 7.82 78.02
CA GLN H 62 -34.78 6.55 78.72
C GLN H 62 -34.63 5.41 77.72
N ASP H 63 -34.07 4.29 78.19
CA ASP H 63 -33.76 3.19 77.28
C ASP H 63 -35.02 2.55 76.70
N SER H 64 -36.13 2.55 77.46
CA SER H 64 -37.34 1.90 76.96
C SER H 64 -37.97 2.70 75.83
N VAL H 65 -37.89 4.03 75.90
CA VAL H 65 -38.44 4.88 74.86
C VAL H 65 -37.37 5.35 73.87
N GLU H 66 -36.14 4.85 74.02
CA GLU H 66 -35.05 5.28 73.15
C GLU H 66 -35.33 4.86 71.71
N GLY H 67 -35.31 5.84 70.81
CA GLY H 67 -35.58 5.61 69.41
C GLY H 67 -37.03 5.82 69.01
N ARG H 68 -37.98 5.57 69.92
CA ARG H 68 -39.38 5.82 69.64
C ARG H 68 -39.82 7.23 69.97
N PHE H 69 -39.22 7.85 71.00
CA PHE H 69 -39.59 9.18 71.44
C PHE H 69 -38.53 10.19 71.02
N THR H 70 -38.96 11.43 70.85
CA THR H 70 -38.09 12.52 70.42
C THR H 70 -38.47 13.79 71.16
N ILE H 71 -37.57 14.31 71.98
CA ILE H 71 -37.83 15.52 72.75
C ILE H 71 -37.30 16.72 71.96
N SER H 72 -38.22 17.59 71.55
CA SER H 72 -37.90 18.74 70.71
C SER H 72 -38.07 20.02 71.53
N ARG H 73 -37.46 21.10 71.03
CA ARG H 73 -37.49 22.38 71.73
C ARG H 73 -37.67 23.50 70.71
N ASP H 74 -38.44 24.52 71.11
CA ASP H 74 -38.66 25.72 70.30
C ASP H 74 -38.35 26.93 71.18
N MET H 75 -37.21 27.56 70.94
CA MET H 75 -36.78 28.68 71.78
C MET H 75 -37.63 29.92 71.55
N ALA H 76 -38.02 30.17 70.30
CA ALA H 76 -38.84 31.34 70.00
C ALA H 76 -40.19 31.24 70.70
N LYS H 77 -40.94 30.18 70.41
CA LYS H 77 -42.22 29.95 71.05
C LYS H 77 -42.08 29.44 72.48
N ASN H 78 -40.87 29.13 72.93
CA ASN H 78 -40.60 28.69 74.30
C ASN H 78 -41.47 27.49 74.65
N THR H 79 -41.38 26.45 73.84
CA THR H 79 -42.23 25.28 74.02
C THR H 79 -41.42 24.00 73.80
N VAL H 80 -41.52 23.07 74.73
CA VAL H 80 -40.88 21.77 74.62
C VAL H 80 -41.91 20.75 74.18
N TYR H 81 -41.58 19.97 73.16
CA TYR H 81 -42.45 18.95 72.60
C TYR H 81 -41.89 17.57 72.90
N LEU H 82 -42.77 16.58 72.86
CA LEU H 82 -42.39 15.17 72.95
C LEU H 82 -43.16 14.40 71.89
N GLN H 83 -42.47 13.99 70.83
CA GLN H 83 -43.04 13.15 69.79
C GLN H 83 -42.92 11.70 70.21
N MET H 84 -44.03 10.96 70.13
CA MET H 84 -44.11 9.59 70.62
C MET H 84 -44.56 8.71 69.47
N ASN H 85 -43.61 8.06 68.81
CA ASN H 85 -43.88 7.18 67.68
C ASN H 85 -43.83 5.74 68.14
N SER H 86 -44.59 4.88 67.44
CA SER H 86 -44.67 3.46 67.75
C SER H 86 -45.01 3.24 69.23
N LEU H 87 -46.15 3.80 69.63
CA LEU H 87 -46.59 3.70 71.01
C LEU H 87 -46.94 2.26 71.37
N LYS H 88 -46.63 1.88 72.60
CA LYS H 88 -46.84 0.55 73.14
C LYS H 88 -47.79 0.63 74.33
N PRO H 89 -48.49 -0.47 74.65
CA PRO H 89 -49.38 -0.45 75.83
C PRO H 89 -48.67 -0.12 77.12
N GLU H 90 -47.36 -0.31 77.20
CA GLU H 90 -46.61 0.05 78.40
C GLU H 90 -46.48 1.55 78.59
N ASP H 91 -46.80 2.35 77.56
CA ASP H 91 -46.65 3.79 77.62
C ASP H 91 -47.87 4.52 78.16
N THR H 92 -48.92 3.79 78.52
CA THR H 92 -50.13 4.41 79.04
C THR H 92 -49.85 4.99 80.42
N ALA H 93 -49.90 6.32 80.52
CA ALA H 93 -49.53 7.01 81.76
C ALA H 93 -49.90 8.48 81.62
N VAL H 94 -49.67 9.22 82.70
CA VAL H 94 -49.83 10.67 82.70
C VAL H 94 -48.44 11.28 82.53
N TYR H 95 -48.26 12.05 81.47
CA TYR H 95 -46.99 12.68 81.15
C TYR H 95 -47.03 14.15 81.54
N PHE H 96 -45.95 14.63 82.15
CA PHE H 96 -45.89 16.02 82.58
C PHE H 96 -44.49 16.58 82.38
N CYS H 97 -44.41 17.90 82.59
CA CYS H 97 -43.23 18.71 82.30
C CYS H 97 -42.44 18.95 83.57
N ASN H 98 -41.13 19.18 83.41
CA ASN H 98 -40.27 19.48 84.54
C ASN H 98 -39.16 20.42 84.10
N ALA H 99 -38.85 21.41 84.93
CA ALA H 99 -37.81 22.39 84.63
C ALA H 99 -36.85 22.48 85.81
N ARG H 100 -35.55 22.38 85.52
CA ARG H 100 -34.52 22.52 86.54
C ARG H 100 -33.53 23.57 86.09
N ARG H 101 -33.38 24.63 86.88
CA ARG H 101 -32.42 25.67 86.56
C ARG H 101 -31.00 25.09 86.50
N ASP H 102 -30.16 25.71 85.67
CA ASP H 102 -28.84 25.15 85.37
C ASP H 102 -27.98 25.02 86.62
N ASN H 103 -27.91 26.09 87.42
CA ASN H 103 -27.11 26.05 88.63
C ASN H 103 -27.79 26.60 89.87
N PHE H 104 -28.96 27.25 89.74
CA PHE H 104 -29.70 27.68 90.91
C PHE H 104 -30.28 26.49 91.68
N ALA H 105 -30.37 25.32 91.05
CA ALA H 105 -30.74 24.06 91.68
C ALA H 105 -32.18 24.07 92.21
N THR H 106 -32.46 24.92 93.19
CA THR H 106 -33.79 24.99 93.79
C THR H 106 -34.72 25.87 92.94
N ALA H 107 -34.83 25.49 91.67
CA ALA H 107 -35.87 26.02 90.78
C ALA H 107 -36.63 24.88 90.10
N ILE H 108 -36.67 23.70 90.72
CA ILE H 108 -37.35 22.53 90.17
C ILE H 108 -38.85 22.78 90.16
N TYR H 109 -39.39 23.08 88.98
CA TYR H 109 -40.83 23.31 88.80
C TYR H 109 -41.45 22.13 88.08
N TRP H 110 -42.59 21.68 88.57
CA TRP H 110 -43.35 20.60 87.96
C TRP H 110 -44.65 21.14 87.38
N GLY H 111 -45.18 20.45 86.39
CA GLY H 111 -46.38 20.92 85.74
C GLY H 111 -47.53 19.93 85.73
N GLN H 112 -48.74 20.42 85.45
CA GLN H 112 -49.90 19.54 85.34
C GLN H 112 -49.75 18.64 84.12
N GLY H 113 -50.21 17.39 84.28
CA GLY H 113 -49.97 16.37 83.27
C GLY H 113 -51.12 16.20 82.30
N THR H 114 -50.85 15.42 81.25
CA THR H 114 -51.84 15.03 80.26
C THR H 114 -51.84 13.52 80.12
N GLN H 115 -53.02 12.95 79.89
CA GLN H 115 -53.19 11.51 79.84
C GLN H 115 -52.84 10.97 78.46
N VAL H 116 -52.13 9.85 78.44
CA VAL H 116 -51.82 9.14 77.18
C VAL H 116 -52.18 7.68 77.41
N THR H 117 -53.20 7.21 76.71
CA THR H 117 -53.67 5.83 76.83
C THR H 117 -53.39 5.08 75.54
N VAL H 118 -52.97 3.82 75.67
CA VAL H 118 -52.75 2.93 74.53
C VAL H 118 -53.62 1.70 74.72
N SER H 119 -54.53 1.47 73.78
CA SER H 119 -55.55 0.43 73.89
C SER H 119 -55.19 -0.74 72.99
N SER H 120 -54.73 -1.84 73.57
CA SER H 120 -54.41 -3.03 72.80
C SER H 120 -55.67 -3.77 72.36
#